data_5H42
#
_entry.id   5H42
#
_cell.length_a   86.469
_cell.length_b   94.778
_cell.length_c   156.851
_cell.angle_alpha   90.00
_cell.angle_beta   93.96
_cell.angle_gamma   90.00
#
_symmetry.space_group_name_H-M   'P 1 21 1'
#
loop_
_entity.id
_entity.type
_entity.pdbx_description
1 polymer 'Uncharacterized protein'
2 non-polymer 1-O-phosphono-alpha-D-glucopyranose
3 non-polymer alpha-D-glucopyranose
4 water water
#
_entity_poly.entity_id   1
_entity_poly.type   'polypeptide(L)'
_entity_poly.pdbx_seq_one_letter_code
;MGILKTLSAPIILENSNSTFTFLPGGDNFEWIHESIMINAFQGNTLDGSTNNLYLRIYKDNSLAFYPLIGMNSKSTIKSG
TSTLIFEGTAEDISYTVTFRLTPYGIWFWDISLSGNCNKADIIYSQDIGVGTKGSVNSNELYLAQYLGHSIFQGDYGYVI
CSRQNMAQGDLFPYLQQGSLGIRSIAYSTDGTQFFGLSYKKTNIPEALYGDLPSKNKQYELAHTALQTEAFSLSGTKQFS
FYGICKTNHPEVIREIEYIQELEKAYAYHESGEILPVNVPTLQNIGAPYASSRWDAKQVEHYFPKRLLEEKEEEALLSFF
TPEKSHVVLQDKELTTERPHGHILMTNFDVTKVPQGVVSSTNYMYGAFNCQFVVGNTTYNKLLSNHRGLLNIQKDSGQRI
FIKIGDCYRQLTLPAAYEMNVAGSTWYYQLDEDVLIITSFAMYNRPEIVLKVQSLGHKKYDFIVTHQLTVGPNEYENEIK
LTREGNILQLSPTDPVVTNHFYPELSFRMRIPEDCTLSDDSIFFHNNTTINPSLLSIEILQKSSFDIVMQGFDTGNVIPF
LDQYDYKEQLEAYRIYYDQLVCNFKLSAPDKIPLSAEKLNAIIHWYAHDALIHFASPHGLEQSGGAAWGTRDVCQGPIEF
FLTTGHFDLVRHILITLYSHQIEGGFEWPQWFMFDHYPIHQEDCHGDVVFWPLKAISDYIQATGDTSILNELVDYRTAKD
ALPTNQPETILIHIKRAVTTIKNRYLSGTALISYAGGDWDDTLQPANSELKENLVSAWTQALAEQTLELLCSAIKGIDHD
FSKELSHMANDIRTSFYQYLIKDGVIAGFLYRESEEHMKYMLHPDDTESSIHYRLLPLTRSIIAQLADFKLATRNLEIID
EHLACPDGVRLMDHPASYSGGISKIFLRAEQAANVGREISLQYVHAHIRYIEALATMGLSKKAWDALMRINPILLTDYVP
NALTRQSNVYFSSSEGCFDDRYEYAKNFDKLRTGDINVKGGWRLYSSGPGIYIRRIIADLLGIRFGHNVIHIDPVVTKEL
DGVTLQFTCFGKTVFFTYHVDDTMDKHICVKSNNNILPGDNLNNIYRDGGIQIAKDVFLSAAMSDNNFHIYVKNLEHHHH
HH
;
_entity_poly.pdbx_strand_id   A,B
#
loop_
_chem_comp.id
_chem_comp.type
_chem_comp.name
_chem_comp.formula
G1P D-saccharide 1-O-phosphono-alpha-D-glucopyranose 'C6 H13 O9 P'
GLC D-saccharide, alpha linking alpha-D-glucopyranose 'C6 H12 O6'
#
# COMPACT_ATOMS: atom_id res chain seq x y z
N GLY A 2 -31.81 -27.70 -39.75
CA GLY A 2 -30.74 -26.73 -40.03
C GLY A 2 -29.52 -27.16 -39.24
N ILE A 3 -28.38 -27.12 -39.91
CA ILE A 3 -27.08 -27.50 -39.32
C ILE A 3 -26.27 -26.25 -39.00
N LEU A 4 -25.84 -26.09 -37.75
CA LEU A 4 -24.89 -25.03 -37.40
C LEU A 4 -23.50 -25.61 -37.41
N LYS A 5 -22.68 -25.02 -38.26
CA LYS A 5 -21.26 -25.31 -38.35
C LYS A 5 -20.52 -24.82 -37.13
N THR A 6 -19.26 -25.21 -37.05
CA THR A 6 -18.38 -24.77 -35.98
C THR A 6 -17.53 -23.59 -36.43
N LEU A 7 -17.29 -22.67 -35.52
CA LEU A 7 -16.25 -21.68 -35.69
C LEU A 7 -14.88 -22.34 -35.87
N SER A 8 -14.19 -22.00 -36.94
CA SER A 8 -12.78 -22.31 -37.07
C SER A 8 -12.06 -20.97 -37.24
N ALA A 9 -10.97 -20.79 -36.52
CA ALA A 9 -10.21 -19.58 -36.61
C ALA A 9 -9.62 -19.50 -38.05
N PRO A 10 -10.00 -18.48 -38.87
CA PRO A 10 -9.55 -18.46 -40.25
C PRO A 10 -8.10 -17.98 -40.48
N ILE A 11 -7.46 -17.36 -39.51
CA ILE A 11 -6.05 -16.95 -39.64
C ILE A 11 -5.19 -17.95 -38.89
N ILE A 12 -4.37 -18.68 -39.65
CA ILE A 12 -3.67 -19.85 -39.13
C ILE A 12 -2.16 -19.71 -39.40
N LEU A 13 -1.40 -19.30 -38.40
CA LEU A 13 0.07 -19.15 -38.51
C LEU A 13 0.76 -20.40 -38.01
N GLU A 14 1.77 -20.84 -38.75
CA GLU A 14 2.42 -22.10 -38.49
C GLU A 14 3.89 -22.01 -38.67
N ASN A 15 4.61 -22.63 -37.76
CA ASN A 15 6.05 -22.72 -37.88
C ASN A 15 6.48 -23.83 -36.98
N SER A 16 7.62 -24.42 -37.26
CA SER A 16 8.13 -25.55 -36.51
C SER A 16 7.59 -25.70 -35.05
N ASN A 17 6.76 -26.72 -34.86
CA ASN A 17 6.14 -27.03 -33.56
C ASN A 17 5.15 -25.99 -33.01
N SER A 18 4.73 -25.04 -33.82
CA SER A 18 3.82 -23.99 -33.31
C SER A 18 2.69 -23.80 -34.30
N THR A 19 1.47 -23.72 -33.77
CA THR A 19 0.30 -23.25 -34.51
C THR A 19 -0.37 -22.16 -33.70
N PHE A 20 -0.37 -20.95 -34.22
CA PHE A 20 -1.01 -19.79 -33.57
C PHE A 20 -2.14 -19.35 -34.49
N THR A 21 -3.36 -19.41 -33.98
CA THR A 21 -4.54 -19.08 -34.75
C THR A 21 -5.19 -17.82 -34.21
N PHE A 22 -5.86 -17.09 -35.09
CA PHE A 22 -6.46 -15.83 -34.79
C PHE A 22 -7.86 -15.77 -35.46
N LEU A 23 -8.75 -15.01 -34.85
CA LEU A 23 -9.99 -14.60 -35.48
C LEU A 23 -9.69 -13.53 -36.52
N PRO A 24 -10.63 -13.26 -37.47
CA PRO A 24 -10.24 -12.42 -38.65
C PRO A 24 -9.91 -10.95 -38.33
N GLY A 25 -10.36 -10.47 -37.17
CA GLY A 25 -9.90 -9.17 -36.65
C GLY A 25 -8.50 -9.18 -36.07
N GLY A 26 -7.82 -10.33 -36.11
CA GLY A 26 -6.42 -10.44 -35.60
C GLY A 26 -6.34 -10.67 -34.09
N ASP A 27 -7.44 -11.10 -33.54
CA ASP A 27 -7.58 -11.37 -32.13
C ASP A 27 -7.12 -12.79 -31.93
N ASN A 28 -6.42 -13.02 -30.81
CA ASN A 28 -5.90 -14.33 -30.50
C ASN A 28 -7.04 -15.31 -30.35
N PHE A 29 -6.85 -16.49 -30.93
CA PHE A 29 -7.74 -17.58 -30.66
C PHE A 29 -7.03 -18.67 -29.82
N GLU A 30 -6.18 -19.48 -30.44
CA GLU A 30 -5.37 -20.49 -29.77
C GLU A 30 -3.91 -20.38 -30.22
N TRP A 31 -3.03 -20.18 -29.25
CA TRP A 31 -1.58 -20.12 -29.51
C TRP A 31 -1.03 -21.37 -28.88
N ILE A 32 -0.60 -22.30 -29.72
CA ILE A 32 -0.18 -23.62 -29.27
C ILE A 32 1.28 -23.76 -29.72
N HIS A 33 2.13 -24.05 -28.76
CA HIS A 33 3.50 -24.49 -28.99
C HIS A 33 3.69 -25.89 -28.43
N GLU A 34 4.00 -26.80 -29.35
CA GLU A 34 4.04 -28.24 -29.10
C GLU A 34 2.65 -28.65 -28.61
N SER A 35 2.46 -28.87 -27.33
CA SER A 35 1.07 -29.15 -26.89
C SER A 35 0.62 -28.26 -25.72
N ILE A 36 1.23 -27.09 -25.66
CA ILE A 36 1.03 -26.11 -24.59
C ILE A 36 0.28 -24.93 -25.13
N MET A 37 -0.85 -24.61 -24.53
CA MET A 37 -1.56 -23.40 -24.87
C MET A 37 -0.97 -22.23 -24.08
N ILE A 38 -0.53 -21.22 -24.81
CA ILE A 38 0.18 -20.09 -24.25
C ILE A 38 -0.76 -19.00 -23.72
N ASN A 39 -1.79 -18.65 -24.49
CA ASN A 39 -2.81 -17.69 -24.01
C ASN A 39 -3.78 -18.41 -23.07
N ALA A 40 -4.44 -17.62 -22.24
CA ALA A 40 -5.40 -18.12 -21.24
C ALA A 40 -6.83 -18.20 -21.77
N PHE A 41 -7.22 -17.20 -22.55
CA PHE A 41 -8.58 -17.15 -23.10
C PHE A 41 -8.56 -17.07 -24.61
N GLN A 42 -9.47 -17.82 -25.21
CA GLN A 42 -9.75 -17.78 -26.60
C GLN A 42 -10.53 -16.50 -26.86
N GLY A 43 -10.16 -15.76 -27.91
CA GLY A 43 -10.93 -14.64 -28.38
C GLY A 43 -12.31 -15.10 -28.83
N ASN A 44 -13.24 -14.14 -28.86
CA ASN A 44 -14.55 -14.37 -29.48
C ASN A 44 -14.81 -13.27 -30.53
N THR A 45 -15.79 -13.50 -31.39
CA THR A 45 -16.00 -12.70 -32.59
C THR A 45 -16.62 -11.33 -32.32
N LEU A 46 -17.19 -11.14 -31.16
CA LEU A 46 -17.72 -9.80 -30.74
C LEU A 46 -16.84 -8.94 -29.87
N ASP A 47 -16.10 -9.52 -28.95
CA ASP A 47 -15.28 -8.75 -28.03
C ASP A 47 -13.82 -8.70 -28.46
N GLY A 48 -13.42 -9.69 -29.24
CA GLY A 48 -12.03 -9.91 -29.54
C GLY A 48 -11.41 -10.74 -28.44
N SER A 49 -10.16 -10.42 -28.15
CA SER A 49 -9.36 -11.21 -27.24
C SER A 49 -8.88 -10.31 -26.12
N THR A 50 -8.39 -10.95 -25.04
CA THR A 50 -7.94 -10.27 -23.84
C THR A 50 -6.60 -9.53 -23.95
N ASN A 51 -5.75 -10.00 -24.86
CA ASN A 51 -4.41 -9.42 -25.05
C ASN A 51 -4.54 -8.17 -25.91
N ASN A 52 -3.53 -7.30 -25.86
CA ASN A 52 -3.47 -6.16 -26.78
C ASN A 52 -2.13 -5.46 -26.70
N LEU A 53 -1.95 -4.49 -27.57
CA LEU A 53 -0.82 -3.55 -27.52
C LEU A 53 -1.44 -2.15 -27.57
N TYR A 54 -1.12 -1.33 -26.58
CA TYR A 54 -1.79 -0.01 -26.46
C TYR A 54 -0.81 1.14 -26.69
N LEU A 55 -1.12 2.00 -27.66
CA LEU A 55 -0.36 3.22 -27.84
C LEU A 55 -1.01 4.28 -26.99
N ARG A 56 -0.23 4.93 -26.16
CA ARG A 56 -0.77 6.05 -25.39
C ARG A 56 -0.09 7.36 -25.72
N ILE A 57 -0.89 8.41 -25.71
CA ILE A 57 -0.43 9.71 -26.11
C ILE A 57 -0.77 10.66 -25.00
N TYR A 58 0.24 11.36 -24.54
CA TYR A 58 0.12 12.27 -23.40
C TYR A 58 0.09 13.67 -23.89
N LYS A 59 -0.86 14.45 -23.41
CA LYS A 59 -0.89 15.88 -23.70
C LYS A 59 -1.09 16.66 -22.40
N ASP A 60 -1.02 17.97 -22.49
CA ASP A 60 -1.13 18.85 -21.31
C ASP A 60 -2.45 18.69 -20.57
N ASN A 61 -3.53 18.40 -21.30
CA ASN A 61 -4.85 18.20 -20.70
C ASN A 61 -5.54 16.86 -20.98
N SER A 62 -4.78 15.89 -21.45
CA SER A 62 -5.36 14.57 -21.66
C SER A 62 -4.34 13.46 -21.78
N LEU A 63 -4.85 12.26 -21.62
CA LEU A 63 -4.17 11.06 -21.97
C LEU A 63 -5.10 10.25 -22.84
N ALA A 64 -4.57 9.76 -23.94
CA ALA A 64 -5.32 8.94 -24.87
C ALA A 64 -4.64 7.60 -24.97
N PHE A 65 -5.42 6.56 -25.27
CA PHE A 65 -4.87 5.21 -25.40
C PHE A 65 -5.60 4.56 -26.55
N TYR A 66 -4.86 3.82 -27.39
CA TYR A 66 -5.42 3.20 -28.60
C TYR A 66 -4.94 1.76 -28.76
N PRO A 67 -5.88 0.80 -28.83
CA PRO A 67 -5.42 -0.56 -29.05
C PRO A 67 -4.94 -0.69 -30.45
N LEU A 68 -3.82 -1.35 -30.66
CA LEU A 68 -3.21 -1.48 -31.99
C LEU A 68 -3.54 -2.74 -32.74
N ILE A 69 -3.94 -3.79 -32.03
CA ILE A 69 -4.29 -5.08 -32.67
C ILE A 69 -5.72 -5.51 -32.31
N GLY A 70 -6.19 -6.52 -33.00
CA GLY A 70 -7.52 -7.04 -32.75
C GLY A 70 -8.62 -6.21 -33.38
N MET A 71 -9.82 -6.75 -33.33
CA MET A 71 -10.94 -6.11 -33.98
C MET A 71 -11.32 -4.77 -33.36
N ASN A 72 -10.96 -4.50 -32.12
CA ASN A 72 -11.17 -3.14 -31.57
C ASN A 72 -10.17 -2.07 -32.04
N SER A 73 -9.13 -2.45 -32.78
CA SER A 73 -8.11 -1.49 -33.23
C SER A 73 -8.48 -0.70 -34.50
N LYS A 74 -9.32 -1.25 -35.34
CA LYS A 74 -9.44 -0.73 -36.72
C LYS A 74 -8.08 -0.69 -37.52
N SER A 75 -7.29 -1.74 -37.36
CA SER A 75 -6.11 -1.97 -38.17
C SER A 75 -6.52 -2.79 -39.38
N THR A 76 -5.88 -2.55 -40.52
CA THR A 76 -6.01 -3.50 -41.63
C THR A 76 -4.98 -4.55 -41.41
N ILE A 77 -5.17 -5.67 -42.06
CA ILE A 77 -4.34 -6.82 -41.82
C ILE A 77 -3.84 -7.45 -43.12
N LYS A 78 -2.54 -7.76 -43.12
CA LYS A 78 -1.92 -8.67 -44.07
C LYS A 78 -1.37 -9.88 -43.35
N SER A 79 -1.51 -11.06 -43.96
CA SER A 79 -0.92 -12.27 -43.42
C SER A 79 -0.07 -13.09 -44.40
N GLY A 80 0.90 -13.80 -43.84
CA GLY A 80 1.65 -14.86 -44.55
C GLY A 80 1.44 -16.18 -43.82
N THR A 81 2.35 -17.12 -44.03
CA THR A 81 2.25 -18.42 -43.39
C THR A 81 2.57 -18.33 -41.87
N SER A 82 3.42 -17.38 -41.50
CA SER A 82 3.85 -17.20 -40.11
C SER A 82 4.00 -15.73 -39.67
N THR A 83 3.29 -14.83 -40.35
CA THR A 83 3.45 -13.39 -40.12
C THR A 83 2.09 -12.71 -40.27
N LEU A 84 1.83 -11.73 -39.42
CA LEU A 84 0.78 -10.80 -39.57
C LEU A 84 1.35 -9.38 -39.56
N ILE A 85 0.80 -8.54 -40.42
CA ILE A 85 1.10 -7.13 -40.40
C ILE A 85 -0.19 -6.36 -40.17
N PHE A 86 -0.23 -5.69 -39.02
CA PHE A 86 -1.32 -4.77 -38.67
C PHE A 86 -0.91 -3.35 -39.01
N GLU A 87 -1.76 -2.61 -39.74
CA GLU A 87 -1.49 -1.20 -40.07
C GLU A 87 -2.70 -0.30 -39.74
N GLY A 88 -2.42 0.94 -39.38
CA GLY A 88 -3.47 1.90 -39.07
C GLY A 88 -2.83 3.18 -38.59
N THR A 89 -3.64 4.11 -38.16
CA THR A 89 -3.14 5.37 -37.64
C THR A 89 -3.86 5.67 -36.33
N ALA A 90 -3.20 6.38 -35.45
CA ALA A 90 -3.81 6.80 -34.21
C ALA A 90 -3.47 8.25 -34.08
N GLU A 91 -4.50 9.09 -34.17
CA GLU A 91 -4.29 10.54 -34.21
C GLU A 91 -3.30 10.88 -35.35
N ASP A 92 -2.15 11.44 -35.02
CA ASP A 92 -1.12 11.83 -35.97
C ASP A 92 0.02 10.80 -36.13
N ILE A 93 -0.16 9.56 -35.66
CA ILE A 93 0.89 8.56 -35.71
C ILE A 93 0.46 7.43 -36.64
N SER A 94 1.27 7.17 -37.65
CA SER A 94 1.13 5.93 -38.44
C SER A 94 1.80 4.78 -37.74
N TYR A 95 1.16 3.63 -37.70
CA TYR A 95 1.78 2.49 -37.05
C TYR A 95 1.69 1.27 -37.92
N THR A 96 2.69 0.45 -37.76
CA THR A 96 2.61 -0.93 -38.20
C THR A 96 3.06 -1.85 -37.04
N VAL A 97 2.26 -2.88 -36.78
CA VAL A 97 2.60 -3.97 -35.87
C VAL A 97 2.77 -5.28 -36.69
N THR A 98 3.96 -5.84 -36.64
CA THR A 98 4.24 -7.11 -37.30
C THR A 98 4.32 -8.19 -36.25
N PHE A 99 3.47 -9.18 -36.40
CA PHE A 99 3.54 -10.38 -35.57
C PHE A 99 4.34 -11.45 -36.32
N ARG A 100 5.40 -11.97 -35.67
CA ARG A 100 6.21 -13.06 -36.19
C ARG A 100 6.14 -14.27 -35.32
N LEU A 101 5.75 -15.40 -35.92
CA LEU A 101 5.88 -16.71 -35.33
C LEU A 101 7.13 -17.38 -35.94
N THR A 102 8.18 -17.51 -35.15
CA THR A 102 9.47 -18.07 -35.61
C THR A 102 9.52 -19.57 -35.40
N PRO A 103 10.58 -20.25 -35.91
CA PRO A 103 10.65 -21.70 -35.62
C PRO A 103 11.05 -22.07 -34.17
N TYR A 104 11.39 -21.10 -33.33
CA TYR A 104 11.99 -21.37 -32.02
C TYR A 104 11.04 -21.41 -30.82
N GLY A 105 9.75 -21.50 -31.04
CA GLY A 105 8.79 -21.29 -29.94
C GLY A 105 8.86 -19.86 -29.41
N ILE A 106 9.24 -18.94 -30.29
CA ILE A 106 9.45 -17.55 -29.96
C ILE A 106 8.61 -16.76 -30.95
N TRP A 107 7.92 -15.75 -30.43
CA TRP A 107 7.17 -14.82 -31.25
C TRP A 107 7.61 -13.40 -30.95
N PHE A 108 7.34 -12.51 -31.92
CA PHE A 108 7.58 -11.10 -31.77
C PHE A 108 6.38 -10.30 -32.23
N TRP A 109 6.11 -9.18 -31.53
CA TRP A 109 5.30 -8.08 -32.03
C TRP A 109 6.29 -6.97 -32.29
N ASP A 110 6.60 -6.73 -33.57
CA ASP A 110 7.51 -5.63 -33.97
C ASP A 110 6.64 -4.41 -34.26
N ILE A 111 6.90 -3.35 -33.51
CA ILE A 111 6.15 -2.13 -33.61
C ILE A 111 6.99 -1.08 -34.33
N SER A 112 6.41 -0.47 -35.37
CA SER A 112 7.02 0.69 -36.02
C SER A 112 6.03 1.85 -35.91
N LEU A 113 6.51 2.98 -35.42
CA LEU A 113 5.70 4.22 -35.30
C LEU A 113 6.36 5.29 -36.16
N SER A 114 5.55 6.00 -36.96
CA SER A 114 5.99 7.14 -37.78
C SER A 114 5.10 8.33 -37.54
N GLY A 115 5.70 9.43 -37.11
CA GLY A 115 4.91 10.61 -36.85
C GLY A 115 5.58 11.64 -36.01
N ASN A 116 4.76 12.59 -35.59
CA ASN A 116 5.13 13.63 -34.64
C ASN A 116 4.24 13.56 -33.42
N CYS A 117 4.87 13.43 -32.27
CA CYS A 117 4.20 13.78 -31.03
C CYS A 117 5.19 13.89 -29.89
N ASN A 118 4.73 14.63 -28.90
CA ASN A 118 5.58 15.06 -27.84
C ASN A 118 5.90 13.95 -26.84
N LYS A 119 4.88 13.19 -26.44
CA LYS A 119 5.03 12.17 -25.43
C LYS A 119 4.08 11.00 -25.68
N ALA A 120 4.67 9.83 -25.87
CA ALA A 120 3.92 8.63 -26.13
C ALA A 120 4.56 7.48 -25.42
N ASP A 121 3.79 6.45 -25.08
CA ASP A 121 4.35 5.16 -24.68
C ASP A 121 3.57 4.00 -25.24
N ILE A 122 4.08 2.80 -25.04
CA ILE A 122 3.37 1.60 -25.38
C ILE A 122 3.20 0.73 -24.14
N ILE A 123 2.03 0.11 -24.06
CA ILE A 123 1.74 -0.92 -23.07
C ILE A 123 1.47 -2.24 -23.77
N TYR A 124 2.30 -3.22 -23.43
CA TYR A 124 2.13 -4.61 -23.85
C TYR A 124 1.24 -5.34 -22.82
N SER A 125 0.26 -6.10 -23.30
CA SER A 125 -0.77 -6.78 -22.50
C SER A 125 -1.05 -8.18 -23.03
N GLN A 126 -0.75 -9.20 -22.24
CA GLN A 126 -0.95 -10.58 -22.65
C GLN A 126 -1.50 -11.47 -21.54
N ASP A 127 -2.65 -12.07 -21.76
CA ASP A 127 -3.18 -13.12 -20.86
C ASP A 127 -2.39 -14.45 -21.13
N ILE A 128 -1.91 -15.11 -20.08
CA ILE A 128 -1.15 -16.35 -20.25
C ILE A 128 -1.74 -17.56 -19.47
N GLY A 129 -1.81 -18.68 -20.14
CA GLY A 129 -2.37 -19.93 -19.59
C GLY A 129 -1.19 -20.82 -19.19
N VAL A 130 -0.47 -21.26 -20.22
CA VAL A 130 0.73 -22.04 -20.06
C VAL A 130 0.41 -23.41 -19.45
N GLY A 131 -0.44 -24.14 -20.16
CA GLY A 131 -0.83 -25.49 -19.79
C GLY A 131 -1.33 -26.21 -21.01
N THR A 132 -1.72 -27.46 -20.86
CA THR A 132 -2.39 -28.10 -21.97
C THR A 132 -3.70 -27.35 -22.29
N LYS A 133 -4.12 -27.47 -23.54
CA LYS A 133 -5.43 -26.96 -23.97
C LYS A 133 -6.50 -27.44 -22.97
N GLY A 134 -6.50 -28.74 -22.65
CA GLY A 134 -7.39 -29.34 -21.65
C GLY A 134 -7.41 -28.60 -20.30
N SER A 135 -6.23 -28.28 -19.77
CA SER A 135 -6.14 -27.61 -18.45
C SER A 135 -6.67 -26.20 -18.48
N VAL A 136 -6.33 -25.47 -19.53
CA VAL A 136 -6.75 -24.08 -19.70
C VAL A 136 -8.26 -23.98 -19.80
N ASN A 137 -8.84 -24.80 -20.68
CA ASN A 137 -10.31 -24.87 -20.86
C ASN A 137 -11.03 -25.32 -19.57
N SER A 138 -10.41 -26.24 -18.85
CA SER A 138 -11.03 -26.87 -17.68
C SER A 138 -11.20 -25.85 -16.56
N ASN A 139 -10.11 -25.14 -16.23
CA ASN A 139 -10.17 -24.09 -15.26
C ASN A 139 -8.97 -23.08 -15.35
N GLU A 140 -9.23 -21.92 -15.93
CA GLU A 140 -8.15 -20.91 -16.13
C GLU A 140 -7.56 -20.42 -14.82
N LEU A 141 -8.43 -20.33 -13.81
CA LEU A 141 -8.10 -19.71 -12.54
C LEU A 141 -7.12 -20.60 -11.78
N TYR A 142 -7.47 -21.87 -11.74
CA TYR A 142 -6.68 -22.90 -11.13
C TYR A 142 -5.34 -23.04 -11.77
N LEU A 143 -5.31 -23.05 -13.10
CA LEU A 143 -4.01 -23.08 -13.83
C LEU A 143 -3.09 -21.92 -13.44
N ALA A 144 -3.66 -20.72 -13.44
CA ALA A 144 -2.98 -19.49 -12.93
C ALA A 144 -2.34 -19.59 -11.53
N GLN A 145 -3.01 -20.28 -10.63
CA GLN A 145 -2.54 -20.47 -9.26
C GLN A 145 -1.16 -21.12 -9.11
N TYR A 146 -0.82 -21.93 -10.11
CA TYR A 146 0.42 -22.72 -10.14
C TYR A 146 1.41 -22.15 -11.12
N LEU A 147 1.09 -21.01 -11.71
CA LEU A 147 2.00 -20.37 -12.68
C LEU A 147 2.81 -19.33 -11.93
N GLY A 148 4.06 -19.66 -11.64
CA GLY A 148 4.94 -18.79 -10.83
C GLY A 148 5.80 -17.88 -11.72
N HIS A 149 5.72 -16.57 -11.42
CA HIS A 149 6.40 -15.55 -12.16
C HIS A 149 7.61 -15.08 -11.37
N SER A 150 8.75 -15.04 -12.06
CA SER A 150 10.02 -14.44 -11.59
C SER A 150 10.36 -13.23 -12.49
N ILE A 151 10.72 -12.11 -11.87
CA ILE A 151 10.98 -10.84 -12.57
C ILE A 151 12.46 -10.49 -12.53
N PHE A 152 13.02 -10.12 -13.68
CA PHE A 152 14.42 -9.72 -13.80
C PHE A 152 14.53 -8.46 -14.59
N GLN A 153 15.66 -7.80 -14.41
CA GLN A 153 16.08 -6.70 -15.27
C GLN A 153 16.93 -7.30 -16.37
N GLY A 154 16.52 -7.18 -17.62
CA GLY A 154 17.34 -7.62 -18.77
C GLY A 154 18.02 -6.41 -19.42
N ASP A 155 18.40 -6.56 -20.67
CA ASP A 155 19.04 -5.46 -21.45
C ASP A 155 18.07 -4.30 -21.64
N TYR A 156 16.77 -4.60 -21.67
CA TYR A 156 15.78 -3.58 -21.93
C TYR A 156 14.68 -3.52 -20.85
N GLY A 157 15.14 -3.49 -19.60
CA GLY A 157 14.28 -3.34 -18.45
C GLY A 157 13.68 -4.68 -18.00
N TYR A 158 12.39 -4.65 -17.69
CA TYR A 158 11.75 -5.78 -17.05
C TYR A 158 11.56 -6.94 -18.04
N VAL A 159 11.87 -8.15 -17.56
CA VAL A 159 11.57 -9.41 -18.26
C VAL A 159 10.89 -10.41 -17.28
N ILE A 160 9.76 -10.92 -17.75
CA ILE A 160 8.87 -11.75 -16.96
C ILE A 160 9.03 -13.19 -17.44
N CYS A 161 9.47 -14.04 -16.52
CA CYS A 161 9.65 -15.45 -16.76
C CYS A 161 8.64 -16.20 -15.91
N SER A 162 8.09 -17.27 -16.45
CA SER A 162 6.98 -17.92 -15.77
C SER A 162 7.15 -19.42 -15.90
N ARG A 163 7.00 -20.13 -14.78
CA ARG A 163 7.09 -21.58 -14.78
C ARG A 163 5.78 -22.14 -14.34
N GLN A 164 5.22 -23.03 -15.14
CA GLN A 164 4.03 -23.74 -14.71
C GLN A 164 4.46 -24.93 -13.80
N ASN A 165 3.99 -24.88 -12.57
CA ASN A 165 4.45 -25.80 -11.50
C ASN A 165 3.57 -27.06 -11.34
N MET A 166 2.39 -27.06 -11.96
CA MET A 166 1.56 -28.25 -11.96
C MET A 166 1.90 -28.96 -13.22
N ALA A 167 2.26 -30.22 -13.15
CA ALA A 167 2.64 -31.00 -14.34
C ALA A 167 1.57 -31.01 -15.46
N GLN A 168 2.02 -30.79 -16.69
CA GLN A 168 1.18 -30.79 -17.88
C GLN A 168 1.70 -31.93 -18.76
N GLY A 169 1.03 -33.06 -18.73
CA GLY A 169 1.47 -34.25 -19.43
C GLY A 169 2.94 -34.52 -19.21
N ASP A 170 3.33 -34.65 -17.93
CA ASP A 170 4.74 -34.86 -17.47
C ASP A 170 5.66 -33.62 -17.41
N LEU A 171 5.31 -32.55 -18.12
CA LEU A 171 6.25 -31.46 -18.37
C LEU A 171 5.90 -30.24 -17.50
N PHE A 172 6.90 -29.41 -17.23
CA PHE A 172 6.71 -28.14 -16.49
C PHE A 172 7.01 -27.00 -17.45
N PRO A 173 5.96 -26.52 -18.15
CA PRO A 173 6.20 -25.53 -19.18
C PRO A 173 6.52 -24.14 -18.65
N TYR A 174 6.94 -23.28 -19.57
CA TYR A 174 7.67 -22.06 -19.24
C TYR A 174 7.40 -21.02 -20.26
N LEU A 175 7.35 -19.76 -19.81
CA LEU A 175 7.26 -18.57 -20.71
C LEU A 175 8.25 -17.52 -20.29
N GLN A 176 8.68 -16.72 -21.26
CA GLN A 176 9.44 -15.51 -21.00
C GLN A 176 8.91 -14.43 -21.89
N GLN A 177 8.77 -13.23 -21.33
CA GLN A 177 8.25 -12.10 -22.08
C GLN A 177 9.00 -10.84 -21.73
N GLY A 178 9.30 -10.05 -22.73
CA GLY A 178 9.99 -8.77 -22.52
C GLY A 178 10.07 -7.90 -23.76
N SER A 179 10.93 -6.91 -23.74
CA SER A 179 11.00 -5.90 -24.80
C SER A 179 12.39 -5.88 -25.41
N LEU A 180 12.45 -5.46 -26.65
CA LEU A 180 13.71 -5.34 -27.40
C LEU A 180 13.75 -4.01 -28.13
N GLY A 181 14.79 -3.22 -27.87
CA GLY A 181 15.02 -1.91 -28.51
C GLY A 181 14.34 -0.78 -27.76
N ILE A 182 13.62 -1.10 -26.70
CA ILE A 182 13.00 -0.10 -25.85
C ILE A 182 12.90 -0.69 -24.44
N ARG A 183 13.11 0.15 -23.44
CA ARG A 183 13.06 -0.29 -22.04
C ARG A 183 11.61 -0.46 -21.51
N SER A 184 11.33 -1.61 -20.92
CA SER A 184 10.09 -1.81 -20.15
C SER A 184 10.33 -1.27 -18.76
N ILE A 185 9.71 -0.15 -18.42
CA ILE A 185 9.99 0.52 -17.11
C ILE A 185 9.02 0.15 -16.00
N ALA A 186 8.01 -0.65 -16.29
CA ALA A 186 7.06 -1.11 -15.29
C ALA A 186 6.36 -2.35 -15.84
N TYR A 187 5.82 -3.15 -14.93
CA TYR A 187 5.23 -4.45 -15.24
C TYR A 187 4.08 -4.78 -14.28
N SER A 188 3.26 -5.70 -14.67
CA SER A 188 2.31 -6.36 -13.75
C SER A 188 2.11 -7.78 -14.25
N THR A 189 1.54 -8.61 -13.38
CA THR A 189 1.43 -10.06 -13.64
C THR A 189 0.04 -10.69 -13.45
N ASP A 190 -0.91 -9.95 -12.88
CA ASP A 190 -2.29 -10.39 -12.82
C ASP A 190 -3.28 -9.44 -13.50
N GLY A 191 -4.29 -10.03 -14.09
CA GLY A 191 -5.39 -9.27 -14.69
C GLY A 191 -6.08 -8.25 -13.77
N THR A 192 -6.19 -8.55 -12.49
CA THR A 192 -6.74 -7.58 -11.51
C THR A 192 -5.92 -6.29 -11.45
N GLN A 193 -4.60 -6.39 -11.67
CA GLN A 193 -3.71 -5.25 -11.72
C GLN A 193 -3.89 -4.50 -13.03
N PHE A 194 -4.13 -5.23 -14.12
CA PHE A 194 -4.23 -4.58 -15.40
C PHE A 194 -5.59 -3.98 -15.67
N PHE A 195 -6.61 -4.81 -15.69
CA PHE A 195 -7.95 -4.34 -15.91
C PHE A 195 -8.56 -3.61 -14.69
N GLY A 196 -8.27 -4.09 -13.48
CA GLY A 196 -8.93 -3.54 -12.26
C GLY A 196 -10.36 -4.00 -12.14
N LEU A 197 -10.91 -3.85 -10.95
CA LEU A 197 -12.32 -4.18 -10.69
C LEU A 197 -13.27 -3.20 -11.37
N SER A 198 -12.83 -1.94 -11.49
CA SER A 198 -13.59 -0.87 -12.12
C SER A 198 -13.97 -1.20 -13.54
N TYR A 199 -13.13 -2.00 -14.23
CA TYR A 199 -13.46 -2.57 -15.56
C TYR A 199 -14.86 -3.13 -15.64
N LYS A 200 -15.28 -3.82 -14.62
CA LYS A 200 -16.61 -4.43 -14.60
C LYS A 200 -17.75 -3.39 -14.83
N LYS A 201 -17.50 -2.13 -14.52
CA LYS A 201 -18.41 -1.03 -14.91
C LYS A 201 -17.98 -0.27 -16.17
N THR A 202 -16.74 0.18 -16.22
CA THR A 202 -16.27 1.13 -17.25
C THR A 202 -15.96 0.48 -18.60
N ASN A 203 -15.67 -0.83 -18.57
CA ASN A 203 -15.14 -1.58 -19.74
C ASN A 203 -13.77 -1.06 -20.25
N ILE A 204 -13.06 -0.34 -19.41
CA ILE A 204 -11.78 0.21 -19.76
C ILE A 204 -10.76 -0.33 -18.76
N PRO A 205 -9.67 -0.94 -19.27
CA PRO A 205 -8.60 -1.36 -18.35
C PRO A 205 -8.04 -0.19 -17.57
N GLU A 206 -8.08 -0.35 -16.26
CA GLU A 206 -7.74 0.68 -15.32
C GLU A 206 -6.27 1.13 -15.41
N ALA A 207 -5.38 0.21 -15.75
CA ALA A 207 -3.93 0.51 -15.87
C ALA A 207 -3.60 1.50 -16.98
N LEU A 208 -4.47 1.56 -17.99
CA LEU A 208 -4.28 2.46 -19.11
C LEU A 208 -4.26 3.95 -18.75
N TYR A 209 -4.77 4.32 -17.57
CA TYR A 209 -4.71 5.70 -17.10
C TYR A 209 -3.48 6.01 -16.25
N GLY A 210 -2.65 5.02 -15.92
CA GLY A 210 -1.52 5.21 -15.00
C GLY A 210 -0.31 4.37 -15.32
N ASP A 211 0.59 4.24 -14.35
CA ASP A 211 1.79 3.47 -14.51
C ASP A 211 1.44 2.07 -14.04
N LEU A 212 2.06 1.03 -14.63
CA LEU A 212 1.86 -0.31 -14.06
C LEU A 212 2.45 -0.33 -12.64
N PRO A 213 1.95 -1.18 -11.73
CA PRO A 213 2.44 -1.14 -10.38
C PRO A 213 3.83 -1.72 -10.11
N SER A 214 4.32 -2.58 -11.00
CA SER A 214 5.61 -3.25 -10.82
C SER A 214 5.66 -4.10 -9.56
N LYS A 215 4.65 -4.96 -9.42
CA LYS A 215 4.52 -5.94 -8.36
C LYS A 215 4.00 -7.23 -8.98
N ASN A 216 4.53 -8.34 -8.53
CA ASN A 216 4.08 -9.61 -9.03
C ASN A 216 2.93 -10.01 -8.18
N LYS A 217 1.71 -9.90 -8.70
CA LYS A 217 0.57 -10.44 -7.94
C LYS A 217 0.24 -11.86 -8.44
N GLN A 218 0.49 -12.85 -7.60
CA GLN A 218 0.17 -14.27 -7.90
C GLN A 218 -1.26 -14.53 -7.58
N TYR A 219 -2.14 -14.38 -8.60
CA TYR A 219 -3.59 -14.58 -8.36
C TYR A 219 -4.08 -15.48 -9.48
N GLU A 220 -5.29 -15.26 -9.98
CA GLU A 220 -5.99 -16.20 -10.83
C GLU A 220 -6.15 -15.76 -12.28
N LEU A 221 -5.71 -14.54 -12.59
CA LEU A 221 -5.73 -14.02 -13.95
C LEU A 221 -4.28 -13.79 -14.40
N ALA A 222 -3.59 -14.88 -14.74
CA ALA A 222 -2.21 -14.76 -15.18
C ALA A 222 -2.21 -13.83 -16.37
N HIS A 223 -1.64 -12.64 -16.20
CA HIS A 223 -1.71 -11.64 -17.20
C HIS A 223 -0.54 -10.72 -17.18
N THR A 224 0.34 -10.81 -18.19
CA THR A 224 1.61 -10.04 -18.18
C THR A 224 1.39 -8.71 -18.82
N ALA A 225 1.78 -7.65 -18.13
CA ALA A 225 1.76 -6.34 -18.79
C ALA A 225 3.13 -5.70 -18.63
N LEU A 226 3.55 -4.97 -19.67
CA LEU A 226 4.81 -4.22 -19.68
C LEU A 226 4.59 -2.85 -20.25
N GLN A 227 5.15 -1.87 -19.57
CA GLN A 227 5.02 -0.49 -19.98
C GLN A 227 6.39 0.03 -20.45
N THR A 228 6.44 0.61 -21.65
CA THR A 228 7.69 1.20 -22.16
C THR A 228 7.96 2.51 -21.47
N GLU A 229 9.24 2.87 -21.47
CA GLU A 229 9.65 4.25 -21.27
C GLU A 229 8.89 5.10 -22.22
N ALA A 230 8.62 6.32 -21.79
CA ALA A 230 7.92 7.27 -22.64
C ALA A 230 8.92 7.89 -23.68
N PHE A 231 8.42 8.28 -24.83
CA PHE A 231 9.29 8.81 -25.89
C PHE A 231 8.60 9.88 -26.65
N SER A 232 9.43 10.73 -27.21
CA SER A 232 9.04 11.66 -28.22
C SER A 232 9.13 11.01 -29.59
N LEU A 233 8.30 11.49 -30.53
CA LEU A 233 8.36 11.05 -31.92
C LEU A 233 8.46 12.24 -32.87
N SER A 234 9.44 12.16 -33.73
CA SER A 234 9.49 13.04 -34.89
C SER A 234 10.28 12.31 -35.95
N GLY A 235 9.59 11.41 -36.63
CA GLY A 235 10.25 10.46 -37.52
C GLY A 235 9.68 9.09 -37.22
N THR A 236 10.54 8.10 -37.36
CA THR A 236 10.15 6.72 -37.25
C THR A 236 10.86 6.14 -36.05
N LYS A 237 10.11 5.42 -35.22
CA LYS A 237 10.73 4.68 -34.11
C LYS A 237 10.29 3.21 -34.16
N GLN A 238 11.23 2.31 -33.86
CA GLN A 238 11.03 0.86 -33.96
C GLN A 238 11.57 0.08 -32.76
N PHE A 239 10.77 -0.87 -32.32
CA PHE A 239 11.12 -1.76 -31.17
C PHE A 239 10.16 -2.96 -31.13
N SER A 240 10.50 -3.96 -30.34
CA SER A 240 9.70 -5.15 -30.25
C SER A 240 9.38 -5.61 -28.84
N PHE A 241 8.28 -6.38 -28.74
CA PHE A 241 8.04 -7.28 -27.63
C PHE A 241 8.21 -8.68 -28.16
N TYR A 242 8.57 -9.56 -27.24
CA TYR A 242 8.79 -10.95 -27.57
C TYR A 242 8.21 -11.87 -26.50
N GLY A 243 7.88 -13.10 -26.93
CA GLY A 243 7.59 -14.20 -26.05
C GLY A 243 8.38 -15.45 -26.42
N ILE A 244 8.73 -16.22 -25.39
CA ILE A 244 9.38 -17.50 -25.55
C ILE A 244 8.54 -18.52 -24.77
N CYS A 245 8.31 -19.68 -25.38
CA CYS A 245 7.61 -20.78 -24.74
C CYS A 245 8.49 -22.00 -24.78
N LYS A 246 8.71 -22.61 -23.63
CA LYS A 246 9.36 -23.92 -23.54
C LYS A 246 8.43 -24.87 -22.89
N THR A 247 8.36 -26.08 -23.43
CA THR A 247 7.40 -27.03 -22.93
C THR A 247 7.91 -27.75 -21.74
N ASN A 248 9.22 -27.82 -21.57
CA ASN A 248 9.75 -28.40 -20.34
C ASN A 248 10.94 -27.65 -19.72
N HIS A 249 10.70 -27.16 -18.52
CA HIS A 249 11.69 -26.41 -17.76
C HIS A 249 11.69 -27.02 -16.37
N PRO A 250 12.27 -28.24 -16.21
CA PRO A 250 12.17 -28.92 -14.89
C PRO A 250 12.79 -28.13 -13.73
N GLU A 251 13.75 -27.26 -13.99
CA GLU A 251 14.35 -26.51 -12.87
C GLU A 251 13.52 -25.27 -12.55
N VAL A 252 13.77 -24.69 -11.38
CA VAL A 252 13.14 -23.41 -10.99
C VAL A 252 13.82 -22.28 -11.76
N ILE A 253 13.17 -21.14 -11.82
CA ILE A 253 13.68 -20.06 -12.56
C ILE A 253 14.60 -19.32 -11.62
N ARG A 254 15.82 -19.03 -12.10
CA ARG A 254 16.86 -18.25 -11.39
C ARG A 254 17.40 -17.06 -12.16
N GLU A 255 17.21 -17.03 -13.47
CA GLU A 255 17.81 -15.99 -14.31
C GLU A 255 17.09 -15.96 -15.67
N ILE A 256 17.38 -14.90 -16.42
CA ILE A 256 16.91 -14.80 -17.81
C ILE A 256 17.66 -15.87 -18.61
N GLU A 257 16.92 -16.70 -19.34
CA GLU A 257 17.52 -17.73 -20.14
C GLU A 257 17.23 -17.50 -21.63
N TYR A 258 17.94 -18.26 -22.46
CA TYR A 258 17.72 -18.38 -23.87
C TYR A 258 18.09 -17.13 -24.67
N ILE A 259 19.11 -16.41 -24.22
CA ILE A 259 19.50 -15.14 -24.78
C ILE A 259 20.01 -15.36 -26.20
N GLN A 260 20.81 -16.40 -26.42
CA GLN A 260 21.31 -16.73 -27.77
C GLN A 260 20.20 -17.12 -28.74
N GLU A 261 19.29 -17.95 -28.29
CA GLU A 261 18.16 -18.37 -29.11
C GLU A 261 17.32 -17.17 -29.53
N LEU A 262 17.11 -16.23 -28.60
CA LEU A 262 16.26 -15.06 -28.85
C LEU A 262 16.87 -14.17 -29.91
N GLU A 263 18.17 -14.01 -29.83
CA GLU A 263 18.91 -13.27 -30.85
C GLU A 263 18.77 -13.93 -32.22
N LYS A 264 18.85 -15.25 -32.31
CA LYS A 264 18.60 -15.99 -33.58
C LYS A 264 17.16 -15.83 -34.08
N ALA A 265 16.21 -15.97 -33.19
CA ALA A 265 14.79 -15.83 -33.55
C ALA A 265 14.50 -14.42 -34.00
N TYR A 266 15.19 -13.43 -33.42
CA TYR A 266 14.94 -12.04 -33.80
C TYR A 266 15.33 -11.77 -35.30
N ALA A 267 16.38 -12.41 -35.77
CA ALA A 267 16.75 -12.35 -37.20
C ALA A 267 15.80 -13.10 -38.18
N TYR A 268 14.83 -13.86 -37.67
CA TYR A 268 13.91 -14.64 -38.55
C TYR A 268 12.78 -13.86 -39.27
N HIS A 269 12.70 -14.05 -40.59
CA HIS A 269 11.57 -13.58 -41.39
C HIS A 269 11.18 -14.68 -42.39
N GLU A 270 9.90 -14.81 -42.64
CA GLU A 270 9.45 -15.82 -43.59
C GLU A 270 9.72 -15.35 -45.03
N SER A 271 9.89 -16.29 -45.95
CA SER A 271 10.15 -15.95 -47.38
C SER A 271 8.90 -15.56 -48.27
N GLY A 272 7.77 -16.24 -48.04
CA GLY A 272 6.41 -16.02 -48.63
C GLY A 272 5.81 -14.62 -48.71
N GLU A 273 4.82 -14.44 -49.57
CA GLU A 273 4.16 -13.12 -49.70
C GLU A 273 3.26 -12.91 -48.49
N ILE A 274 3.29 -11.68 -47.96
CA ILE A 274 2.38 -11.25 -46.88
C ILE A 274 1.27 -10.35 -47.47
N LEU A 275 0.06 -10.91 -47.62
CA LEU A 275 -1.00 -10.31 -48.44
C LEU A 275 -2.26 -9.89 -47.66
N PRO A 276 -2.95 -8.82 -48.11
CA PRO A 276 -4.19 -8.34 -47.48
C PRO A 276 -5.24 -9.44 -47.23
N VAL A 277 -5.91 -9.35 -46.09
CA VAL A 277 -7.01 -10.23 -45.78
C VAL A 277 -8.15 -9.32 -45.36
N ASN A 278 -9.38 -9.75 -45.61
CA ASN A 278 -10.55 -8.97 -45.20
C ASN A 278 -10.79 -8.98 -43.71
N VAL A 279 -10.91 -7.79 -43.12
CA VAL A 279 -11.16 -7.60 -41.69
C VAL A 279 -12.63 -7.17 -41.47
N PRO A 280 -13.43 -7.95 -40.74
CA PRO A 280 -14.80 -7.52 -40.45
C PRO A 280 -14.86 -6.38 -39.45
N THR A 281 -15.92 -5.59 -39.55
CA THR A 281 -16.09 -4.43 -38.70
C THR A 281 -17.52 -4.51 -38.17
N LEU A 282 -17.67 -4.18 -36.91
CA LEU A 282 -18.97 -4.16 -36.23
C LEU A 282 -19.78 -3.05 -36.82
N GLN A 283 -21.07 -3.30 -36.91
CA GLN A 283 -21.98 -2.31 -37.41
C GLN A 283 -23.05 -1.97 -36.37
N ASN A 284 -23.14 -0.70 -36.05
CA ASN A 284 -24.05 -0.14 -35.02
C ASN A 284 -24.00 -0.88 -33.68
N ILE A 285 -22.78 -1.29 -33.31
CA ILE A 285 -22.53 -1.86 -32.01
C ILE A 285 -21.64 -0.91 -31.22
N GLY A 286 -22.15 -0.42 -30.10
CA GLY A 286 -21.40 0.52 -29.24
C GLY A 286 -20.64 -0.17 -28.12
N ALA A 287 -20.05 0.65 -27.26
CA ALA A 287 -19.48 0.21 -26.00
C ALA A 287 -20.61 -0.42 -25.16
N PRO A 288 -20.23 -1.28 -24.21
CA PRO A 288 -21.28 -1.86 -23.38
C PRO A 288 -22.00 -0.80 -22.54
N TYR A 289 -23.23 -1.11 -22.13
CA TYR A 289 -24.01 -0.29 -21.22
C TYR A 289 -24.02 -0.87 -19.78
N ALA A 290 -23.45 -0.10 -18.86
CA ALA A 290 -23.54 -0.37 -17.44
C ALA A 290 -24.52 0.66 -16.91
N SER A 291 -25.39 0.22 -16.01
CA SER A 291 -26.32 1.12 -15.37
C SER A 291 -25.62 2.25 -14.59
N SER A 292 -26.29 3.39 -14.51
CA SER A 292 -25.94 4.38 -13.52
C SER A 292 -26.26 3.77 -12.15
N ARG A 293 -25.57 4.26 -11.15
CA ARG A 293 -25.70 3.79 -9.78
C ARG A 293 -27.00 4.31 -9.16
N TRP A 294 -27.72 3.50 -8.40
CA TRP A 294 -28.85 4.05 -7.62
C TRP A 294 -28.40 4.87 -6.40
N ASP A 295 -29.03 6.01 -6.14
CA ASP A 295 -28.76 6.75 -4.86
C ASP A 295 -29.65 6.19 -3.73
N ALA A 296 -29.45 6.68 -2.51
CA ALA A 296 -30.19 6.19 -1.33
C ALA A 296 -31.70 6.17 -1.53
N LYS A 297 -32.25 7.21 -2.16
CA LYS A 297 -33.73 7.32 -2.29
C LYS A 297 -34.27 6.36 -3.29
N GLN A 298 -33.51 6.09 -4.34
CA GLN A 298 -33.89 5.09 -5.32
C GLN A 298 -33.98 3.73 -4.69
N VAL A 299 -32.92 3.38 -3.95
CA VAL A 299 -32.84 2.08 -3.26
C VAL A 299 -34.02 1.92 -2.29
N GLU A 300 -34.23 2.93 -1.45
CA GLU A 300 -35.38 2.98 -0.51
C GLU A 300 -36.72 2.78 -1.26
N HIS A 301 -36.89 3.45 -2.39
CA HIS A 301 -38.09 3.31 -3.24
C HIS A 301 -38.27 1.88 -3.77
N TYR A 302 -37.22 1.27 -4.34
CA TYR A 302 -37.40 -0.07 -4.97
C TYR A 302 -37.35 -1.18 -3.96
N PHE A 303 -36.72 -0.93 -2.82
CA PHE A 303 -36.56 -1.95 -1.77
C PHE A 303 -36.92 -1.38 -0.41
N PRO A 304 -38.24 -1.16 -0.17
CA PRO A 304 -38.61 -0.47 1.08
C PRO A 304 -38.32 -1.30 2.36
N LYS A 305 -38.22 -2.62 2.23
CA LYS A 305 -38.12 -3.56 3.32
C LYS A 305 -36.74 -4.26 3.33
N ARG A 306 -35.89 -3.89 4.28
CA ARG A 306 -34.51 -4.32 4.32
C ARG A 306 -34.09 -4.80 5.70
N LEU A 307 -33.16 -5.76 5.66
CA LEU A 307 -32.58 -6.33 6.88
C LEU A 307 -31.13 -6.53 6.60
N LEU A 308 -30.36 -6.70 7.67
CA LEU A 308 -28.94 -7.06 7.57
C LEU A 308 -28.22 -6.20 6.50
N GLU A 309 -28.37 -4.88 6.64
CA GLU A 309 -27.78 -3.96 5.73
C GLU A 309 -26.29 -3.94 5.93
N GLU A 310 -25.54 -4.10 4.84
CA GLU A 310 -24.10 -3.91 4.82
C GLU A 310 -23.77 -2.52 4.28
N LYS A 311 -23.05 -1.76 5.10
CA LYS A 311 -22.63 -0.41 4.74
C LYS A 311 -21.13 -0.25 4.90
N GLU A 312 -20.50 0.48 3.97
CA GLU A 312 -19.10 0.89 4.14
C GLU A 312 -19.05 2.37 3.88
N GLU A 313 -18.44 3.13 4.80
CA GLU A 313 -18.46 4.61 4.76
C GLU A 313 -19.89 5.17 4.62
N GLU A 314 -20.86 4.53 5.28
CA GLU A 314 -22.31 4.86 5.16
C GLU A 314 -22.95 4.70 3.76
N ALA A 315 -22.29 4.01 2.85
CA ALA A 315 -22.89 3.70 1.55
C ALA A 315 -23.41 2.25 1.60
N LEU A 316 -24.62 2.05 1.15
CA LEU A 316 -25.24 0.75 1.19
C LEU A 316 -24.62 -0.18 0.13
N LEU A 317 -24.04 -1.27 0.57
CA LEU A 317 -23.46 -2.26 -0.35
C LEU A 317 -24.38 -3.42 -0.64
N SER A 318 -25.06 -3.94 0.37
CA SER A 318 -25.95 -5.08 0.18
C SER A 318 -26.90 -5.21 1.36
N PHE A 319 -27.94 -6.01 1.19
CA PHE A 319 -28.91 -6.25 2.24
C PHE A 319 -29.74 -7.49 1.89
N PHE A 320 -30.56 -7.92 2.86
CA PHE A 320 -31.51 -9.01 2.71
C PHE A 320 -32.91 -8.43 2.83
N THR A 321 -33.87 -9.20 2.37
CA THR A 321 -35.24 -8.76 2.46
C THR A 321 -36.05 -9.78 3.27
N PRO A 322 -37.27 -9.38 3.75
CA PRO A 322 -38.14 -10.38 4.43
C PRO A 322 -38.57 -11.52 3.55
N GLU A 323 -38.58 -11.32 2.25
CA GLU A 323 -38.98 -12.38 1.30
C GLU A 323 -37.81 -13.30 0.92
N LYS A 324 -36.74 -13.31 1.73
CA LYS A 324 -35.60 -14.25 1.59
C LYS A 324 -34.73 -14.00 0.35
N SER A 325 -34.68 -12.74 -0.11
CA SER A 325 -33.79 -12.32 -1.17
C SER A 325 -32.53 -11.68 -0.61
N HIS A 326 -31.47 -11.70 -1.42
CA HIS A 326 -30.28 -10.93 -1.14
C HIS A 326 -30.07 -10.00 -2.34
N VAL A 327 -29.84 -8.74 -2.02
CA VAL A 327 -29.73 -7.69 -3.00
C VAL A 327 -28.32 -7.09 -2.90
N VAL A 328 -27.71 -6.86 -4.06
CA VAL A 328 -26.33 -6.38 -4.17
C VAL A 328 -26.42 -5.12 -4.99
N LEU A 329 -25.88 -4.04 -4.43
CA LEU A 329 -25.81 -2.79 -5.13
C LEU A 329 -24.55 -2.75 -5.97
N GLN A 330 -24.62 -1.92 -6.99
CA GLN A 330 -23.52 -1.77 -7.94
C GLN A 330 -22.13 -1.63 -7.27
N ASP A 331 -22.05 -0.70 -6.30
CA ASP A 331 -20.77 -0.36 -5.65
C ASP A 331 -20.10 -1.57 -5.03
N LYS A 332 -20.91 -2.52 -4.51
CA LYS A 332 -20.31 -3.73 -3.94
C LYS A 332 -19.58 -4.61 -4.96
N GLU A 333 -20.16 -4.80 -6.13
CA GLU A 333 -19.54 -5.58 -7.18
C GLU A 333 -18.19 -4.94 -7.59
N LEU A 334 -18.07 -3.65 -7.42
CA LEU A 334 -16.84 -2.95 -7.80
C LEU A 334 -15.82 -2.97 -6.70
N THR A 335 -16.17 -3.58 -5.59
CA THR A 335 -15.22 -3.80 -4.51
C THR A 335 -14.89 -5.29 -4.23
N THR A 336 -15.62 -6.23 -4.84
CA THR A 336 -15.35 -7.64 -4.63
C THR A 336 -14.48 -8.13 -5.79
N GLU A 337 -13.41 -8.81 -5.45
CA GLU A 337 -12.48 -9.33 -6.44
C GLU A 337 -13.05 -10.50 -7.19
N ARG A 338 -13.96 -11.23 -6.54
CA ARG A 338 -14.71 -12.27 -7.21
C ARG A 338 -16.11 -11.73 -7.59
N PRO A 339 -16.63 -12.11 -8.78
CA PRO A 339 -17.88 -11.55 -9.28
C PRO A 339 -19.12 -12.17 -8.66
N HIS A 340 -20.03 -11.33 -8.18
CA HIS A 340 -21.24 -11.83 -7.62
C HIS A 340 -21.98 -12.69 -8.64
N GLY A 341 -22.43 -13.86 -8.17
CA GLY A 341 -23.09 -14.87 -9.00
C GLY A 341 -23.95 -15.85 -8.22
N HIS A 342 -24.63 -16.66 -9.01
CA HIS A 342 -25.69 -17.51 -8.52
C HIS A 342 -25.90 -18.69 -9.44
N ILE A 343 -26.43 -19.76 -8.89
CA ILE A 343 -26.77 -20.96 -9.62
C ILE A 343 -28.23 -21.21 -9.32
N LEU A 344 -29.00 -21.43 -10.38
CA LEU A 344 -30.36 -21.90 -10.35
C LEU A 344 -30.39 -23.42 -10.60
N MET A 345 -31.34 -24.08 -9.95
CA MET A 345 -31.48 -25.52 -10.06
C MET A 345 -32.91 -25.92 -9.85
N THR A 346 -33.37 -26.86 -10.65
CA THR A 346 -34.74 -27.36 -10.58
C THR A 346 -34.93 -28.25 -9.34
N ASN A 347 -36.14 -28.17 -8.79
CA ASN A 347 -36.55 -29.04 -7.65
C ASN A 347 -36.58 -30.48 -8.12
N PHE A 348 -36.36 -31.40 -7.19
CA PHE A 348 -36.49 -32.84 -7.49
C PHE A 348 -37.16 -33.52 -6.33
N ASP A 349 -37.50 -34.77 -6.59
CA ASP A 349 -38.03 -35.69 -5.60
C ASP A 349 -36.94 -35.99 -4.54
N VAL A 350 -37.21 -35.56 -3.33
CA VAL A 350 -36.23 -35.56 -2.24
C VAL A 350 -36.08 -36.88 -1.48
N THR A 351 -36.63 -37.96 -2.02
CA THR A 351 -36.47 -39.28 -1.48
C THR A 351 -35.57 -40.17 -2.32
N LYS A 352 -35.09 -39.67 -3.46
CA LYS A 352 -34.25 -40.47 -4.43
C LYS A 352 -33.15 -39.61 -5.02
N VAL A 353 -32.05 -40.26 -5.41
CA VAL A 353 -30.97 -39.62 -6.19
C VAL A 353 -31.55 -39.09 -7.49
N PRO A 354 -31.60 -37.77 -7.65
CA PRO A 354 -32.20 -37.22 -8.86
C PRO A 354 -31.32 -37.33 -10.14
N GLN A 355 -32.01 -37.37 -11.27
CA GLN A 355 -31.39 -37.44 -12.60
C GLN A 355 -32.05 -36.35 -13.39
N GLY A 356 -31.31 -35.80 -14.35
CA GLY A 356 -31.87 -34.83 -15.31
C GLY A 356 -32.20 -33.50 -14.63
N VAL A 357 -31.50 -33.17 -13.57
CA VAL A 357 -31.77 -31.92 -12.90
C VAL A 357 -31.29 -30.81 -13.84
N VAL A 358 -32.10 -29.76 -13.95
CA VAL A 358 -31.72 -28.64 -14.78
C VAL A 358 -31.04 -27.57 -13.97
N SER A 359 -30.06 -26.91 -14.58
CA SER A 359 -29.34 -25.86 -13.90
C SER A 359 -28.75 -24.81 -14.85
N SER A 360 -28.51 -23.62 -14.29
CA SER A 360 -28.06 -22.46 -15.02
C SER A 360 -27.32 -21.57 -14.05
N THR A 361 -26.27 -20.96 -14.55
CA THR A 361 -25.44 -20.05 -13.74
C THR A 361 -25.60 -18.62 -14.28
N ASN A 362 -25.60 -17.64 -13.39
CA ASN A 362 -25.62 -16.23 -13.76
C ASN A 362 -24.77 -15.36 -12.86
N TYR A 363 -24.38 -14.19 -13.36
CA TYR A 363 -23.56 -13.27 -12.64
C TYR A 363 -24.11 -11.85 -12.70
N MET A 364 -23.81 -11.07 -11.68
CA MET A 364 -24.29 -9.68 -11.61
C MET A 364 -23.96 -8.88 -12.86
N TYR A 365 -22.74 -8.97 -13.37
CA TYR A 365 -22.34 -8.19 -14.59
C TYR A 365 -22.91 -8.64 -15.99
N GLY A 366 -24.19 -8.95 -16.02
CA GLY A 366 -24.91 -9.18 -17.28
C GLY A 366 -24.66 -10.53 -17.94
N ALA A 367 -24.14 -11.50 -17.21
CA ALA A 367 -24.13 -12.90 -17.72
C ALA A 367 -25.43 -13.56 -17.25
N PHE A 368 -26.46 -13.52 -18.09
CA PHE A 368 -27.81 -13.90 -17.68
C PHE A 368 -28.09 -15.38 -17.55
N ASN A 369 -27.33 -16.16 -18.30
CA ASN A 369 -27.48 -17.61 -18.29
C ASN A 369 -26.28 -18.29 -18.98
N CYS A 370 -25.35 -18.84 -18.17
CA CYS A 370 -24.24 -19.64 -18.65
C CYS A 370 -24.48 -21.08 -18.23
N GLN A 371 -23.95 -22.02 -19.01
CA GLN A 371 -23.93 -23.40 -18.56
C GLN A 371 -25.35 -23.89 -18.19
N PHE A 372 -26.34 -23.60 -19.04
CA PHE A 372 -27.63 -24.25 -18.97
C PHE A 372 -27.38 -25.74 -19.26
N VAL A 373 -27.70 -26.59 -18.27
CA VAL A 373 -27.49 -28.02 -18.38
C VAL A 373 -28.72 -28.80 -17.97
N VAL A 374 -28.79 -30.03 -18.45
CA VAL A 374 -29.85 -30.95 -18.03
C VAL A 374 -29.18 -32.28 -17.64
N GLY A 375 -29.09 -32.52 -16.33
CA GLY A 375 -28.33 -33.65 -15.79
C GLY A 375 -26.83 -33.28 -15.79
N ASN A 376 -26.00 -34.13 -16.37
CA ASN A 376 -24.55 -33.93 -16.38
C ASN A 376 -24.12 -32.46 -16.66
N THR A 377 -23.48 -31.84 -15.67
CA THR A 377 -23.13 -30.41 -15.75
C THR A 377 -21.91 -30.13 -16.65
N THR A 378 -21.26 -31.20 -17.13
CA THR A 378 -20.25 -31.06 -18.19
C THR A 378 -20.78 -31.36 -19.57
N TYR A 379 -21.41 -32.54 -19.77
CA TYR A 379 -21.71 -33.00 -21.12
C TYR A 379 -23.09 -32.55 -21.63
N ASN A 380 -24.07 -32.42 -20.74
CA ASN A 380 -25.49 -32.22 -21.13
C ASN A 380 -25.94 -30.75 -21.16
N LYS A 381 -25.25 -30.01 -22.01
CA LYS A 381 -25.14 -28.54 -21.89
C LYS A 381 -25.56 -27.83 -23.18
N LEU A 382 -26.31 -26.75 -23.00
CA LEU A 382 -26.76 -25.91 -24.11
C LEU A 382 -25.91 -24.67 -24.27
N LEU A 383 -25.58 -24.03 -23.15
CA LEU A 383 -24.90 -22.76 -23.21
C LEU A 383 -23.52 -22.85 -22.55
N SER A 384 -22.59 -22.09 -23.12
CA SER A 384 -21.17 -22.14 -22.70
C SER A 384 -20.97 -21.62 -21.27
N ASN A 385 -19.84 -22.05 -20.70
CA ASN A 385 -19.48 -21.69 -19.36
C ASN A 385 -18.99 -20.26 -19.23
N HIS A 386 -19.29 -19.67 -18.10
CA HIS A 386 -18.63 -18.43 -17.68
C HIS A 386 -17.18 -18.77 -17.36
N ARG A 387 -16.31 -17.83 -17.66
CA ARG A 387 -14.90 -17.93 -17.44
C ARG A 387 -14.37 -16.63 -16.91
N GLY A 388 -13.26 -16.73 -16.17
CA GLY A 388 -12.57 -15.59 -15.66
C GLY A 388 -13.29 -14.91 -14.52
N LEU A 389 -12.90 -13.67 -14.30
CA LEU A 389 -13.39 -12.91 -13.13
C LEU A 389 -13.90 -11.50 -13.38
N LEU A 390 -13.52 -10.91 -14.49
CA LEU A 390 -13.74 -9.50 -14.74
C LEU A 390 -14.58 -9.18 -16.00
N ASN A 391 -15.06 -10.22 -16.68
CA ASN A 391 -15.98 -10.03 -17.82
C ASN A 391 -15.32 -9.28 -18.98
N ILE A 392 -14.04 -9.52 -19.19
CA ILE A 392 -13.35 -8.95 -20.36
C ILE A 392 -13.91 -9.64 -21.57
N GLN A 393 -13.83 -10.97 -21.56
CA GLN A 393 -14.62 -11.77 -22.52
C GLN A 393 -16.05 -11.93 -21.95
N LYS A 394 -17.01 -11.39 -22.67
CA LYS A 394 -18.39 -11.16 -22.22
C LYS A 394 -19.44 -11.71 -23.17
N ASP A 395 -19.06 -12.71 -23.93
CA ASP A 395 -19.93 -13.32 -24.94
C ASP A 395 -20.43 -14.69 -24.59
N SER A 396 -20.06 -15.22 -23.41
CA SER A 396 -20.42 -16.59 -23.02
C SER A 396 -21.90 -16.68 -22.63
N GLY A 397 -22.51 -17.83 -22.87
CA GLY A 397 -23.88 -18.03 -22.45
C GLY A 397 -24.83 -17.08 -23.16
N GLN A 398 -25.80 -16.60 -22.39
CA GLN A 398 -26.86 -15.72 -22.85
C GLN A 398 -26.49 -14.30 -22.48
N ARG A 399 -26.45 -13.42 -23.48
CA ARG A 399 -26.19 -11.99 -23.24
C ARG A 399 -27.26 -11.13 -23.91
N ILE A 400 -27.37 -9.89 -23.46
CA ILE A 400 -28.35 -8.98 -24.01
C ILE A 400 -27.73 -7.67 -24.49
N PHE A 401 -28.06 -7.35 -25.74
CA PHE A 401 -27.82 -6.04 -26.34
C PHE A 401 -29.17 -5.27 -26.40
N ILE A 402 -29.11 -4.01 -26.04
CA ILE A 402 -30.22 -3.05 -26.12
C ILE A 402 -29.77 -1.85 -26.96
N LYS A 403 -30.65 -1.43 -27.85
CA LYS A 403 -30.38 -0.21 -28.63
C LYS A 403 -30.53 1.05 -27.78
N ILE A 404 -29.45 1.79 -27.61
CA ILE A 404 -29.50 3.15 -27.01
C ILE A 404 -28.96 4.11 -28.06
N GLY A 405 -29.79 5.07 -28.47
CA GLY A 405 -29.52 5.91 -29.64
C GLY A 405 -29.37 5.12 -30.96
N ASP A 406 -28.24 5.29 -31.63
CA ASP A 406 -28.02 4.57 -32.90
C ASP A 406 -27.55 3.13 -32.74
N CYS A 407 -27.05 2.80 -31.56
CA CYS A 407 -26.17 1.63 -31.33
C CYS A 407 -26.70 0.56 -30.42
N TYR A 408 -26.56 -0.68 -30.83
CA TYR A 408 -26.78 -1.80 -29.93
C TYR A 408 -25.65 -1.80 -28.90
N ARG A 409 -26.00 -1.95 -27.63
CA ARG A 409 -25.04 -1.89 -26.54
C ARG A 409 -25.26 -3.04 -25.55
N GLN A 410 -24.17 -3.74 -25.23
CA GLN A 410 -24.27 -4.89 -24.42
C GLN A 410 -24.42 -4.55 -22.96
N LEU A 411 -25.44 -5.12 -22.34
CA LEU A 411 -25.70 -4.92 -20.92
C LEU A 411 -24.61 -5.61 -20.08
N THR A 412 -24.03 -4.83 -19.20
CA THR A 412 -23.11 -5.36 -18.19
C THR A 412 -23.62 -5.12 -16.74
N LEU A 413 -23.14 -4.06 -16.09
CA LEU A 413 -23.31 -3.92 -14.66
C LEU A 413 -24.63 -3.20 -14.36
N PRO A 414 -25.58 -3.84 -13.62
CA PRO A 414 -26.80 -3.17 -13.21
C PRO A 414 -26.62 -2.29 -12.01
N ALA A 415 -27.69 -1.56 -11.68
CA ALA A 415 -27.72 -0.76 -10.44
C ALA A 415 -27.84 -1.71 -9.21
N ALA A 416 -28.59 -2.79 -9.40
CA ALA A 416 -28.85 -3.79 -8.39
C ALA A 416 -29.09 -5.17 -9.00
N TYR A 417 -28.75 -6.18 -8.20
CA TYR A 417 -28.84 -7.59 -8.54
C TYR A 417 -29.42 -8.26 -7.31
N GLU A 418 -30.57 -8.90 -7.50
CA GLU A 418 -31.33 -9.49 -6.45
C GLU A 418 -31.42 -11.00 -6.70
N MET A 419 -30.99 -11.77 -5.73
CA MET A 419 -31.03 -13.24 -5.81
C MET A 419 -32.05 -13.80 -4.85
N ASN A 420 -32.74 -14.80 -5.33
CA ASN A 420 -33.61 -15.60 -4.58
C ASN A 420 -33.20 -17.04 -4.96
N VAL A 421 -33.53 -18.03 -4.15
CA VAL A 421 -33.18 -19.43 -4.52
C VAL A 421 -33.79 -19.89 -5.85
N ALA A 422 -34.89 -19.26 -6.22
CA ALA A 422 -35.57 -19.58 -7.46
C ALA A 422 -35.13 -18.74 -8.65
N GLY A 423 -34.35 -17.69 -8.43
CA GLY A 423 -34.03 -16.79 -9.55
C GLY A 423 -33.16 -15.59 -9.26
N SER A 424 -32.81 -14.92 -10.34
CA SER A 424 -32.00 -13.70 -10.32
C SER A 424 -32.70 -12.58 -11.09
N THR A 425 -32.70 -11.37 -10.49
CA THR A 425 -33.18 -10.18 -11.11
C THR A 425 -32.08 -9.12 -11.22
N TRP A 426 -31.94 -8.54 -12.42
CA TRP A 426 -31.07 -7.37 -12.65
C TRP A 426 -31.93 -6.12 -12.85
N TYR A 427 -31.54 -5.03 -12.21
CA TYR A 427 -32.15 -3.72 -12.34
C TYR A 427 -31.16 -2.73 -13.02
N TYR A 428 -31.45 -2.38 -14.27
CA TYR A 428 -30.65 -1.44 -15.05
C TYR A 428 -31.39 -0.15 -15.09
N GLN A 429 -30.75 0.90 -14.57
CA GLN A 429 -31.20 2.26 -14.76
C GLN A 429 -30.88 2.78 -16.19
N LEU A 430 -31.93 3.18 -16.89
CA LEU A 430 -31.88 3.79 -18.20
C LEU A 430 -32.35 5.24 -18.08
N ASP A 431 -32.42 5.97 -19.20
CA ASP A 431 -32.90 7.34 -19.22
C ASP A 431 -34.43 7.28 -18.99
N GLU A 432 -34.90 7.69 -17.82
CA GLU A 432 -36.33 7.75 -17.47
C GLU A 432 -37.09 6.41 -17.54
N ASP A 433 -36.35 5.35 -17.31
CA ASP A 433 -36.93 3.99 -17.29
C ASP A 433 -35.99 3.08 -16.48
N VAL A 434 -36.53 1.96 -16.04
CA VAL A 434 -35.76 0.90 -15.39
C VAL A 434 -36.06 -0.35 -16.21
N LEU A 435 -35.00 -1.04 -16.60
CA LEU A 435 -35.15 -2.28 -17.30
C LEU A 435 -34.90 -3.40 -16.27
N ILE A 436 -35.85 -4.30 -16.17
CA ILE A 436 -35.86 -5.37 -15.16
C ILE A 436 -35.68 -6.66 -15.94
N ILE A 437 -34.56 -7.33 -15.68
CA ILE A 437 -34.31 -8.65 -16.25
C ILE A 437 -34.40 -9.69 -15.15
N THR A 438 -35.11 -10.78 -15.41
CA THR A 438 -35.19 -11.89 -14.49
C THR A 438 -34.78 -13.17 -15.19
N SER A 439 -33.91 -13.97 -14.55
CA SER A 439 -33.68 -15.35 -14.99
C SER A 439 -34.06 -16.27 -13.85
N PHE A 440 -35.04 -17.16 -14.08
CA PHE A 440 -35.67 -17.96 -13.01
C PHE A 440 -36.01 -19.39 -13.42
N ALA A 441 -36.07 -20.23 -12.41
CA ALA A 441 -36.25 -21.69 -12.57
C ALA A 441 -37.70 -21.96 -12.47
N MET A 442 -38.17 -22.91 -13.24
CA MET A 442 -39.55 -23.33 -13.12
C MET A 442 -39.64 -24.41 -12.07
N TYR A 443 -40.76 -24.40 -11.33
CA TYR A 443 -41.03 -25.50 -10.40
C TYR A 443 -41.64 -26.66 -11.17
N ASN A 444 -41.12 -27.84 -10.91
CA ASN A 444 -41.57 -29.08 -11.53
C ASN A 444 -41.36 -29.25 -13.00
N ARG A 445 -40.58 -28.38 -13.62
CA ARG A 445 -40.44 -28.37 -15.07
C ARG A 445 -38.98 -28.13 -15.43
N PRO A 446 -38.45 -28.84 -16.45
CA PRO A 446 -37.04 -28.69 -16.77
C PRO A 446 -36.71 -27.37 -17.54
N GLU A 447 -36.94 -26.25 -16.89
CA GLU A 447 -36.93 -24.96 -17.55
C GLU A 447 -36.25 -23.85 -16.77
N ILE A 448 -35.59 -23.01 -17.56
CA ILE A 448 -35.14 -21.69 -17.13
C ILE A 448 -35.79 -20.68 -18.08
N VAL A 449 -36.27 -19.58 -17.51
CA VAL A 449 -36.99 -18.54 -18.23
C VAL A 449 -36.24 -17.24 -18.06
N LEU A 450 -35.99 -16.55 -19.18
CA LEU A 450 -35.60 -15.15 -19.15
C LEU A 450 -36.83 -14.25 -19.36
N LYS A 451 -37.02 -13.26 -18.50
CA LYS A 451 -37.99 -12.19 -18.73
C LYS A 451 -37.27 -10.88 -18.75
N VAL A 452 -37.60 -10.08 -19.77
CA VAL A 452 -37.15 -8.74 -19.88
C VAL A 452 -38.37 -7.87 -19.79
N GLN A 453 -38.33 -6.82 -18.98
CA GLN A 453 -39.48 -5.88 -18.81
C GLN A 453 -39.02 -4.46 -18.55
N SER A 454 -39.50 -3.54 -19.38
CA SER A 454 -39.39 -2.12 -19.13
C SER A 454 -40.42 -1.78 -18.07
N LEU A 455 -39.95 -1.17 -16.99
CA LEU A 455 -40.79 -0.75 -15.90
C LEU A 455 -41.85 0.27 -16.34
N GLY A 456 -41.47 1.19 -17.23
CA GLY A 456 -42.41 2.21 -17.76
C GLY A 456 -43.14 1.79 -19.03
N HIS A 457 -43.07 0.50 -19.36
CA HIS A 457 -43.62 -0.03 -20.59
C HIS A 457 -43.12 0.70 -21.86
N LYS A 458 -41.87 1.17 -21.86
CA LYS A 458 -41.25 1.73 -23.05
C LYS A 458 -40.73 0.62 -23.93
N LYS A 459 -40.71 0.87 -25.23
CA LYS A 459 -40.25 -0.11 -26.21
C LYS A 459 -38.80 0.12 -26.58
N TYR A 460 -38.12 -0.98 -26.89
CA TYR A 460 -36.70 -0.95 -27.25
C TYR A 460 -36.45 -2.06 -28.24
N ASP A 461 -35.28 -1.98 -28.86
CA ASP A 461 -34.75 -3.03 -29.68
C ASP A 461 -33.71 -3.82 -28.87
N PHE A 462 -33.72 -5.13 -29.09
CA PHE A 462 -32.84 -6.05 -28.39
C PHE A 462 -32.27 -7.06 -29.34
N ILE A 463 -31.06 -7.47 -29.04
CA ILE A 463 -30.51 -8.70 -29.60
C ILE A 463 -30.07 -9.50 -28.40
N VAL A 464 -30.61 -10.70 -28.31
CA VAL A 464 -30.21 -11.63 -27.27
C VAL A 464 -29.31 -12.69 -27.91
N THR A 465 -28.05 -12.72 -27.51
CA THR A 465 -27.10 -13.70 -28.05
C THR A 465 -26.93 -14.92 -27.11
N HIS A 466 -26.69 -16.07 -27.74
CA HIS A 466 -26.47 -17.33 -27.03
C HIS A 466 -25.27 -18.09 -27.57
N GLN A 467 -24.20 -18.20 -26.78
CA GLN A 467 -23.06 -19.04 -27.22
C GLN A 467 -23.43 -20.51 -26.99
N LEU A 468 -23.85 -21.17 -28.04
CA LEU A 468 -24.27 -22.57 -27.94
C LEU A 468 -23.09 -23.49 -27.75
N THR A 469 -23.36 -24.61 -27.08
CA THR A 469 -22.46 -25.75 -27.05
C THR A 469 -23.13 -27.01 -27.63
N VAL A 470 -24.22 -27.44 -26.97
CA VAL A 470 -24.96 -28.68 -27.30
C VAL A 470 -23.94 -29.82 -27.32
N GLY A 471 -23.42 -30.06 -26.12
CA GLY A 471 -22.17 -30.76 -25.90
C GLY A 471 -21.39 -29.98 -24.86
N PRO A 472 -20.21 -30.49 -24.47
CA PRO A 472 -19.40 -29.93 -23.39
C PRO A 472 -18.68 -28.64 -23.68
N ASN A 473 -18.40 -28.33 -24.94
CA ASN A 473 -17.54 -27.17 -25.23
C ASN A 473 -17.95 -26.35 -26.47
N GLU A 474 -17.64 -25.06 -26.41
CA GLU A 474 -17.94 -24.15 -27.53
C GLU A 474 -17.00 -24.52 -28.67
N TYR A 475 -17.52 -24.48 -29.88
CA TYR A 475 -16.75 -24.68 -31.09
C TYR A 475 -16.36 -26.12 -31.36
N GLU A 476 -16.93 -27.07 -30.64
CA GLU A 476 -16.51 -28.47 -30.72
C GLU A 476 -17.31 -29.30 -31.74
N ASN A 477 -18.62 -29.10 -31.77
CA ASN A 477 -19.46 -29.91 -32.63
C ASN A 477 -20.52 -29.12 -33.36
N GLU A 478 -20.91 -29.64 -34.51
CA GLU A 478 -22.01 -29.11 -35.25
C GLU A 478 -23.30 -29.32 -34.45
N ILE A 479 -24.28 -28.51 -34.79
CA ILE A 479 -25.52 -28.42 -34.05
C ILE A 479 -26.71 -28.49 -35.00
N LYS A 480 -27.63 -29.40 -34.70
CA LYS A 480 -28.89 -29.43 -35.40
C LYS A 480 -29.90 -28.46 -34.74
N LEU A 481 -30.38 -27.51 -35.53
CA LEU A 481 -31.29 -26.47 -35.09
C LEU A 481 -32.47 -26.51 -36.06
N THR A 482 -33.66 -26.82 -35.53
CA THR A 482 -34.87 -26.73 -36.32
C THR A 482 -35.72 -25.70 -35.64
N ARG A 483 -36.65 -25.15 -36.40
CA ARG A 483 -37.58 -24.16 -35.92
C ARG A 483 -38.99 -24.45 -36.39
N GLU A 484 -39.95 -24.53 -35.47
CA GLU A 484 -41.40 -24.65 -35.79
C GLU A 484 -42.16 -23.51 -35.06
N GLY A 485 -42.48 -22.47 -35.80
CA GLY A 485 -43.19 -21.31 -35.26
C GLY A 485 -42.27 -20.49 -34.38
N ASN A 486 -42.57 -20.45 -33.11
CA ASN A 486 -41.68 -19.74 -32.24
C ASN A 486 -40.93 -20.68 -31.30
N ILE A 487 -40.81 -21.94 -31.69
CA ILE A 487 -40.10 -22.95 -30.87
C ILE A 487 -38.90 -23.39 -31.67
N LEU A 488 -37.72 -23.23 -31.09
CA LEU A 488 -36.48 -23.85 -31.59
C LEU A 488 -36.20 -25.19 -30.89
N GLN A 489 -35.72 -26.17 -31.64
CA GLN A 489 -35.18 -27.40 -31.07
C GLN A 489 -33.71 -27.53 -31.47
N LEU A 490 -32.88 -27.86 -30.49
CA LEU A 490 -31.41 -27.93 -30.67
C LEU A 490 -30.95 -29.27 -30.20
N SER A 491 -30.16 -29.94 -31.01
CA SER A 491 -29.62 -31.24 -30.64
C SER A 491 -28.30 -31.48 -31.31
N PRO A 492 -27.49 -32.39 -30.74
CA PRO A 492 -26.23 -32.67 -31.44
C PRO A 492 -26.44 -33.45 -32.78
N THR A 493 -25.48 -33.32 -33.71
CA THR A 493 -25.62 -33.94 -35.04
C THR A 493 -25.21 -35.40 -35.11
N ASN A 499 -23.68 -38.05 -27.10
CA ASN A 499 -24.65 -38.81 -27.91
C ASN A 499 -24.79 -40.27 -27.42
N HIS A 500 -23.69 -41.00 -27.25
CA HIS A 500 -23.76 -42.45 -26.95
C HIS A 500 -24.65 -42.82 -25.68
N PHE A 501 -24.49 -42.04 -24.62
CA PHE A 501 -25.15 -42.31 -23.36
C PHE A 501 -26.41 -41.51 -23.15
N TYR A 502 -26.51 -40.39 -23.84
CA TYR A 502 -27.75 -39.61 -23.87
C TYR A 502 -28.16 -39.31 -25.33
N PRO A 503 -28.56 -40.38 -26.09
CA PRO A 503 -28.80 -40.21 -27.53
C PRO A 503 -29.96 -39.30 -27.86
N GLU A 504 -30.93 -39.19 -26.95
CA GLU A 504 -32.06 -38.28 -27.08
C GLU A 504 -31.80 -36.88 -26.51
N LEU A 505 -30.55 -36.55 -26.22
CA LEU A 505 -30.29 -35.24 -25.62
C LEU A 505 -30.81 -34.15 -26.53
N SER A 506 -31.70 -33.32 -26.02
CA SER A 506 -32.08 -32.13 -26.76
C SER A 506 -32.51 -30.97 -25.85
N PHE A 507 -32.60 -29.81 -26.46
CA PHE A 507 -33.05 -28.54 -25.82
C PHE A 507 -34.09 -27.86 -26.67
N ARG A 508 -34.97 -27.08 -26.06
CA ARG A 508 -35.89 -26.25 -26.83
C ARG A 508 -35.89 -24.84 -26.27
N MET A 509 -36.16 -23.87 -27.13
CA MET A 509 -36.32 -22.49 -26.73
C MET A 509 -37.61 -21.98 -27.36
N ARG A 510 -38.49 -21.36 -26.57
CA ARG A 510 -39.64 -20.58 -27.08
C ARG A 510 -39.23 -19.14 -27.12
N ILE A 511 -39.32 -18.55 -28.29
CA ILE A 511 -38.80 -17.21 -28.58
C ILE A 511 -39.97 -16.30 -28.87
N PRO A 512 -39.77 -14.99 -28.77
CA PRO A 512 -40.90 -14.07 -29.02
C PRO A 512 -41.36 -14.07 -30.49
N GLU A 513 -42.64 -13.78 -30.68
CA GLU A 513 -43.30 -14.02 -31.97
C GLU A 513 -42.84 -13.31 -33.22
N ASP A 514 -42.32 -12.10 -33.22
CA ASP A 514 -41.77 -11.71 -34.55
C ASP A 514 -40.29 -11.40 -34.46
N CYS A 515 -39.57 -12.21 -33.70
CA CYS A 515 -38.15 -12.03 -33.60
C CYS A 515 -37.52 -12.62 -34.86
N THR A 516 -36.30 -12.20 -35.14
CA THR A 516 -35.54 -12.80 -36.19
C THR A 516 -34.34 -13.50 -35.59
N LEU A 517 -33.93 -14.51 -36.35
CA LEU A 517 -32.99 -15.50 -35.96
C LEU A 517 -31.73 -15.33 -36.82
N SER A 518 -30.55 -15.28 -36.20
CA SER A 518 -29.29 -15.36 -36.92
C SER A 518 -28.16 -15.96 -36.08
N ASP A 519 -27.00 -15.99 -36.69
CA ASP A 519 -25.75 -16.20 -35.98
C ASP A 519 -25.13 -14.80 -35.75
N ASP A 520 -23.81 -14.71 -35.55
CA ASP A 520 -23.16 -13.39 -35.39
C ASP A 520 -23.17 -12.45 -36.64
N SER A 521 -23.62 -12.95 -37.79
CA SER A 521 -23.66 -12.16 -39.07
C SER A 521 -24.25 -10.78 -38.87
N ILE A 522 -25.31 -10.68 -38.08
CA ILE A 522 -25.94 -9.38 -37.87
C ILE A 522 -25.11 -8.35 -37.15
N PHE A 523 -24.06 -8.73 -36.43
CA PHE A 523 -23.16 -7.73 -35.76
C PHE A 523 -22.22 -7.03 -36.74
N PHE A 524 -22.12 -7.57 -37.98
CA PHE A 524 -21.08 -7.14 -38.91
C PHE A 524 -21.61 -6.39 -40.10
N HIS A 525 -20.78 -5.45 -40.55
CA HIS A 525 -21.10 -4.58 -41.70
C HIS A 525 -21.42 -5.40 -42.94
N ASN A 526 -20.56 -6.33 -43.26
CA ASN A 526 -20.77 -7.25 -44.40
C ASN A 526 -21.85 -8.33 -44.25
N ASN A 527 -22.52 -8.43 -43.08
CA ASN A 527 -23.36 -9.61 -42.75
C ASN A 527 -22.63 -10.94 -42.90
N THR A 528 -21.32 -10.94 -42.69
CA THR A 528 -20.49 -12.14 -42.71
C THR A 528 -20.65 -12.88 -41.41
N THR A 529 -21.06 -14.13 -41.53
CA THR A 529 -20.93 -15.05 -40.44
C THR A 529 -19.47 -15.31 -40.17
N ILE A 530 -19.07 -15.24 -38.91
CA ILE A 530 -17.75 -15.77 -38.46
C ILE A 530 -18.03 -16.95 -37.49
N ASN A 531 -18.68 -16.66 -36.36
CA ASN A 531 -19.13 -17.71 -35.42
C ASN A 531 -20.55 -18.17 -35.72
N PRO A 532 -20.72 -19.35 -36.38
CA PRO A 532 -22.07 -19.84 -36.65
C PRO A 532 -22.86 -20.38 -35.45
N SER A 533 -22.21 -20.55 -34.31
CA SER A 533 -22.83 -21.09 -33.11
C SER A 533 -23.26 -19.98 -32.12
N LEU A 534 -23.08 -18.72 -32.52
CA LEU A 534 -23.69 -17.64 -31.74
C LEU A 534 -25.17 -17.42 -32.14
N LEU A 535 -26.08 -18.02 -31.42
CA LEU A 535 -27.49 -17.94 -31.75
C LEU A 535 -28.07 -16.59 -31.30
N SER A 536 -28.41 -15.76 -32.30
CA SER A 536 -28.83 -14.38 -32.06
C SER A 536 -30.32 -14.13 -32.37
N ILE A 537 -30.96 -13.44 -31.44
CA ILE A 537 -32.38 -13.23 -31.53
C ILE A 537 -32.61 -11.73 -31.45
N GLU A 538 -33.01 -11.17 -32.59
CA GLU A 538 -33.26 -9.76 -32.66
C GLU A 538 -34.72 -9.57 -32.45
N ILE A 539 -35.02 -8.70 -31.50
CA ILE A 539 -36.39 -8.44 -31.04
C ILE A 539 -36.55 -6.93 -31.11
N LEU A 540 -37.46 -6.49 -32.00
CA LEU A 540 -37.63 -5.08 -32.35
C LEU A 540 -38.84 -4.52 -31.65
N GLN A 541 -38.68 -3.32 -31.04
CA GLN A 541 -39.83 -2.54 -30.57
C GLN A 541 -40.69 -3.24 -29.55
N LYS A 542 -40.10 -3.80 -28.49
CA LYS A 542 -40.86 -4.49 -27.47
C LYS A 542 -40.57 -3.90 -26.11
N SER A 543 -41.60 -3.76 -25.30
CA SER A 543 -41.46 -3.29 -23.91
C SER A 543 -41.26 -4.45 -22.98
N SER A 544 -41.54 -5.64 -23.48
CA SER A 544 -41.23 -6.85 -22.75
C SER A 544 -41.21 -8.09 -23.60
N PHE A 545 -40.56 -9.11 -23.10
CA PHE A 545 -40.47 -10.40 -23.81
C PHE A 545 -39.90 -11.45 -22.91
N ASP A 546 -40.03 -12.69 -23.36
CA ASP A 546 -39.36 -13.77 -22.71
C ASP A 546 -38.81 -14.83 -23.65
N ILE A 547 -37.76 -15.50 -23.16
CA ILE A 547 -37.18 -16.70 -23.81
C ILE A 547 -37.22 -17.84 -22.80
N VAL A 548 -37.95 -18.89 -23.15
CA VAL A 548 -38.11 -20.06 -22.28
C VAL A 548 -37.18 -21.14 -22.81
N MET A 549 -36.41 -21.71 -21.91
CA MET A 549 -35.35 -22.64 -22.26
C MET A 549 -35.63 -23.97 -21.55
N GLN A 550 -35.79 -25.04 -22.33
CA GLN A 550 -36.09 -26.36 -21.81
C GLN A 550 -34.95 -27.28 -22.08
N GLY A 551 -34.75 -28.21 -21.16
CA GLY A 551 -33.72 -29.25 -21.28
C GLY A 551 -34.34 -30.63 -21.18
N PHE A 552 -33.95 -31.50 -22.09
CA PHE A 552 -34.40 -32.88 -22.13
C PHE A 552 -33.17 -33.80 -22.36
N ASP A 553 -32.65 -34.38 -21.29
CA ASP A 553 -31.60 -35.41 -21.38
C ASP A 553 -32.05 -36.77 -21.98
N THR A 554 -33.32 -37.12 -21.80
CA THR A 554 -33.86 -38.41 -22.31
C THR A 554 -35.02 -38.19 -23.31
N GLY A 555 -35.08 -36.99 -23.86
CA GLY A 555 -36.08 -36.59 -24.85
C GLY A 555 -37.53 -36.59 -24.41
N ASN A 556 -37.81 -36.45 -23.10
CA ASN A 556 -39.21 -36.37 -22.64
C ASN A 556 -39.70 -34.97 -22.82
N VAL A 557 -39.95 -34.62 -24.08
CA VAL A 557 -40.30 -33.28 -24.49
C VAL A 557 -41.69 -32.97 -23.93
N ILE A 558 -41.91 -31.76 -23.44
CA ILE A 558 -43.21 -31.34 -22.88
C ILE A 558 -43.61 -30.00 -23.53
N PRO A 559 -44.91 -29.80 -23.78
CA PRO A 559 -45.30 -28.52 -24.37
C PRO A 559 -44.99 -27.33 -23.44
N PHE A 560 -44.85 -26.15 -24.03
CA PHE A 560 -44.63 -24.93 -23.25
C PHE A 560 -45.93 -24.58 -22.59
N LEU A 561 -45.82 -23.90 -21.48
CA LEU A 561 -46.99 -23.31 -20.83
C LEU A 561 -47.37 -22.09 -21.60
N ASP A 562 -48.61 -21.65 -21.45
CA ASP A 562 -49.05 -20.39 -22.05
C ASP A 562 -48.36 -19.27 -21.29
N GLN A 563 -48.32 -19.41 -19.98
CA GLN A 563 -47.85 -18.34 -19.09
C GLN A 563 -46.70 -18.78 -18.23
N TYR A 564 -45.70 -17.91 -18.08
CA TYR A 564 -44.49 -18.19 -17.26
C TYR A 564 -44.39 -17.09 -16.22
N ASP A 565 -44.81 -17.43 -14.99
CA ASP A 565 -44.98 -16.48 -13.89
C ASP A 565 -43.91 -16.71 -12.80
N TYR A 566 -43.00 -15.75 -12.60
CA TYR A 566 -41.92 -15.88 -11.63
C TYR A 566 -42.46 -16.13 -10.23
N LYS A 567 -43.47 -15.36 -9.84
CA LYS A 567 -44.01 -15.39 -8.47
C LYS A 567 -44.43 -16.78 -8.02
N GLU A 568 -45.19 -17.48 -8.84
CA GLU A 568 -45.63 -18.85 -8.47
C GLU A 568 -44.42 -19.74 -8.23
N GLN A 569 -43.39 -19.59 -9.06
CA GLN A 569 -42.19 -20.42 -8.92
C GLN A 569 -41.52 -20.09 -7.60
N LEU A 570 -41.28 -18.80 -7.38
CA LEU A 570 -40.75 -18.29 -6.13
C LEU A 570 -41.45 -18.89 -4.91
N GLU A 571 -42.77 -18.85 -4.94
CA GLU A 571 -43.56 -19.40 -3.81
C GLU A 571 -43.40 -20.94 -3.69
N ALA A 572 -43.43 -21.67 -4.80
CA ALA A 572 -43.24 -23.13 -4.73
C ALA A 572 -41.86 -23.50 -4.21
N TYR A 573 -40.81 -22.84 -4.72
CA TYR A 573 -39.45 -23.11 -4.20
C TYR A 573 -39.27 -22.75 -2.74
N ARG A 574 -39.94 -21.71 -2.26
CA ARG A 574 -39.80 -21.26 -0.87
C ARG A 574 -40.32 -22.37 0.07
N ILE A 575 -41.48 -22.93 -0.26
CA ILE A 575 -41.99 -24.11 0.49
C ILE A 575 -41.06 -25.33 0.40
N TYR A 576 -40.56 -25.62 -0.80
CA TYR A 576 -39.56 -26.71 -1.02
C TYR A 576 -38.35 -26.56 -0.11
N TYR A 577 -37.83 -25.32 -0.05
CA TYR A 577 -36.65 -25.00 0.78
C TYR A 577 -36.96 -24.99 2.27
N ASP A 578 -38.13 -24.50 2.63
CA ASP A 578 -38.58 -24.58 4.04
C ASP A 578 -38.65 -26.03 4.49
N GLN A 579 -39.31 -26.88 3.69
CA GLN A 579 -39.40 -28.31 4.04
C GLN A 579 -38.04 -29.05 4.08
N LEU A 580 -37.18 -28.69 3.15
CA LEU A 580 -35.79 -29.19 3.09
C LEU A 580 -34.98 -28.99 4.36
N VAL A 581 -35.19 -27.84 5.02
CA VAL A 581 -34.58 -27.59 6.36
C VAL A 581 -35.56 -27.76 7.56
N CYS A 582 -36.58 -28.59 7.37
CA CYS A 582 -37.54 -28.92 8.46
C CYS A 582 -38.18 -27.67 9.11
N ASN A 583 -38.43 -26.68 8.28
CA ASN A 583 -39.00 -25.34 8.64
C ASN A 583 -38.22 -24.55 9.65
N PHE A 584 -36.90 -24.77 9.68
CA PHE A 584 -36.00 -24.05 10.55
C PHE A 584 -36.39 -22.60 10.72
N LYS A 585 -36.47 -22.12 11.95
CA LYS A 585 -36.64 -20.68 12.17
C LYS A 585 -36.41 -20.31 13.58
N LEU A 586 -35.61 -19.27 13.76
CA LEU A 586 -35.26 -18.85 15.09
C LEU A 586 -36.06 -17.62 15.40
N SER A 587 -36.63 -17.54 16.61
CA SER A 587 -37.40 -16.38 17.02
C SER A 587 -37.24 -16.06 18.51
N ALA A 588 -37.58 -14.83 18.88
CA ALA A 588 -37.59 -14.44 20.27
C ALA A 588 -38.62 -13.37 20.49
N PRO A 589 -39.18 -13.26 21.73
CA PRO A 589 -40.11 -12.15 22.05
C PRO A 589 -39.42 -10.77 22.05
N ASP A 590 -38.23 -10.72 22.64
CA ASP A 590 -37.38 -9.50 22.64
C ASP A 590 -36.60 -9.41 21.29
N LYS A 591 -35.65 -8.49 21.21
CA LYS A 591 -34.76 -8.40 20.07
C LYS A 591 -34.00 -9.74 19.87
N ILE A 592 -34.26 -10.42 18.76
CA ILE A 592 -33.47 -11.63 18.45
C ILE A 592 -31.97 -11.28 18.29
N PRO A 593 -31.06 -12.11 18.81
CA PRO A 593 -29.61 -11.83 18.67
C PRO A 593 -29.20 -11.86 17.19
N LEU A 594 -28.19 -11.07 16.86
CA LEU A 594 -27.75 -10.94 15.51
C LEU A 594 -27.33 -12.28 14.91
N SER A 595 -26.68 -13.11 15.72
CA SER A 595 -26.18 -14.37 15.19
C SER A 595 -27.36 -15.30 14.75
N ALA A 596 -28.48 -15.23 15.46
CA ALA A 596 -29.69 -15.96 15.09
C ALA A 596 -30.31 -15.41 13.80
N GLU A 597 -30.38 -14.10 13.73
CA GLU A 597 -30.83 -13.42 12.51
C GLU A 597 -29.98 -13.87 11.29
N LYS A 598 -28.66 -14.01 11.50
CA LYS A 598 -27.73 -14.50 10.45
C LYS A 598 -27.99 -15.93 10.04
N LEU A 599 -28.39 -16.78 10.99
CA LEU A 599 -28.70 -18.19 10.69
C LEU A 599 -30.04 -18.34 9.94
N ASN A 600 -31.06 -17.56 10.34
CA ASN A 600 -32.31 -17.50 9.61
C ASN A 600 -32.14 -17.05 8.16
N ALA A 601 -31.29 -16.04 7.97
CA ALA A 601 -31.01 -15.50 6.62
C ALA A 601 -30.14 -16.41 5.78
N ILE A 602 -29.19 -17.13 6.38
CA ILE A 602 -28.22 -17.94 5.64
C ILE A 602 -28.67 -19.39 5.39
N ILE A 603 -29.58 -19.90 6.24
CA ILE A 603 -29.87 -21.32 6.22
C ILE A 603 -30.31 -21.82 4.85
N HIS A 604 -31.25 -21.12 4.25
CA HIS A 604 -31.82 -21.51 2.94
C HIS A 604 -30.80 -21.27 1.80
N TRP A 605 -29.93 -20.28 1.96
CA TRP A 605 -28.82 -20.10 1.04
C TRP A 605 -27.81 -21.26 1.09
N TYR A 606 -27.44 -21.68 2.31
CA TYR A 606 -26.56 -22.83 2.46
C TYR A 606 -27.27 -24.14 2.08
N ALA A 607 -28.57 -24.18 2.31
CA ALA A 607 -29.35 -25.34 1.88
C ALA A 607 -29.32 -25.46 0.36
N HIS A 608 -29.50 -24.34 -0.30
CA HIS A 608 -29.36 -24.27 -1.80
C HIS A 608 -27.96 -24.67 -2.32
N ASP A 609 -26.95 -24.06 -1.71
CA ASP A 609 -25.55 -24.40 -2.06
C ASP A 609 -25.23 -25.90 -1.88
N ALA A 610 -25.64 -26.43 -0.72
CA ALA A 610 -25.49 -27.88 -0.43
C ALA A 610 -26.26 -28.77 -1.41
N LEU A 611 -27.49 -28.35 -1.73
CA LEU A 611 -28.32 -29.13 -2.68
C LEU A 611 -27.71 -29.21 -4.10
N ILE A 612 -27.16 -28.10 -4.56
CA ILE A 612 -26.36 -28.04 -5.80
C ILE A 612 -25.14 -28.95 -5.77
N HIS A 613 -24.33 -28.80 -4.73
CA HIS A 613 -23.20 -29.71 -4.49
C HIS A 613 -23.60 -31.18 -4.62
N PHE A 614 -24.77 -31.52 -4.07
CA PHE A 614 -25.31 -32.86 -4.16
C PHE A 614 -25.81 -33.18 -5.57
N ALA A 615 -26.81 -32.43 -6.02
CA ALA A 615 -27.61 -32.84 -7.19
C ALA A 615 -27.07 -32.39 -8.52
N SER A 616 -26.34 -31.28 -8.56
CA SER A 616 -25.86 -30.67 -9.82
C SER A 616 -24.49 -30.09 -9.54
N PRO A 617 -23.50 -30.99 -9.48
CA PRO A 617 -22.22 -30.63 -8.83
C PRO A 617 -21.31 -29.70 -9.64
N HIS A 618 -21.38 -28.42 -9.29
CA HIS A 618 -20.58 -27.42 -9.94
C HIS A 618 -20.71 -26.15 -9.13
N GLY A 619 -19.76 -25.26 -9.30
CA GLY A 619 -19.77 -23.96 -8.61
C GLY A 619 -19.59 -22.75 -9.49
N LEU A 620 -19.22 -21.65 -8.86
CA LEU A 620 -18.99 -20.45 -9.55
C LEU A 620 -17.63 -20.52 -10.23
N GLU A 621 -16.57 -20.47 -9.45
CA GLU A 621 -15.26 -20.63 -10.04
C GLU A 621 -15.09 -22.06 -10.60
N GLN A 622 -15.59 -23.06 -9.87
CA GLN A 622 -15.39 -24.48 -10.22
C GLN A 622 -16.54 -24.96 -11.08
N SER A 623 -16.53 -24.52 -12.32
CA SER A 623 -17.62 -24.84 -13.27
C SER A 623 -17.54 -26.31 -13.75
N GLY A 624 -16.34 -26.90 -13.64
CA GLY A 624 -16.08 -28.22 -14.09
C GLY A 624 -16.26 -29.11 -12.91
N GLY A 625 -17.31 -29.92 -12.91
CA GLY A 625 -17.65 -30.82 -11.81
C GLY A 625 -18.36 -32.06 -12.30
N ALA A 626 -19.67 -32.06 -12.24
CA ALA A 626 -20.47 -33.18 -12.77
C ALA A 626 -20.54 -34.41 -11.90
N ALA A 627 -19.37 -34.80 -11.41
CA ALA A 627 -19.22 -36.03 -10.62
C ALA A 627 -19.44 -35.81 -9.15
N TRP A 628 -19.77 -36.89 -8.45
CA TRP A 628 -19.60 -36.94 -7.03
C TRP A 628 -18.18 -37.22 -6.70
N GLY A 629 -17.60 -36.39 -5.84
CA GLY A 629 -16.40 -36.77 -5.08
C GLY A 629 -16.81 -37.79 -4.02
N THR A 630 -16.05 -38.89 -3.87
CA THR A 630 -16.42 -39.94 -2.95
C THR A 630 -16.46 -39.41 -1.49
N ARG A 631 -15.37 -38.78 -1.05
CA ARG A 631 -15.36 -38.23 0.31
C ARG A 631 -16.39 -37.07 0.44
N ASP A 632 -16.66 -36.40 -0.67
CA ASP A 632 -17.49 -35.18 -0.66
C ASP A 632 -18.94 -35.54 -0.43
N VAL A 633 -19.46 -36.49 -1.23
CA VAL A 633 -20.87 -36.91 -1.14
C VAL A 633 -21.16 -37.52 0.23
N CYS A 634 -20.15 -38.10 0.84
CA CYS A 634 -20.27 -38.65 2.22
C CYS A 634 -20.27 -37.57 3.33
N GLN A 635 -19.91 -36.34 2.98
CA GLN A 635 -19.84 -35.30 3.97
C GLN A 635 -20.95 -34.32 3.72
N GLY A 636 -20.78 -33.42 2.75
CA GLY A 636 -21.74 -32.39 2.54
C GLY A 636 -23.20 -32.87 2.43
N PRO A 637 -23.51 -33.70 1.41
CA PRO A 637 -24.90 -34.10 1.24
C PRO A 637 -25.45 -35.03 2.34
N ILE A 638 -24.66 -36.02 2.73
CA ILE A 638 -25.14 -37.01 3.71
C ILE A 638 -25.37 -36.37 5.09
N GLU A 639 -24.47 -35.48 5.47
CA GLU A 639 -24.64 -34.83 6.77
C GLU A 639 -25.84 -33.89 6.72
N PHE A 640 -25.98 -33.14 5.64
CA PHE A 640 -27.15 -32.30 5.47
C PHE A 640 -28.49 -33.07 5.53
N PHE A 641 -28.56 -34.17 4.78
CA PHE A 641 -29.76 -35.00 4.71
C PHE A 641 -30.03 -35.80 6.01
N LEU A 642 -29.02 -36.39 6.65
CA LEU A 642 -29.22 -37.00 8.01
C LEU A 642 -29.73 -36.01 9.09
N THR A 643 -29.27 -34.76 9.05
CA THR A 643 -29.69 -33.68 9.98
C THR A 643 -31.14 -33.30 9.81
N THR A 644 -31.63 -33.35 8.57
CA THR A 644 -32.98 -32.91 8.26
C THR A 644 -34.00 -34.07 8.07
N GLY A 645 -33.61 -35.29 8.40
CA GLY A 645 -34.44 -36.50 8.26
C GLY A 645 -34.75 -36.96 6.85
N HIS A 646 -33.90 -36.64 5.91
CA HIS A 646 -34.07 -37.11 4.54
C HIS A 646 -33.40 -38.47 4.38
N PHE A 647 -33.96 -39.44 5.12
CA PHE A 647 -33.33 -40.74 5.36
C PHE A 647 -33.44 -41.65 4.14
N ASP A 648 -34.58 -41.63 3.49
CA ASP A 648 -34.76 -42.41 2.25
C ASP A 648 -33.72 -41.96 1.21
N LEU A 649 -33.49 -40.67 1.14
CA LEU A 649 -32.53 -40.13 0.18
C LEU A 649 -31.12 -40.63 0.51
N VAL A 650 -30.75 -40.60 1.79
CA VAL A 650 -29.41 -41.07 2.16
C VAL A 650 -29.25 -42.56 1.82
N ARG A 651 -30.31 -43.34 1.99
CA ARG A 651 -30.25 -44.78 1.70
C ARG A 651 -29.94 -44.96 0.22
N HIS A 652 -30.62 -44.18 -0.62
CA HIS A 652 -30.41 -44.28 -2.07
C HIS A 652 -28.98 -43.81 -2.46
N ILE A 653 -28.54 -42.69 -1.89
CA ILE A 653 -27.19 -42.21 -2.08
C ILE A 653 -26.20 -43.32 -1.79
N LEU A 654 -26.41 -44.01 -0.68
CA LEU A 654 -25.45 -45.00 -0.21
C LEU A 654 -25.40 -46.22 -1.12
N ILE A 655 -26.55 -46.70 -1.58
CA ILE A 655 -26.57 -47.78 -2.56
C ILE A 655 -25.85 -47.38 -3.83
N THR A 656 -26.09 -46.16 -4.28
CA THR A 656 -25.43 -45.69 -5.51
C THR A 656 -23.94 -45.66 -5.27
N LEU A 657 -23.55 -45.07 -4.15
CA LEU A 657 -22.16 -44.99 -3.75
C LEU A 657 -21.43 -46.36 -3.76
N TYR A 658 -22.01 -47.33 -3.06
CA TYR A 658 -21.42 -48.69 -2.96
C TYR A 658 -21.32 -49.41 -4.33
N SER A 659 -22.23 -49.08 -5.24
CA SER A 659 -22.19 -49.60 -6.61
C SER A 659 -21.02 -49.07 -7.44
N HIS A 660 -20.43 -47.98 -6.96
CA HIS A 660 -19.20 -47.41 -7.54
C HIS A 660 -17.85 -47.86 -6.94
N GLN A 661 -17.89 -48.76 -5.97
CA GLN A 661 -16.67 -49.37 -5.43
C GLN A 661 -16.01 -50.12 -6.59
N ILE A 662 -14.69 -50.08 -6.66
CA ILE A 662 -13.96 -50.63 -7.78
C ILE A 662 -13.56 -52.06 -7.51
N GLU A 663 -13.91 -52.94 -8.45
CA GLU A 663 -13.49 -54.33 -8.41
C GLU A 663 -11.97 -54.49 -8.32
N GLY A 664 -11.52 -55.50 -7.62
CA GLY A 664 -10.11 -55.86 -7.53
C GLY A 664 -9.41 -55.16 -6.41
N GLY A 665 -9.20 -53.87 -6.58
CA GLY A 665 -8.62 -53.03 -5.54
C GLY A 665 -9.59 -52.84 -4.37
N PHE A 666 -10.89 -52.89 -4.64
CA PHE A 666 -11.94 -52.75 -3.61
C PHE A 666 -11.89 -51.48 -2.76
N GLU A 667 -11.21 -50.46 -3.28
CA GLU A 667 -11.41 -49.12 -2.79
C GLU A 667 -12.43 -48.35 -3.70
N TRP A 668 -12.64 -47.08 -3.35
CA TRP A 668 -13.41 -46.19 -4.18
C TRP A 668 -12.57 -45.31 -5.06
N PRO A 669 -13.14 -44.89 -6.21
CA PRO A 669 -12.50 -43.84 -6.96
C PRO A 669 -12.55 -42.54 -6.17
N GLN A 670 -11.72 -41.60 -6.58
CA GLN A 670 -11.72 -40.27 -5.99
C GLN A 670 -13.04 -39.61 -6.21
N TRP A 671 -13.55 -39.78 -7.42
CA TRP A 671 -14.82 -39.23 -7.85
C TRP A 671 -15.42 -40.12 -8.95
N PHE A 672 -16.71 -40.00 -9.17
CA PHE A 672 -17.38 -40.79 -10.21
C PHE A 672 -18.63 -40.07 -10.72
N MET A 673 -18.96 -40.23 -12.00
CA MET A 673 -20.26 -39.73 -12.50
C MET A 673 -21.33 -40.64 -11.94
N PHE A 674 -22.43 -40.06 -11.47
CA PHE A 674 -23.52 -40.85 -10.87
C PHE A 674 -24.70 -41.03 -11.81
N ASP A 675 -24.47 -40.69 -13.07
CA ASP A 675 -25.48 -40.73 -14.11
C ASP A 675 -25.10 -41.85 -15.11
N HIS A 676 -25.50 -41.77 -16.37
CA HIS A 676 -25.23 -42.85 -17.32
C HIS A 676 -23.85 -42.80 -17.93
N TYR A 677 -23.10 -41.74 -17.64
CA TYR A 677 -21.71 -41.61 -18.10
C TYR A 677 -20.77 -42.44 -17.22
N PRO A 678 -20.15 -43.49 -17.79
CA PRO A 678 -19.17 -44.27 -17.06
C PRO A 678 -17.83 -43.57 -17.11
N ILE A 679 -17.63 -42.66 -16.16
CA ILE A 679 -16.38 -41.98 -15.95
C ILE A 679 -16.12 -41.89 -14.46
N HIS A 680 -14.90 -42.20 -14.08
CA HIS A 680 -14.40 -42.00 -12.72
C HIS A 680 -12.90 -41.85 -12.66
N GLN A 681 -12.43 -41.39 -11.53
CA GLN A 681 -10.97 -41.33 -11.27
C GLN A 681 -10.61 -42.46 -10.32
N GLU A 682 -10.13 -43.55 -10.91
CA GLU A 682 -9.79 -44.79 -10.14
C GLU A 682 -8.63 -44.61 -9.14
N ASP A 683 -7.72 -43.70 -9.42
CA ASP A 683 -6.69 -43.34 -8.41
C ASP A 683 -7.34 -42.50 -7.30
N CYS A 684 -7.16 -42.91 -6.07
CA CYS A 684 -7.70 -42.22 -4.93
C CYS A 684 -6.64 -41.83 -3.88
N HIS A 685 -6.94 -40.78 -3.10
CA HIS A 685 -6.20 -40.52 -1.86
C HIS A 685 -6.53 -41.62 -0.85
N GLY A 686 -5.66 -41.78 0.16
CA GLY A 686 -5.77 -42.83 1.21
C GLY A 686 -6.83 -42.67 2.30
N ASP A 687 -7.37 -41.48 2.44
CA ASP A 687 -8.53 -41.31 3.34
C ASP A 687 -9.86 -41.69 2.74
N VAL A 688 -9.91 -41.88 1.43
CA VAL A 688 -11.23 -41.95 0.71
C VAL A 688 -12.06 -43.18 1.12
N VAL A 689 -11.39 -44.31 1.28
CA VAL A 689 -12.07 -45.54 1.65
C VAL A 689 -12.86 -45.47 2.96
N PHE A 690 -12.43 -44.59 3.86
CA PHE A 690 -13.08 -44.48 5.18
C PHE A 690 -14.44 -43.84 5.08
N TRP A 691 -14.65 -43.01 4.07
CA TRP A 691 -15.87 -42.17 4.07
C TRP A 691 -17.20 -42.92 3.82
N PRO A 692 -17.25 -43.80 2.81
CA PRO A 692 -18.44 -44.66 2.63
C PRO A 692 -18.78 -45.58 3.83
N LEU A 693 -17.71 -45.99 4.52
CA LEU A 693 -17.81 -46.79 5.75
C LEU A 693 -18.41 -45.99 6.92
N LYS A 694 -17.91 -44.79 7.12
CA LYS A 694 -18.43 -43.88 8.13
C LYS A 694 -19.89 -43.47 7.82
N ALA A 695 -20.13 -43.06 6.59
CA ALA A 695 -21.46 -42.59 6.21
C ALA A 695 -22.54 -43.69 6.34
N ILE A 696 -22.24 -44.92 5.91
CA ILE A 696 -23.20 -46.02 6.06
C ILE A 696 -23.48 -46.30 7.55
N SER A 697 -22.42 -46.27 8.36
CA SER A 697 -22.57 -46.37 9.83
C SER A 697 -23.43 -45.30 10.44
N ASP A 698 -23.17 -44.03 10.05
CA ASP A 698 -24.00 -42.89 10.55
C ASP A 698 -25.42 -43.03 10.08
N TYR A 699 -25.59 -43.52 8.85
CA TYR A 699 -26.95 -43.83 8.37
C TYR A 699 -27.68 -44.88 9.25
N ILE A 700 -26.95 -45.96 9.59
CA ILE A 700 -27.51 -47.10 10.35
C ILE A 700 -27.86 -46.66 11.75
N GLN A 701 -26.97 -45.89 12.37
CA GLN A 701 -27.21 -45.34 13.74
C GLN A 701 -28.41 -44.42 13.78
N ALA A 702 -28.54 -43.61 12.75
CA ALA A 702 -29.64 -42.64 12.69
C ALA A 702 -30.99 -43.29 12.43
N THR A 703 -30.98 -44.43 11.73
CA THR A 703 -32.22 -45.00 11.22
C THR A 703 -32.59 -46.36 11.77
N GLY A 704 -31.62 -47.11 12.24
CA GLY A 704 -31.79 -48.53 12.55
C GLY A 704 -31.93 -49.35 11.30
N ASP A 705 -31.74 -48.77 10.11
CA ASP A 705 -31.98 -49.54 8.90
C ASP A 705 -30.75 -50.38 8.51
N THR A 706 -30.65 -51.52 9.17
CA THR A 706 -29.62 -52.50 8.92
C THR A 706 -29.86 -53.31 7.67
N SER A 707 -31.09 -53.28 7.13
CA SER A 707 -31.38 -53.94 5.86
C SER A 707 -30.44 -53.51 4.71
N ILE A 708 -29.96 -52.26 4.77
CA ILE A 708 -29.06 -51.72 3.74
C ILE A 708 -27.85 -52.63 3.55
N LEU A 709 -27.40 -53.25 4.63
CA LEU A 709 -26.27 -54.19 4.57
C LEU A 709 -26.52 -55.44 3.73
N ASN A 710 -27.79 -55.84 3.58
CA ASN A 710 -28.19 -57.01 2.73
C ASN A 710 -28.49 -56.67 1.26
N GLU A 711 -28.48 -55.39 0.89
CA GLU A 711 -28.70 -55.03 -0.49
C GLU A 711 -27.62 -55.61 -1.37
N LEU A 712 -28.06 -56.16 -2.49
CA LEU A 712 -27.17 -56.74 -3.50
C LEU A 712 -26.77 -55.64 -4.45
N VAL A 713 -25.50 -55.35 -4.47
CA VAL A 713 -24.95 -54.20 -5.20
C VAL A 713 -23.70 -54.59 -5.96
N ASP A 714 -23.61 -54.06 -7.17
CA ASP A 714 -22.50 -54.29 -8.10
C ASP A 714 -21.26 -53.41 -7.79
N TYR A 715 -20.18 -53.67 -8.52
CA TYR A 715 -18.98 -52.85 -8.55
C TYR A 715 -18.80 -52.23 -9.93
N ARG A 716 -17.75 -51.43 -10.08
CA ARG A 716 -17.35 -50.87 -11.37
C ARG A 716 -15.93 -51.36 -11.69
N THR A 717 -15.63 -51.48 -12.99
CA THR A 717 -14.27 -51.87 -13.45
C THR A 717 -13.39 -50.62 -13.36
N ALA A 718 -12.11 -50.82 -13.06
CA ALA A 718 -11.17 -49.73 -12.86
C ALA A 718 -10.99 -48.87 -14.10
N LYS A 719 -10.74 -49.56 -15.21
CA LYS A 719 -10.26 -48.91 -16.44
C LYS A 719 -11.40 -48.22 -17.25
N ASP A 720 -12.56 -48.86 -17.31
CA ASP A 720 -13.73 -48.36 -18.04
C ASP A 720 -14.87 -47.82 -17.22
N ALA A 721 -14.85 -47.98 -15.90
CA ALA A 721 -15.99 -47.54 -15.04
C ALA A 721 -17.32 -48.21 -15.42
N LEU A 722 -17.23 -49.42 -15.95
CA LEU A 722 -18.44 -50.20 -16.31
C LEU A 722 -18.86 -51.14 -15.18
N PRO A 723 -20.17 -51.42 -15.06
CA PRO A 723 -20.59 -52.43 -14.12
C PRO A 723 -19.90 -53.80 -14.38
N THR A 724 -19.52 -54.47 -13.29
CA THR A 724 -18.81 -55.76 -13.37
C THR A 724 -19.79 -56.93 -13.52
N ASN A 725 -21.07 -56.65 -13.22
CA ASN A 725 -22.16 -57.62 -13.14
C ASN A 725 -21.81 -58.82 -12.28
N GLN A 726 -21.32 -58.52 -11.08
CA GLN A 726 -21.01 -59.53 -10.05
C GLN A 726 -21.34 -58.92 -8.69
N PRO A 727 -22.64 -58.71 -8.44
CA PRO A 727 -22.98 -58.01 -7.23
C PRO A 727 -22.71 -58.85 -6.00
N GLU A 728 -22.49 -58.15 -4.91
CA GLU A 728 -22.40 -58.74 -3.57
C GLU A 728 -23.19 -57.85 -2.61
N THR A 729 -23.51 -58.42 -1.48
CA THR A 729 -24.09 -57.65 -0.38
C THR A 729 -23.17 -56.48 -0.01
N ILE A 730 -23.80 -55.37 0.37
CA ILE A 730 -23.10 -54.22 0.94
C ILE A 730 -22.20 -54.61 2.11
N LEU A 731 -22.64 -55.55 2.95
CA LEU A 731 -21.79 -56.05 4.03
C LEU A 731 -20.47 -56.57 3.50
N ILE A 732 -20.53 -57.38 2.43
CA ILE A 732 -19.30 -57.94 1.83
C ILE A 732 -18.47 -56.84 1.15
N HIS A 733 -19.13 -55.92 0.46
CA HIS A 733 -18.50 -54.65 0.01
C HIS A 733 -17.65 -54.02 1.14
N ILE A 734 -18.24 -53.98 2.33
CA ILE A 734 -17.60 -53.41 3.54
C ILE A 734 -16.43 -54.26 3.98
N LYS A 735 -16.65 -55.57 4.10
CA LYS A 735 -15.55 -56.51 4.40
C LYS A 735 -14.35 -56.33 3.45
N ARG A 736 -14.62 -56.26 2.15
CA ARG A 736 -13.50 -56.04 1.20
C ARG A 736 -12.79 -54.71 1.39
N ALA A 737 -13.55 -53.65 1.63
CA ALA A 737 -12.95 -52.31 1.90
C ALA A 737 -12.03 -52.39 3.10
N VAL A 738 -12.54 -53.02 4.15
CA VAL A 738 -11.85 -53.21 5.44
C VAL A 738 -10.55 -54.05 5.30
N THR A 739 -10.57 -55.08 4.49
CA THR A 739 -9.29 -55.76 4.15
C THR A 739 -8.23 -54.79 3.60
N THR A 740 -8.64 -53.84 2.75
CA THR A 740 -7.68 -52.89 2.16
C THR A 740 -7.05 -52.05 3.27
N ILE A 741 -7.84 -51.78 4.29
CA ILE A 741 -7.40 -50.95 5.43
C ILE A 741 -6.37 -51.73 6.27
N LYS A 742 -6.75 -52.94 6.66
CA LYS A 742 -5.88 -53.89 7.37
C LYS A 742 -4.57 -54.03 6.61
N ASN A 743 -4.67 -54.17 5.28
CA ASN A 743 -3.48 -54.28 4.42
C ASN A 743 -2.58 -53.03 4.38
N ARG A 744 -3.02 -51.91 4.93
CA ARG A 744 -2.17 -50.72 4.97
C ARG A 744 -1.40 -50.53 6.27
N TYR A 745 -1.58 -51.42 7.25
CA TYR A 745 -0.79 -51.41 8.48
C TYR A 745 0.68 -51.42 8.12
N LEU A 746 1.44 -50.50 8.68
CA LEU A 746 2.92 -50.61 8.64
C LEU A 746 3.36 -51.78 9.55
N SER A 747 4.45 -52.47 9.21
CA SER A 747 4.77 -53.78 9.85
C SER A 747 5.07 -53.57 11.28
N GLY A 748 4.54 -54.46 12.10
CA GLY A 748 4.69 -54.43 13.54
C GLY A 748 3.74 -53.50 14.26
N THR A 749 2.88 -52.80 13.51
CA THR A 749 1.99 -51.73 14.04
C THR A 749 0.57 -51.83 13.45
N ALA A 750 -0.34 -51.03 13.95
CA ALA A 750 -1.61 -50.73 13.25
C ALA A 750 -1.65 -49.25 12.73
N LEU A 751 -0.51 -48.79 12.25
CA LEU A 751 -0.33 -47.42 11.76
C LEU A 751 -0.68 -47.49 10.32
N ILE A 752 -1.72 -46.75 9.95
CA ILE A 752 -2.24 -46.75 8.59
C ILE A 752 -1.41 -45.88 7.67
N SER A 753 -0.87 -46.52 6.62
CA SER A 753 -0.05 -45.83 5.63
C SER A 753 -0.82 -44.69 4.98
N TYR A 754 -0.09 -43.64 4.66
CA TYR A 754 -0.66 -42.42 4.10
C TYR A 754 -1.29 -42.69 2.75
N ALA A 755 -0.57 -43.52 1.99
CA ALA A 755 -0.88 -43.86 0.60
C ALA A 755 -1.03 -42.58 -0.21
N GLY A 756 -2.09 -42.44 -1.01
CA GLY A 756 -2.22 -41.31 -1.91
C GLY A 756 -2.49 -39.97 -1.24
N GLY A 757 -2.60 -39.92 0.10
CA GLY A 757 -2.81 -38.65 0.77
C GLY A 757 -3.99 -38.69 1.69
N ASP A 758 -4.22 -37.60 2.39
CA ASP A 758 -5.45 -37.49 3.22
C ASP A 758 -6.46 -36.45 2.68
N TRP A 759 -7.38 -35.99 3.55
CA TRP A 759 -8.35 -34.93 3.30
C TRP A 759 -7.79 -33.75 2.53
N ASP A 760 -6.60 -33.30 2.92
CA ASP A 760 -6.01 -32.15 2.25
C ASP A 760 -5.39 -32.55 0.88
N ASP A 761 -6.09 -32.20 -0.20
CA ASP A 761 -5.67 -32.62 -1.54
C ASP A 761 -4.31 -32.02 -1.99
N THR A 762 -3.88 -30.91 -1.39
CA THR A 762 -2.58 -30.33 -1.67
C THR A 762 -1.41 -31.06 -1.00
N LEU A 763 -1.68 -32.00 -0.09
CA LEU A 763 -0.59 -32.71 0.61
C LEU A 763 -0.33 -34.15 0.10
N GLN A 764 -0.56 -34.39 -1.19
CA GLN A 764 -0.15 -35.66 -1.77
C GLN A 764 1.34 -35.86 -1.55
N PRO A 765 1.77 -37.10 -1.38
CA PRO A 765 3.19 -37.35 -1.06
C PRO A 765 4.02 -37.10 -2.31
N ALA A 766 5.17 -36.43 -2.20
CA ALA A 766 5.97 -36.12 -3.39
C ALA A 766 6.80 -37.31 -3.96
N ASN A 767 6.94 -38.41 -3.22
CA ASN A 767 7.61 -39.63 -3.76
C ASN A 767 7.06 -40.89 -3.15
N SER A 768 7.48 -42.02 -3.72
CA SER A 768 7.15 -43.36 -3.26
C SER A 768 7.46 -43.67 -1.82
N GLU A 769 8.58 -43.17 -1.33
CA GLU A 769 8.99 -43.48 0.04
C GLU A 769 8.02 -42.79 1.01
N LEU A 770 7.62 -41.55 0.67
CA LEU A 770 6.72 -40.74 1.50
C LEU A 770 5.31 -41.34 1.47
N LYS A 771 4.91 -41.79 0.30
CA LYS A 771 3.69 -42.58 0.14
C LYS A 771 3.59 -43.82 1.06
N GLU A 772 4.65 -44.63 1.06
CA GLU A 772 4.71 -45.90 1.80
C GLU A 772 4.83 -45.63 3.30
N ASN A 773 5.71 -44.68 3.65
CA ASN A 773 6.23 -44.53 5.03
C ASN A 773 5.64 -43.39 5.86
N LEU A 774 4.89 -42.49 5.26
CA LEU A 774 4.22 -41.47 6.07
C LEU A 774 3.03 -42.08 6.74
N VAL A 775 2.73 -41.52 7.89
CA VAL A 775 1.50 -41.83 8.61
C VAL A 775 0.85 -40.49 8.96
N SER A 776 -0.36 -40.28 8.44
CA SER A 776 -1.17 -39.09 8.77
C SER A 776 -1.92 -39.39 10.04
N ALA A 777 -1.71 -38.54 11.04
CA ALA A 777 -2.37 -38.65 12.32
C ALA A 777 -3.88 -38.45 12.22
N TRP A 778 -4.28 -37.62 11.28
CA TRP A 778 -5.69 -37.37 10.95
C TRP A 778 -6.31 -38.65 10.37
N THR A 779 -5.65 -39.21 9.37
CA THR A 779 -6.12 -40.46 8.79
C THR A 779 -6.28 -41.53 9.84
N GLN A 780 -5.28 -41.62 10.72
CA GLN A 780 -5.26 -42.58 11.79
C GLN A 780 -6.50 -42.41 12.70
N ALA A 781 -6.72 -41.18 13.11
CA ALA A 781 -7.90 -40.84 13.93
C ALA A 781 -9.23 -41.12 13.22
N LEU A 782 -9.33 -40.71 11.94
CA LEU A 782 -10.48 -41.04 11.14
C LEU A 782 -10.75 -42.54 11.06
N ALA A 783 -9.69 -43.31 10.90
CA ALA A 783 -9.80 -44.77 10.76
C ALA A 783 -10.33 -45.41 12.07
N GLU A 784 -9.77 -44.97 13.17
CA GLU A 784 -10.23 -45.36 14.48
C GLU A 784 -11.73 -45.06 14.61
N GLN A 785 -12.09 -43.81 14.36
CA GLN A 785 -13.52 -43.39 14.46
C GLN A 785 -14.45 -44.22 13.56
N THR A 786 -13.96 -44.44 12.35
CA THR A 786 -14.77 -45.08 11.33
C THR A 786 -15.03 -46.54 11.71
N LEU A 787 -13.97 -47.20 12.11
CA LEU A 787 -14.06 -48.63 12.43
C LEU A 787 -14.81 -48.91 13.74
N GLU A 788 -14.75 -47.99 14.72
CA GLU A 788 -15.67 -48.00 15.90
C GLU A 788 -17.17 -47.82 15.54
N LEU A 789 -17.47 -46.85 14.66
CA LEU A 789 -18.84 -46.60 14.21
C LEU A 789 -19.33 -47.81 13.42
N LEU A 790 -18.43 -48.39 12.64
CA LEU A 790 -18.76 -49.57 11.81
C LEU A 790 -19.12 -50.76 12.71
N CYS A 791 -18.25 -51.01 13.71
CA CYS A 791 -18.46 -52.03 14.75
C CYS A 791 -19.86 -51.95 15.33
N SER A 792 -20.25 -50.77 15.82
CA SER A 792 -21.59 -50.57 16.40
C SER A 792 -22.73 -50.84 15.43
N ALA A 793 -22.58 -50.31 14.22
CA ALA A 793 -23.61 -50.42 13.15
C ALA A 793 -23.84 -51.88 12.75
N ILE A 794 -22.79 -52.68 12.74
CA ILE A 794 -22.85 -54.08 12.31
C ILE A 794 -23.10 -55.10 13.47
N LYS A 795 -22.78 -54.68 14.69
CA LYS A 795 -22.99 -55.46 15.94
C LYS A 795 -24.16 -56.46 15.90
N GLY A 796 -25.36 -56.00 15.56
CA GLY A 796 -26.51 -56.87 15.61
C GLY A 796 -26.63 -57.83 14.45
N ILE A 797 -25.73 -57.75 13.49
CA ILE A 797 -25.91 -58.43 12.22
C ILE A 797 -24.90 -59.49 11.93
N ASP A 798 -23.65 -59.17 12.24
CA ASP A 798 -22.54 -60.07 12.04
C ASP A 798 -21.59 -59.89 13.24
N HIS A 799 -21.83 -60.73 14.24
CA HIS A 799 -21.17 -60.60 15.55
C HIS A 799 -19.66 -60.64 15.43
N ASP A 800 -19.20 -61.62 14.67
CA ASP A 800 -17.79 -61.89 14.51
C ASP A 800 -17.04 -60.77 13.79
N PHE A 801 -17.63 -60.27 12.73
CA PHE A 801 -17.05 -59.16 12.00
C PHE A 801 -17.02 -57.92 12.92
N SER A 802 -18.11 -57.69 13.61
CA SER A 802 -18.14 -56.63 14.59
C SER A 802 -17.02 -56.72 15.64
N LYS A 803 -16.65 -57.94 16.04
CA LYS A 803 -15.56 -58.15 17.02
C LYS A 803 -14.19 -57.82 16.45
N GLU A 804 -13.97 -58.27 15.21
CA GLU A 804 -12.76 -57.93 14.45
C GLU A 804 -12.62 -56.41 14.21
N LEU A 805 -13.74 -55.77 13.89
CA LEU A 805 -13.80 -54.31 13.74
C LEU A 805 -13.39 -53.60 15.04
N SER A 806 -13.90 -54.08 16.16
CA SER A 806 -13.51 -53.57 17.49
C SER A 806 -12.00 -53.72 17.77
N HIS A 807 -11.46 -54.90 17.47
CA HIS A 807 -10.02 -55.17 17.63
C HIS A 807 -9.18 -54.21 16.75
N MET A 808 -9.57 -54.08 15.50
CA MET A 808 -8.96 -53.13 14.57
C MET A 808 -9.00 -51.70 15.10
N ALA A 809 -10.17 -51.22 15.49
CA ALA A 809 -10.25 -49.85 16.02
C ALA A 809 -9.32 -49.66 17.21
N ASN A 810 -9.37 -50.63 18.14
CA ASN A 810 -8.47 -50.68 19.30
C ASN A 810 -6.97 -50.68 19.00
N ASP A 811 -6.54 -51.56 18.11
CA ASP A 811 -5.17 -51.53 17.61
C ASP A 811 -4.82 -50.17 16.98
N ILE A 812 -5.74 -49.56 16.24
CA ILE A 812 -5.46 -48.27 15.54
C ILE A 812 -5.30 -47.14 16.61
N ARG A 813 -6.20 -47.17 17.60
CA ARG A 813 -6.15 -46.32 18.80
C ARG A 813 -4.78 -46.45 19.53
N THR A 814 -4.33 -47.70 19.71
CA THR A 814 -3.09 -47.97 20.45
C THR A 814 -1.89 -47.46 19.67
N SER A 815 -1.84 -47.75 18.37
CA SER A 815 -0.77 -47.20 17.56
C SER A 815 -0.76 -45.65 17.53
N PHE A 816 -1.96 -45.06 17.53
CA PHE A 816 -2.17 -43.60 17.63
C PHE A 816 -1.47 -43.02 18.86
N TYR A 817 -1.85 -43.52 20.04
CA TYR A 817 -1.27 -43.08 21.33
C TYR A 817 0.22 -43.41 21.47
N GLN A 818 0.58 -44.61 21.04
CA GLN A 818 1.95 -45.10 21.13
C GLN A 818 2.93 -44.44 20.18
N TYR A 819 2.48 -44.02 19.01
CA TYR A 819 3.45 -43.53 17.98
C TYR A 819 3.31 -42.07 17.54
N LEU A 820 2.12 -41.48 17.65
CA LEU A 820 1.87 -40.19 16.98
C LEU A 820 1.75 -39.01 17.90
N ILE A 821 2.12 -39.21 19.16
CA ILE A 821 1.98 -38.16 20.19
C ILE A 821 3.29 -38.07 20.92
N LYS A 822 3.86 -36.89 21.05
CA LYS A 822 5.02 -36.72 21.92
C LYS A 822 4.90 -35.37 22.62
N ASP A 823 5.27 -35.37 23.90
CA ASP A 823 5.15 -34.17 24.78
C ASP A 823 3.75 -33.58 24.77
N GLY A 824 2.74 -34.46 24.75
CA GLY A 824 1.33 -34.06 24.74
C GLY A 824 0.82 -33.49 23.41
N VAL A 825 1.69 -33.45 22.40
CA VAL A 825 1.38 -32.87 21.10
C VAL A 825 1.22 -33.98 20.09
N ILE A 826 0.05 -34.05 19.44
CA ILE A 826 -0.16 -34.97 18.31
C ILE A 826 0.57 -34.41 17.07
N ALA A 827 1.55 -35.16 16.58
CA ALA A 827 2.30 -34.83 15.39
C ALA A 827 1.35 -34.89 14.20
N GLY A 828 1.56 -33.98 13.25
CA GLY A 828 0.87 -34.04 11.98
C GLY A 828 1.07 -35.37 11.24
N PHE A 829 2.32 -35.79 11.16
CA PHE A 829 2.71 -37.02 10.48
C PHE A 829 3.83 -37.71 11.23
N LEU A 830 3.90 -39.02 11.11
CA LEU A 830 5.08 -39.73 11.45
C LEU A 830 5.60 -40.34 10.18
N TYR A 831 6.90 -40.17 9.96
CA TYR A 831 7.62 -40.87 8.90
C TYR A 831 8.30 -42.08 9.52
N ARG A 832 7.92 -43.26 9.07
CA ARG A 832 8.45 -44.53 9.61
C ARG A 832 8.98 -45.47 8.52
N GLU A 833 10.27 -45.41 8.24
CA GLU A 833 10.91 -46.40 7.32
C GLU A 833 10.85 -47.76 7.98
N SER A 834 11.10 -47.75 9.29
CA SER A 834 11.01 -48.94 10.14
C SER A 834 10.98 -48.51 11.62
N GLU A 835 10.87 -49.48 12.53
CA GLU A 835 10.96 -49.18 13.99
C GLU A 835 12.24 -48.42 14.38
N GLU A 836 13.34 -48.61 13.64
CA GLU A 836 14.63 -47.96 13.95
C GLU A 836 14.74 -46.55 13.40
N HIS A 837 14.06 -46.29 12.30
CA HIS A 837 14.15 -45.01 11.59
C HIS A 837 12.78 -44.35 11.47
N MET A 838 12.57 -43.39 12.37
CA MET A 838 11.29 -42.72 12.54
C MET A 838 11.55 -41.26 12.82
N LYS A 839 10.71 -40.38 12.27
CA LYS A 839 10.82 -38.95 12.50
C LYS A 839 9.41 -38.32 12.52
N TYR A 840 9.14 -37.43 13.48
CA TYR A 840 7.88 -36.66 13.49
C TYR A 840 8.00 -35.52 12.51
N MET A 841 6.94 -35.25 11.76
CA MET A 841 6.80 -34.00 11.00
C MET A 841 5.52 -33.28 11.45
N LEU A 842 5.51 -31.96 11.24
CA LEU A 842 4.40 -31.10 11.69
C LEU A 842 4.13 -31.35 13.20
N HIS A 843 5.22 -31.27 13.95
CA HIS A 843 5.33 -31.46 15.39
C HIS A 843 6.51 -30.59 15.84
N PRO A 844 6.53 -30.06 17.09
CA PRO A 844 7.68 -29.23 17.55
C PRO A 844 9.09 -29.86 17.42
N ASP A 845 9.19 -31.18 17.54
CA ASP A 845 10.46 -31.93 17.33
C ASP A 845 11.10 -31.79 15.96
N ASP A 846 10.31 -31.53 14.94
CA ASP A 846 10.85 -31.28 13.59
C ASP A 846 11.45 -29.85 13.52
N THR A 847 12.59 -29.66 14.20
CA THR A 847 13.20 -28.32 14.39
C THR A 847 13.86 -27.83 13.08
N GLU A 848 14.21 -28.78 12.20
CA GLU A 848 14.66 -28.47 10.85
C GLU A 848 13.56 -27.85 9.95
N SER A 849 12.31 -28.22 10.19
CA SER A 849 11.18 -27.65 9.44
C SER A 849 10.74 -26.32 10.04
N SER A 850 10.05 -25.54 9.23
CA SER A 850 9.38 -24.36 9.75
C SER A 850 7.96 -24.69 10.25
N ILE A 851 7.50 -25.91 10.05
CA ILE A 851 6.09 -26.26 10.37
C ILE A 851 6.05 -27.20 11.55
N HIS A 852 5.43 -26.75 12.66
CA HIS A 852 5.40 -27.50 13.93
C HIS A 852 4.00 -27.94 14.51
N TYR A 853 2.93 -27.55 13.87
CA TYR A 853 1.59 -27.87 14.37
C TYR A 853 0.61 -28.02 13.19
N ARG A 854 -0.27 -29.01 13.27
CA ARG A 854 -1.25 -29.33 12.25
C ARG A 854 -2.63 -29.38 12.92
N LEU A 855 -3.59 -28.65 12.35
CA LEU A 855 -4.98 -28.64 12.88
C LEU A 855 -5.75 -29.96 12.83
N LEU A 856 -5.70 -30.59 11.65
CA LEU A 856 -6.59 -31.72 11.35
C LEU A 856 -6.68 -32.78 12.44
N PRO A 857 -5.54 -33.34 12.86
CA PRO A 857 -5.64 -34.39 13.89
C PRO A 857 -6.22 -33.92 15.24
N LEU A 858 -5.94 -32.68 15.59
CA LEU A 858 -6.45 -32.09 16.83
C LEU A 858 -7.99 -32.12 16.85
N THR A 859 -8.60 -31.73 15.73
CA THR A 859 -10.08 -31.72 15.63
C THR A 859 -10.66 -33.12 15.41
N ARG A 860 -10.09 -33.93 14.54
CA ARG A 860 -10.64 -35.26 14.35
C ARG A 860 -10.61 -36.10 15.64
N SER A 861 -9.46 -36.04 16.34
CA SER A 861 -9.33 -36.83 17.59
C SER A 861 -10.39 -36.43 18.64
N ILE A 862 -10.69 -35.15 18.73
CA ILE A 862 -11.76 -34.67 19.61
C ILE A 862 -13.13 -35.15 19.13
N ILE A 863 -13.40 -34.96 17.83
CA ILE A 863 -14.72 -35.29 17.25
C ILE A 863 -15.03 -36.74 17.48
N ALA A 864 -14.03 -37.59 17.33
CA ALA A 864 -14.20 -39.04 17.49
C ALA A 864 -14.23 -39.52 18.98
N GLN A 865 -14.08 -38.60 19.94
CA GLN A 865 -13.80 -38.91 21.34
C GLN A 865 -12.63 -39.89 21.51
N LEU A 866 -11.62 -39.74 20.65
CA LEU A 866 -10.43 -40.53 20.67
C LEU A 866 -9.40 -39.92 21.59
N ALA A 867 -9.31 -38.61 21.56
CA ALA A 867 -8.42 -37.86 22.46
C ALA A 867 -9.00 -37.91 23.84
N ASP A 868 -8.20 -38.32 24.81
CA ASP A 868 -8.66 -38.29 26.21
C ASP A 868 -8.77 -36.82 26.64
N PHE A 869 -9.46 -36.55 27.75
CA PHE A 869 -9.81 -35.17 28.13
C PHE A 869 -8.57 -34.26 28.19
N LYS A 870 -7.51 -34.74 28.82
CA LYS A 870 -6.20 -34.04 28.86
C LYS A 870 -5.64 -33.66 27.47
N LEU A 871 -5.64 -34.63 26.57
CA LEU A 871 -5.11 -34.46 25.23
C LEU A 871 -6.01 -33.44 24.48
N ALA A 872 -7.33 -33.61 24.67
CA ALA A 872 -8.32 -32.76 24.01
C ALA A 872 -8.16 -31.30 24.48
N THR A 873 -7.87 -31.15 25.75
CA THR A 873 -7.65 -29.82 26.33
C THR A 873 -6.34 -29.27 25.82
N ARG A 874 -5.35 -30.13 25.62
CA ARG A 874 -4.06 -29.66 25.09
C ARG A 874 -4.26 -29.21 23.63
N ASN A 875 -4.97 -30.03 22.89
CA ASN A 875 -5.35 -29.68 21.49
C ASN A 875 -5.91 -28.24 21.34
N LEU A 876 -6.87 -27.90 22.18
CA LEU A 876 -7.46 -26.54 22.22
C LEU A 876 -6.46 -25.44 22.55
N GLU A 877 -5.54 -25.71 23.45
CA GLU A 877 -4.47 -24.72 23.76
C GLU A 877 -3.55 -24.50 22.60
N ILE A 878 -3.17 -25.60 21.95
CA ILE A 878 -2.34 -25.55 20.71
C ILE A 878 -3.00 -24.75 19.62
N ILE A 879 -4.29 -25.02 19.42
CA ILE A 879 -5.10 -24.18 18.52
C ILE A 879 -5.04 -22.69 18.94
N ASP A 880 -5.38 -22.38 20.17
CA ASP A 880 -5.42 -20.98 20.63
C ASP A 880 -4.07 -20.29 20.40
N GLU A 881 -2.98 -20.99 20.67
CA GLU A 881 -1.69 -20.37 20.67
C GLU A 881 -1.05 -20.33 19.29
N HIS A 882 -1.30 -21.34 18.45
CA HIS A 882 -0.58 -21.50 17.19
C HIS A 882 -1.41 -21.42 15.94
N LEU A 883 -2.71 -21.61 16.04
CA LEU A 883 -3.55 -21.76 14.84
C LEU A 883 -4.70 -20.78 14.73
N ALA A 884 -5.28 -20.36 15.85
CA ALA A 884 -6.42 -19.41 15.83
C ALA A 884 -6.05 -18.03 15.28
N CYS A 885 -6.83 -17.62 14.28
CA CYS A 885 -6.82 -16.28 13.73
C CYS A 885 -8.19 -15.68 13.75
N PRO A 886 -8.28 -14.35 13.66
CA PRO A 886 -9.59 -13.69 13.64
C PRO A 886 -10.52 -14.17 12.55
N ASP A 887 -9.94 -14.67 11.45
CA ASP A 887 -10.74 -15.22 10.33
C ASP A 887 -10.96 -16.72 10.40
N GLY A 888 -10.61 -17.31 11.53
CA GLY A 888 -10.79 -18.76 11.73
C GLY A 888 -9.47 -19.41 12.08
N VAL A 889 -9.53 -20.73 12.26
CA VAL A 889 -8.38 -21.51 12.74
C VAL A 889 -7.67 -22.03 11.47
N ARG A 890 -6.33 -22.08 11.53
CA ARG A 890 -5.55 -22.42 10.37
C ARG A 890 -5.08 -23.88 10.38
N LEU A 891 -4.80 -24.37 9.20
CA LEU A 891 -4.55 -25.80 9.00
C LEU A 891 -3.18 -26.25 9.56
N MET A 892 -2.27 -25.28 9.62
CA MET A 892 -0.90 -25.41 10.06
C MET A 892 -0.47 -24.09 10.60
N ASP A 893 0.60 -24.09 11.39
CA ASP A 893 1.14 -22.88 12.05
C ASP A 893 2.15 -22.10 11.16
N HIS A 894 2.41 -22.59 9.96
CA HIS A 894 3.32 -21.93 9.02
C HIS A 894 3.03 -22.47 7.61
N PRO A 895 3.31 -21.67 6.57
CA PRO A 895 3.02 -22.19 5.23
C PRO A 895 3.83 -23.40 4.85
N ALA A 896 3.36 -24.17 3.87
CA ALA A 896 4.20 -25.19 3.28
C ALA A 896 5.40 -24.56 2.54
N SER A 897 6.39 -25.38 2.24
CA SER A 897 7.61 -24.88 1.60
C SER A 897 7.22 -24.31 0.24
N TYR A 898 7.92 -23.27 -0.14
CA TYR A 898 7.91 -22.84 -1.50
C TYR A 898 9.28 -22.36 -1.85
N SER A 899 9.89 -22.99 -2.86
CA SER A 899 11.17 -22.55 -3.37
C SER A 899 11.22 -22.49 -4.92
N GLY A 900 10.17 -21.95 -5.54
CA GLY A 900 10.17 -21.70 -6.97
C GLY A 900 9.39 -22.74 -7.74
N GLY A 901 8.87 -23.72 -7.01
CA GLY A 901 7.78 -24.56 -7.49
C GLY A 901 8.00 -26.04 -7.59
N ILE A 902 9.20 -26.52 -7.25
CA ILE A 902 9.49 -27.95 -7.23
C ILE A 902 9.09 -28.46 -5.88
N SER A 903 8.39 -29.58 -5.85
CA SER A 903 7.94 -30.24 -4.61
C SER A 903 9.03 -31.09 -3.96
N LYS A 904 9.11 -31.04 -2.63
CA LYS A 904 10.03 -31.91 -1.87
C LYS A 904 9.32 -32.94 -1.01
N ILE A 905 8.37 -32.50 -0.20
CA ILE A 905 7.58 -33.42 0.63
C ILE A 905 6.14 -33.52 0.07
N PHE A 906 5.49 -32.39 -0.05
CA PHE A 906 4.12 -32.33 -0.49
C PHE A 906 4.08 -31.78 -1.93
N LEU A 907 3.12 -32.30 -2.71
CA LEU A 907 2.99 -31.90 -4.09
C LEU A 907 2.39 -30.52 -4.23
N ARG A 908 1.05 -30.39 -4.35
CA ARG A 908 0.51 -29.08 -4.77
C ARG A 908 0.74 -27.97 -3.74
N ALA A 909 0.87 -28.34 -2.48
CA ALA A 909 1.14 -27.36 -1.43
C ALA A 909 2.45 -26.67 -1.69
N GLU A 910 3.41 -27.40 -2.29
CA GLU A 910 4.72 -26.81 -2.64
C GLU A 910 4.85 -26.22 -4.05
N GLN A 911 3.83 -26.43 -4.86
CA GLN A 911 3.77 -25.94 -6.23
C GLN A 911 2.94 -24.64 -6.42
N ALA A 912 1.93 -24.39 -5.58
CA ALA A 912 1.02 -23.24 -5.77
C ALA A 912 1.77 -21.93 -5.58
N ALA A 913 1.70 -21.07 -6.57
CA ALA A 913 2.33 -19.75 -6.51
C ALA A 913 1.41 -18.78 -5.82
N ASN A 914 0.12 -19.05 -5.92
CA ASN A 914 -0.92 -18.20 -5.38
C ASN A 914 -1.22 -18.61 -3.92
N VAL A 915 -1.37 -17.61 -3.07
CA VAL A 915 -1.85 -17.80 -1.72
C VAL A 915 -3.37 -17.87 -1.76
N GLY A 916 -3.86 -19.11 -1.78
CA GLY A 916 -5.29 -19.33 -1.85
C GLY A 916 -5.67 -20.80 -1.72
N ARG A 917 -7.00 -21.04 -1.72
CA ARG A 917 -7.50 -22.42 -1.59
C ARG A 917 -6.87 -23.02 -0.29
N GLU A 918 -6.36 -24.24 -0.32
CA GLU A 918 -5.76 -24.82 0.91
C GLU A 918 -4.50 -24.15 1.37
N ILE A 919 -3.77 -23.56 0.42
CA ILE A 919 -2.46 -22.93 0.66
C ILE A 919 -2.65 -21.66 1.58
N SER A 920 -3.87 -21.13 1.57
CA SER A 920 -4.32 -20.06 2.48
C SER A 920 -4.24 -20.42 3.96
N LEU A 921 -4.29 -21.72 4.20
CA LEU A 921 -4.31 -22.34 5.54
C LEU A 921 -5.58 -22.11 6.33
N GLN A 922 -6.57 -21.46 5.74
CA GLN A 922 -7.91 -21.40 6.34
C GLN A 922 -8.89 -21.90 5.32
N TYR A 923 -9.06 -23.20 5.32
CA TYR A 923 -9.96 -23.83 4.41
C TYR A 923 -11.16 -24.08 5.27
N VAL A 924 -12.27 -23.48 4.90
CA VAL A 924 -13.42 -23.26 5.81
C VAL A 924 -14.05 -24.55 6.32
N HIS A 925 -14.04 -25.56 5.47
CA HIS A 925 -14.46 -26.91 5.77
C HIS A 925 -13.81 -27.40 7.04
N ALA A 926 -12.47 -27.26 7.12
CA ALA A 926 -11.73 -27.61 8.32
C ALA A 926 -12.05 -26.77 9.54
N HIS A 927 -12.28 -25.48 9.35
CA HIS A 927 -12.78 -24.63 10.45
C HIS A 927 -14.17 -25.11 10.94
N ILE A 928 -15.01 -25.67 10.08
CA ILE A 928 -16.33 -26.18 10.48
C ILE A 928 -16.18 -27.44 11.35
N ARG A 929 -15.25 -28.31 10.99
CA ARG A 929 -14.87 -29.42 11.86
C ARG A 929 -14.33 -28.95 13.23
N TYR A 930 -13.61 -27.82 13.26
CA TYR A 930 -13.24 -27.20 14.54
C TYR A 930 -14.47 -26.90 15.41
N ILE A 931 -15.49 -26.36 14.78
CA ILE A 931 -16.79 -26.08 15.42
C ILE A 931 -17.37 -27.38 15.96
N GLU A 932 -17.40 -28.42 15.12
CA GLU A 932 -17.88 -29.74 15.53
C GLU A 932 -17.13 -30.24 16.78
N ALA A 933 -15.80 -30.06 16.77
CA ALA A 933 -15.00 -30.48 17.90
C ALA A 933 -15.40 -29.66 19.15
N LEU A 934 -15.52 -28.35 19.01
CA LEU A 934 -15.91 -27.48 20.13
C LEU A 934 -17.29 -27.90 20.68
N ALA A 935 -18.20 -28.21 19.76
CA ALA A 935 -19.50 -28.65 20.15
C ALA A 935 -19.45 -29.96 20.95
N THR A 936 -18.60 -30.90 20.54
CA THR A 936 -18.40 -32.15 21.29
C THR A 936 -17.93 -31.86 22.71
N MET A 937 -17.03 -30.88 22.83
CA MET A 937 -16.51 -30.46 24.15
C MET A 937 -17.40 -29.51 24.93
N GLY A 938 -18.51 -29.12 24.32
CA GLY A 938 -19.48 -28.23 24.94
C GLY A 938 -19.05 -26.81 25.13
N LEU A 939 -18.15 -26.33 24.29
CA LEU A 939 -17.56 -25.02 24.48
C LEU A 939 -18.35 -23.99 23.69
N SER A 940 -19.41 -23.51 24.32
CA SER A 940 -20.43 -22.87 23.55
C SER A 940 -19.97 -21.49 23.11
N LYS A 941 -19.27 -20.75 23.96
CA LYS A 941 -18.79 -19.44 23.54
C LYS A 941 -17.77 -19.52 22.35
N LYS A 942 -16.76 -20.36 22.45
CA LYS A 942 -15.86 -20.57 21.29
C LYS A 942 -16.63 -21.07 20.04
N ALA A 943 -17.58 -21.97 20.21
CA ALA A 943 -18.26 -22.60 19.07
C ALA A 943 -19.12 -21.59 18.26
N TRP A 944 -19.82 -20.72 18.98
CA TRP A 944 -20.70 -19.73 18.35
C TRP A 944 -19.85 -18.61 17.78
N ASP A 945 -18.81 -18.23 18.49
CA ASP A 945 -17.88 -17.27 17.93
C ASP A 945 -17.27 -17.76 16.61
N ALA A 946 -16.80 -19.00 16.60
CA ALA A 946 -16.28 -19.68 15.36
C ALA A 946 -17.30 -19.78 14.24
N LEU A 947 -18.54 -20.12 14.57
CA LEU A 947 -19.67 -20.12 13.58
C LEU A 947 -19.85 -18.77 12.83
N MET A 948 -19.65 -17.66 13.57
CA MET A 948 -19.83 -16.30 13.05
C MET A 948 -18.62 -15.82 12.22
N ARG A 949 -17.43 -16.26 12.62
CA ARG A 949 -16.20 -15.90 11.92
C ARG A 949 -16.10 -16.32 10.46
N ILE A 950 -16.87 -17.36 10.10
CA ILE A 950 -17.00 -17.81 8.71
C ILE A 950 -18.41 -17.59 8.15
N ASN A 951 -19.21 -16.79 8.83
CA ASN A 951 -20.55 -16.49 8.33
C ASN A 951 -20.42 -15.27 7.42
N PRO A 952 -20.85 -15.41 6.13
CA PRO A 952 -20.57 -14.30 5.18
C PRO A 952 -21.43 -13.08 5.39
N ILE A 953 -22.48 -13.22 6.23
CA ILE A 953 -23.41 -12.13 6.45
C ILE A 953 -22.75 -11.20 7.45
N LEU A 954 -22.53 -9.99 7.01
CA LEU A 954 -21.90 -8.92 7.81
C LEU A 954 -20.57 -9.31 8.36
N LEU A 955 -19.88 -10.11 7.55
CA LEU A 955 -18.60 -10.65 7.98
C LEU A 955 -17.64 -9.57 8.40
N THR A 956 -17.58 -8.50 7.62
CA THR A 956 -16.62 -7.40 7.87
C THR A 956 -16.92 -6.62 9.15
N ASP A 957 -18.14 -6.74 9.71
CA ASP A 957 -18.48 -6.12 11.00
C ASP A 957 -17.99 -6.99 12.14
N TYR A 958 -17.83 -8.28 11.87
CA TYR A 958 -17.46 -9.28 12.84
C TYR A 958 -15.93 -9.53 12.83
N VAL A 959 -15.32 -9.63 11.64
CA VAL A 959 -13.87 -9.88 11.55
C VAL A 959 -13.31 -8.65 10.85
N PRO A 960 -12.73 -7.71 11.63
CA PRO A 960 -12.41 -6.39 11.05
C PRO A 960 -11.44 -6.39 9.85
N ASN A 961 -10.54 -7.37 9.77
CA ASN A 961 -9.58 -7.47 8.67
C ASN A 961 -10.10 -8.37 7.51
N ALA A 962 -11.36 -8.81 7.55
CA ALA A 962 -11.95 -9.52 6.40
C ALA A 962 -12.43 -8.51 5.34
N LEU A 963 -12.03 -8.70 4.10
CA LEU A 963 -12.59 -7.87 3.06
C LEU A 963 -13.93 -8.43 2.70
N THR A 964 -14.85 -7.56 2.32
CA THR A 964 -16.18 -8.01 1.95
C THR A 964 -16.19 -8.98 0.76
N ARG A 965 -17.22 -9.81 0.71
CA ARG A 965 -17.41 -10.79 -0.38
C ARG A 965 -18.92 -11.02 -0.47
N GLN A 966 -19.32 -11.85 -1.41
CA GLN A 966 -20.75 -12.13 -1.61
C GLN A 966 -21.28 -12.73 -0.29
N SER A 967 -22.36 -12.15 0.22
CA SER A 967 -22.91 -12.48 1.53
C SER A 967 -23.90 -13.62 1.61
N ASN A 968 -24.41 -14.10 0.49
CA ASN A 968 -25.44 -15.13 0.43
C ASN A 968 -24.94 -16.40 -0.25
N VAL A 969 -23.64 -16.60 -0.20
CA VAL A 969 -23.04 -17.81 -0.75
C VAL A 969 -21.84 -18.25 0.10
N TYR A 970 -21.60 -19.54 0.10
CA TYR A 970 -20.48 -20.12 0.85
C TYR A 970 -19.13 -19.75 0.19
N PHE A 971 -18.16 -19.34 1.01
CA PHE A 971 -16.77 -19.19 0.61
C PHE A 971 -15.89 -20.32 1.21
N SER A 972 -15.05 -20.90 0.38
CA SER A 972 -14.38 -22.16 0.70
C SER A 972 -13.02 -21.99 1.42
N SER A 973 -12.48 -20.77 1.44
CA SER A 973 -11.21 -20.48 2.08
C SER A 973 -11.14 -19.00 2.42
N SER A 974 -10.19 -18.65 3.27
CA SER A 974 -9.91 -17.25 3.60
C SER A 974 -8.43 -17.06 3.50
N GLU A 975 -8.00 -16.14 2.66
CA GLU A 975 -6.57 -16.02 2.34
C GLU A 975 -6.05 -14.65 2.60
N GLY A 976 -4.88 -14.56 3.21
CA GLY A 976 -4.26 -13.26 3.49
C GLY A 976 -3.91 -12.61 2.15
N CYS A 977 -3.95 -11.27 2.12
CA CYS A 977 -3.68 -10.52 0.89
C CYS A 977 -2.15 -10.43 0.68
N PHE A 978 -1.56 -11.58 0.34
CA PHE A 978 -0.12 -11.69 0.14
C PHE A 978 0.08 -11.98 -1.35
N ASP A 979 0.95 -11.19 -1.98
CA ASP A 979 1.14 -11.24 -3.43
C ASP A 979 1.88 -12.50 -3.91
N ASP A 980 2.66 -13.10 -3.02
CA ASP A 980 3.44 -14.29 -3.37
C ASP A 980 3.73 -15.11 -2.17
N ARG A 981 4.25 -16.32 -2.40
CA ARG A 981 4.59 -17.28 -1.39
C ARG A 981 5.68 -16.85 -0.40
N TYR A 982 6.62 -16.04 -0.89
CA TYR A 982 7.78 -15.62 -0.07
C TYR A 982 7.33 -14.59 0.94
N GLU A 983 6.52 -13.64 0.49
CA GLU A 983 5.99 -12.62 1.42
C GLU A 983 5.02 -13.28 2.47
N TYR A 984 4.30 -14.33 2.01
CA TYR A 984 3.37 -15.06 2.86
C TYR A 984 4.11 -15.70 4.02
N ALA A 985 5.20 -16.40 3.70
CA ALA A 985 6.06 -17.07 4.70
C ALA A 985 6.70 -16.05 5.63
N LYS A 986 7.25 -14.99 5.07
CA LYS A 986 7.93 -14.00 5.90
C LYS A 986 6.95 -13.30 6.85
N ASN A 987 5.75 -12.98 6.39
CA ASN A 987 4.83 -12.17 7.23
C ASN A 987 3.59 -12.94 7.69
N PHE A 988 3.75 -14.25 7.74
CA PHE A 988 2.68 -15.16 8.16
C PHE A 988 1.97 -14.75 9.47
N ASP A 989 2.75 -14.25 10.42
CA ASP A 989 2.23 -13.91 11.77
C ASP A 989 1.18 -12.82 11.74
N LYS A 990 1.22 -11.98 10.72
CA LYS A 990 0.17 -10.98 10.54
C LYS A 990 -1.28 -11.55 10.53
N LEU A 991 -1.40 -12.77 10.03
CA LEU A 991 -2.69 -13.45 10.03
C LEU A 991 -3.22 -13.68 11.46
N ARG A 992 -2.33 -14.01 12.36
CA ARG A 992 -2.73 -14.29 13.73
C ARG A 992 -3.23 -13.00 14.44
N THR A 993 -2.65 -11.86 14.11
CA THR A 993 -3.03 -10.64 14.79
C THR A 993 -3.98 -9.71 13.99
N GLY A 994 -4.41 -10.14 12.82
CA GLY A 994 -5.33 -9.32 11.99
C GLY A 994 -4.66 -8.09 11.36
N ASP A 995 -3.34 -8.16 11.20
CA ASP A 995 -2.55 -7.05 10.63
C ASP A 995 -2.31 -7.14 9.13
N ILE A 996 -2.99 -8.10 8.50
CA ILE A 996 -3.15 -8.16 7.05
C ILE A 996 -4.62 -8.43 6.77
N ASN A 997 -5.13 -7.85 5.67
CA ASN A 997 -6.46 -8.17 5.26
C ASN A 997 -6.52 -9.58 4.70
N VAL A 998 -7.72 -10.18 4.79
CA VAL A 998 -8.00 -11.52 4.29
C VAL A 998 -9.20 -11.40 3.36
N LYS A 999 -9.24 -12.25 2.36
CA LYS A 999 -10.25 -12.19 1.34
C LYS A 999 -10.78 -13.61 1.08
N GLY A 1000 -11.99 -13.68 0.52
CA GLY A 1000 -12.72 -14.93 0.31
C GLY A 1000 -12.23 -15.71 -0.91
N GLY A 1001 -12.29 -17.02 -0.82
CA GLY A 1001 -12.01 -17.94 -1.91
C GLY A 1001 -13.22 -18.33 -2.72
N TRP A 1002 -13.08 -19.48 -3.37
CA TRP A 1002 -14.05 -19.97 -4.27
C TRP A 1002 -15.44 -20.16 -3.60
N ARG A 1003 -16.47 -20.01 -4.41
CA ARG A 1003 -17.84 -19.95 -3.92
C ARG A 1003 -18.65 -21.19 -4.25
N LEU A 1004 -19.54 -21.48 -3.30
CA LEU A 1004 -20.73 -22.31 -3.46
C LEU A 1004 -20.46 -23.77 -3.40
N TYR A 1005 -19.63 -24.27 -4.34
CA TYR A 1005 -19.54 -25.75 -4.53
C TYR A 1005 -18.58 -26.38 -3.56
N SER A 1006 -19.13 -26.98 -2.51
CA SER A 1006 -18.31 -27.48 -1.37
C SER A 1006 -19.23 -28.32 -0.45
N SER A 1007 -18.64 -29.16 0.39
CA SER A 1007 -19.35 -29.85 1.51
C SER A 1007 -19.67 -28.86 2.63
N GLY A 1008 -18.95 -27.73 2.60
CA GLY A 1008 -19.04 -26.74 3.66
C GLY A 1008 -20.43 -26.33 4.11
N PRO A 1009 -21.31 -25.98 3.16
CA PRO A 1009 -22.63 -25.52 3.47
C PRO A 1009 -23.46 -26.59 4.15
N GLY A 1010 -23.36 -27.83 3.68
CA GLY A 1010 -24.10 -28.94 4.30
C GLY A 1010 -23.58 -29.25 5.69
N ILE A 1011 -22.26 -29.28 5.84
CA ILE A 1011 -21.65 -29.62 7.14
C ILE A 1011 -21.79 -28.45 8.11
N TYR A 1012 -21.89 -27.24 7.59
CA TYR A 1012 -22.22 -26.04 8.41
C TYR A 1012 -23.65 -26.14 9.00
N ILE A 1013 -24.59 -26.52 8.14
CA ILE A 1013 -25.97 -26.72 8.51
C ILE A 1013 -26.10 -27.77 9.62
N ARG A 1014 -25.37 -28.87 9.49
CA ARG A 1014 -25.34 -29.87 10.53
C ARG A 1014 -24.77 -29.29 11.86
N ARG A 1015 -23.72 -28.52 11.79
CA ARG A 1015 -23.21 -27.90 13.02
C ARG A 1015 -24.28 -27.07 13.73
N ILE A 1016 -25.00 -26.28 12.96
CA ILE A 1016 -26.06 -25.39 13.46
C ILE A 1016 -27.16 -26.17 14.16
N ILE A 1017 -27.67 -27.16 13.45
CA ILE A 1017 -28.87 -27.86 13.89
C ILE A 1017 -28.51 -28.95 14.90
N ALA A 1018 -27.59 -29.82 14.52
CA ALA A 1018 -27.36 -31.05 15.24
C ALA A 1018 -26.47 -30.81 16.49
N ASP A 1019 -25.44 -29.96 16.32
CA ASP A 1019 -24.32 -29.88 17.29
C ASP A 1019 -24.43 -28.68 18.23
N LEU A 1020 -25.01 -27.60 17.76
CA LEU A 1020 -25.14 -26.36 18.55
C LEU A 1020 -26.55 -26.20 19.05
N LEU A 1021 -27.52 -26.13 18.15
CA LEU A 1021 -28.94 -26.10 18.60
C LEU A 1021 -29.33 -27.48 19.21
N GLY A 1022 -28.59 -28.51 18.81
CA GLY A 1022 -28.59 -29.78 19.50
C GLY A 1022 -29.75 -30.70 19.23
N ILE A 1023 -30.29 -30.63 18.04
CA ILE A 1023 -31.38 -31.52 17.64
C ILE A 1023 -30.90 -32.62 16.69
N ARG A 1024 -30.84 -33.84 17.17
CA ARG A 1024 -30.32 -34.97 16.35
C ARG A 1024 -31.30 -36.15 16.35
N PHE A 1025 -31.42 -36.80 15.22
CA PHE A 1025 -32.38 -37.88 15.06
C PHE A 1025 -31.67 -39.22 15.12
N GLY A 1026 -32.32 -40.15 15.83
CA GLY A 1026 -31.81 -41.52 16.01
C GLY A 1026 -32.87 -42.59 15.73
N HIS A 1027 -32.49 -43.85 15.93
CA HIS A 1027 -33.44 -44.96 15.75
C HIS A 1027 -34.54 -44.92 16.84
N ASN A 1028 -35.70 -44.39 16.44
CA ASN A 1028 -36.90 -44.18 17.30
C ASN A 1028 -36.67 -43.31 18.52
N VAL A 1029 -35.74 -42.38 18.36
CA VAL A 1029 -35.35 -41.46 19.42
C VAL A 1029 -35.00 -40.10 18.78
N ILE A 1030 -35.09 -39.08 19.61
CA ILE A 1030 -34.58 -37.75 19.33
C ILE A 1030 -33.49 -37.55 20.37
N HIS A 1031 -32.36 -37.00 19.94
CA HIS A 1031 -31.31 -36.56 20.88
C HIS A 1031 -31.39 -35.05 20.97
N ILE A 1032 -31.31 -34.56 22.18
CA ILE A 1032 -31.36 -33.16 22.49
C ILE A 1032 -30.09 -32.86 23.26
N ASP A 1033 -29.21 -32.05 22.68
CA ASP A 1033 -27.86 -31.83 23.20
C ASP A 1033 -27.31 -30.50 22.77
N PRO A 1034 -27.96 -29.40 23.22
CA PRO A 1034 -27.59 -28.07 22.83
C PRO A 1034 -26.23 -27.65 23.37
N VAL A 1035 -25.50 -26.88 22.58
CA VAL A 1035 -24.31 -26.22 23.02
C VAL A 1035 -24.55 -24.84 22.59
N VAL A 1036 -25.12 -24.05 23.49
CA VAL A 1036 -25.53 -22.68 23.17
C VAL A 1036 -25.07 -21.74 24.26
N THR A 1037 -25.05 -20.45 23.91
CA THR A 1037 -24.58 -19.39 24.77
C THR A 1037 -25.79 -18.81 25.47
N LYS A 1038 -25.50 -17.96 26.45
CA LYS A 1038 -26.53 -17.26 27.23
C LYS A 1038 -27.44 -16.43 26.38
N GLU A 1039 -26.94 -15.97 25.28
CA GLU A 1039 -27.70 -15.14 24.40
C GLU A 1039 -28.85 -15.93 23.65
N LEU A 1040 -28.68 -17.23 23.44
CA LEU A 1040 -29.79 -18.07 22.98
C LEU A 1040 -30.87 -18.34 24.08
N ASP A 1041 -30.68 -17.78 25.28
CA ASP A 1041 -31.65 -17.94 26.36
C ASP A 1041 -32.89 -17.11 26.01
N GLY A 1042 -34.05 -17.77 26.01
CA GLY A 1042 -35.33 -17.18 25.58
C GLY A 1042 -35.64 -17.24 24.07
N VAL A 1043 -34.70 -17.78 23.30
CA VAL A 1043 -34.81 -17.91 21.84
C VAL A 1043 -35.45 -19.27 21.54
N THR A 1044 -36.31 -19.29 20.54
CA THR A 1044 -36.98 -20.51 20.15
C THR A 1044 -36.58 -20.98 18.76
N LEU A 1045 -36.35 -22.29 18.62
CA LEU A 1045 -36.17 -22.90 17.30
C LEU A 1045 -37.44 -23.62 16.92
N GLN A 1046 -38.04 -23.17 15.83
CA GLN A 1046 -39.06 -23.96 15.17
C GLN A 1046 -38.40 -24.99 14.33
N PHE A 1047 -38.83 -26.23 14.46
CA PHE A 1047 -38.22 -27.35 13.73
C PHE A 1047 -39.19 -28.49 13.62
N THR A 1048 -39.25 -29.09 12.43
CA THR A 1048 -40.16 -30.22 12.16
C THR A 1048 -39.42 -31.52 12.51
N CYS A 1049 -39.98 -32.25 13.47
CA CYS A 1049 -39.42 -33.47 14.01
C CYS A 1049 -40.35 -34.65 13.77
N PHE A 1050 -39.85 -35.65 13.04
CA PHE A 1050 -40.64 -36.82 12.59
C PHE A 1050 -41.97 -36.37 12.01
N GLY A 1051 -41.94 -35.32 11.22
CA GLY A 1051 -43.17 -34.87 10.57
C GLY A 1051 -44.07 -33.95 11.39
N LYS A 1052 -43.61 -33.61 12.58
CA LYS A 1052 -44.38 -32.78 13.48
C LYS A 1052 -43.62 -31.49 13.80
N THR A 1053 -44.27 -30.38 13.59
CA THR A 1053 -43.68 -29.10 13.88
C THR A 1053 -43.67 -28.86 15.36
N VAL A 1054 -42.47 -28.60 15.90
CA VAL A 1054 -42.27 -28.29 17.32
C VAL A 1054 -41.51 -27.00 17.51
N PHE A 1055 -41.58 -26.48 18.72
CA PHE A 1055 -40.95 -25.22 19.08
C PHE A 1055 -40.11 -25.47 20.31
N PHE A 1056 -38.81 -25.49 20.12
CA PHE A 1056 -37.81 -25.73 21.18
C PHE A 1056 -37.36 -24.41 21.71
N THR A 1057 -37.77 -24.08 22.93
CA THR A 1057 -37.36 -22.86 23.56
C THR A 1057 -36.16 -23.14 24.50
N TYR A 1058 -35.06 -22.41 24.32
CA TYR A 1058 -33.86 -22.58 25.12
C TYR A 1058 -33.83 -21.69 26.39
N HIS A 1059 -33.44 -22.35 27.48
CA HIS A 1059 -33.09 -21.73 28.74
C HIS A 1059 -31.70 -22.16 29.17
N VAL A 1060 -30.85 -21.18 29.42
CA VAL A 1060 -29.49 -21.46 29.88
C VAL A 1060 -29.45 -21.14 31.36
N ASP A 1061 -29.40 -22.17 32.18
CA ASP A 1061 -29.44 -22.04 33.65
C ASP A 1061 -28.18 -22.66 34.28
N ASP A 1062 -27.20 -21.80 34.55
CA ASP A 1062 -25.95 -22.20 35.27
C ASP A 1062 -26.19 -22.81 36.67
N THR A 1063 -27.37 -22.56 37.27
CA THR A 1063 -27.71 -23.02 38.65
C THR A 1063 -28.45 -24.36 38.75
N MET A 1064 -28.69 -25.02 37.63
CA MET A 1064 -29.33 -26.35 37.66
C MET A 1064 -28.49 -27.39 38.35
N ASP A 1065 -29.16 -28.40 38.88
CA ASP A 1065 -28.46 -29.54 39.46
C ASP A 1065 -28.00 -30.48 38.36
N LYS A 1066 -28.88 -30.74 37.40
CA LYS A 1066 -28.55 -31.63 36.27
C LYS A 1066 -28.04 -30.82 35.06
N HIS A 1067 -27.56 -31.51 34.02
CA HIS A 1067 -27.04 -30.82 32.86
C HIS A 1067 -28.17 -30.33 31.96
N ILE A 1068 -29.16 -31.20 31.79
CA ILE A 1068 -30.17 -30.97 30.84
C ILE A 1068 -31.53 -31.43 31.35
N CYS A 1069 -32.55 -30.67 30.96
CA CYS A 1069 -33.92 -30.98 31.28
C CYS A 1069 -34.84 -30.49 30.16
N VAL A 1070 -35.73 -31.35 29.70
CA VAL A 1070 -36.64 -31.00 28.63
C VAL A 1070 -38.10 -31.13 29.12
N LYS A 1071 -38.85 -30.04 29.05
CA LYS A 1071 -40.26 -29.97 29.51
C LYS A 1071 -41.28 -29.61 28.42
N SER A 1072 -42.43 -30.28 28.44
CA SER A 1072 -43.61 -29.92 27.64
C SER A 1072 -44.81 -29.84 28.54
N ASN A 1073 -45.55 -28.73 28.46
CA ASN A 1073 -46.65 -28.45 29.40
C ASN A 1073 -46.24 -28.67 30.86
N ASN A 1074 -45.05 -28.18 31.19
CA ASN A 1074 -44.36 -28.45 32.50
C ASN A 1074 -43.98 -29.91 32.88
N ASN A 1075 -44.27 -30.89 32.04
CA ASN A 1075 -43.89 -32.31 32.33
C ASN A 1075 -42.51 -32.56 31.80
N ILE A 1076 -41.65 -33.11 32.65
CA ILE A 1076 -40.29 -33.47 32.28
C ILE A 1076 -40.34 -34.72 31.43
N LEU A 1077 -39.75 -34.66 30.24
CA LEU A 1077 -39.67 -35.83 29.38
C LEU A 1077 -38.66 -36.85 29.91
N PRO A 1078 -39.06 -38.12 30.07
CA PRO A 1078 -38.10 -39.11 30.53
C PRO A 1078 -37.13 -39.48 29.41
N GLY A 1079 -35.93 -39.87 29.77
CA GLY A 1079 -34.95 -40.36 28.83
C GLY A 1079 -33.62 -40.70 29.48
N ASP A 1080 -32.61 -40.96 28.66
CA ASP A 1080 -31.30 -41.45 29.14
C ASP A 1080 -30.23 -40.45 28.77
N ASN A 1081 -29.21 -40.33 29.60
CA ASN A 1081 -28.18 -39.34 29.29
C ASN A 1081 -27.27 -39.90 28.20
N LEU A 1082 -26.78 -39.03 27.34
CA LEU A 1082 -25.90 -39.45 26.28
C LEU A 1082 -24.46 -39.56 26.79
N ASN A 1083 -23.68 -40.43 26.17
CA ASN A 1083 -22.27 -40.57 26.54
C ASN A 1083 -21.42 -39.51 25.94
N ASN A 1084 -20.58 -38.92 26.77
CA ASN A 1084 -19.66 -37.88 26.32
C ASN A 1084 -18.54 -37.81 27.34
N ILE A 1085 -17.31 -38.11 26.90
CA ILE A 1085 -16.16 -38.12 27.78
C ILE A 1085 -15.64 -36.74 28.20
N TYR A 1086 -16.06 -35.66 27.54
CA TYR A 1086 -15.51 -34.32 27.82
C TYR A 1086 -16.40 -33.43 28.70
N ARG A 1087 -17.64 -33.82 28.92
CA ARG A 1087 -18.66 -32.94 29.54
C ARG A 1087 -19.85 -33.79 29.84
N ASP A 1088 -20.82 -33.24 30.53
CA ASP A 1088 -22.13 -33.92 30.68
C ASP A 1088 -22.82 -34.01 29.33
N GLY A 1089 -23.47 -35.17 29.11
CA GLY A 1089 -24.10 -35.50 27.87
C GLY A 1089 -25.51 -34.96 27.77
N GLY A 1090 -26.04 -34.98 26.56
CA GLY A 1090 -27.41 -34.60 26.32
C GLY A 1090 -28.36 -35.69 26.81
N ILE A 1091 -29.57 -35.68 26.25
CA ILE A 1091 -30.63 -36.60 26.60
C ILE A 1091 -31.22 -37.29 25.35
N GLN A 1092 -31.40 -38.61 25.44
CA GLN A 1092 -32.08 -39.39 24.42
C GLN A 1092 -33.52 -39.64 24.89
N ILE A 1093 -34.48 -39.16 24.12
CA ILE A 1093 -35.93 -39.28 24.41
C ILE A 1093 -36.56 -40.12 23.34
N ALA A 1094 -37.33 -41.11 23.75
CA ALA A 1094 -38.02 -41.98 22.81
C ALA A 1094 -39.00 -41.20 21.90
N LYS A 1095 -39.11 -41.65 20.67
CA LYS A 1095 -39.97 -40.98 19.64
C LYS A 1095 -41.44 -40.91 20.02
N ASP A 1096 -41.96 -42.06 20.42
CA ASP A 1096 -43.37 -42.11 20.86
C ASP A 1096 -43.64 -41.16 22.06
N VAL A 1097 -42.73 -41.13 23.03
CA VAL A 1097 -42.82 -40.21 24.18
C VAL A 1097 -42.81 -38.75 23.74
N PHE A 1098 -41.77 -38.44 22.96
CA PHE A 1098 -41.62 -37.12 22.35
C PHE A 1098 -42.92 -36.68 21.62
N LEU A 1099 -43.40 -37.52 20.71
CA LEU A 1099 -44.60 -37.19 19.88
C LEU A 1099 -45.88 -37.07 20.67
N SER A 1100 -46.02 -37.97 21.63
CA SER A 1100 -47.14 -37.95 22.55
C SER A 1100 -47.20 -36.59 23.28
N ALA A 1101 -46.12 -36.20 23.95
CA ALA A 1101 -45.97 -34.85 24.52
C ALA A 1101 -46.31 -33.72 23.52
N ALA A 1102 -45.88 -33.90 22.28
CA ALA A 1102 -46.04 -32.85 21.25
C ALA A 1102 -47.50 -32.65 20.78
N MET A 1103 -48.28 -33.71 20.85
CA MET A 1103 -49.73 -33.66 20.55
C MET A 1103 -50.47 -32.68 21.47
N SER A 1104 -50.17 -32.69 22.75
CA SER A 1104 -50.81 -31.77 23.73
C SER A 1104 -50.19 -30.38 23.77
N ASP A 1105 -48.87 -30.30 23.66
CA ASP A 1105 -48.13 -29.03 23.78
C ASP A 1105 -46.80 -29.17 23.07
N ASN A 1106 -46.74 -28.59 21.88
CA ASN A 1106 -45.55 -28.71 21.02
C ASN A 1106 -44.50 -27.60 21.24
N ASN A 1107 -44.67 -26.78 22.28
CA ASN A 1107 -43.61 -25.89 22.76
C ASN A 1107 -42.80 -26.67 23.78
N PHE A 1108 -41.66 -27.21 23.38
CA PHE A 1108 -40.71 -27.90 24.32
C PHE A 1108 -39.74 -26.90 24.91
N HIS A 1109 -39.58 -26.93 26.21
CA HIS A 1109 -38.62 -26.05 26.86
C HIS A 1109 -37.40 -26.86 27.23
N ILE A 1110 -36.23 -26.45 26.71
CA ILE A 1110 -34.96 -27.09 27.04
C ILE A 1110 -34.20 -26.20 27.99
N TYR A 1111 -33.85 -26.77 29.14
CA TYR A 1111 -33.09 -26.11 30.20
C TYR A 1111 -31.72 -26.79 30.16
N VAL A 1112 -30.67 -26.01 29.99
CA VAL A 1112 -29.32 -26.56 29.79
C VAL A 1112 -28.34 -25.73 30.61
N LYS A 1113 -27.37 -26.41 31.24
CA LYS A 1113 -26.29 -25.70 31.91
C LYS A 1113 -24.94 -25.94 31.23
N ASN A 1114 -24.26 -24.82 31.00
CA ASN A 1114 -22.89 -24.80 30.49
C ASN A 1114 -21.87 -25.00 31.65
N GLY B 2 14.81 54.64 -10.93
CA GLY B 2 13.52 54.01 -11.31
C GLY B 2 12.97 53.35 -10.05
N ILE B 3 11.68 53.57 -9.80
CA ILE B 3 10.98 53.02 -8.65
C ILE B 3 10.16 51.82 -9.10
N LEU B 4 10.38 50.67 -8.49
CA LEU B 4 9.48 49.52 -8.71
C LEU B 4 8.44 49.48 -7.62
N LYS B 5 7.19 49.58 -8.05
CA LYS B 5 6.02 49.45 -7.19
C LYS B 5 5.85 48.02 -6.72
N THR B 6 4.95 47.86 -5.77
CA THR B 6 4.61 46.57 -5.20
C THR B 6 3.36 46.01 -5.86
N LEU B 7 3.34 44.71 -6.05
CA LEU B 7 2.16 44.00 -6.48
C LEU B 7 1.06 44.17 -5.45
N SER B 8 -0.09 44.63 -5.89
CA SER B 8 -1.31 44.55 -5.10
C SER B 8 -2.28 43.66 -5.87
N ALA B 9 -2.94 42.76 -5.19
CA ALA B 9 -3.95 41.90 -5.82
C ALA B 9 -5.15 42.79 -6.21
N PRO B 10 -5.48 42.88 -7.51
CA PRO B 10 -6.51 43.86 -7.92
C PRO B 10 -7.97 43.40 -7.72
N ILE B 11 -8.20 42.13 -7.49
CA ILE B 11 -9.54 41.64 -7.23
C ILE B 11 -9.64 41.45 -5.72
N ILE B 12 -10.52 42.23 -5.10
CA ILE B 12 -10.59 42.31 -3.64
C ILE B 12 -12.03 42.04 -3.22
N LEU B 13 -12.32 40.83 -2.76
CA LEU B 13 -13.62 40.45 -2.24
C LEU B 13 -13.66 40.63 -0.73
N GLU B 14 -14.75 41.22 -0.26
CA GLU B 14 -14.90 41.59 1.14
C GLU B 14 -16.26 41.28 1.64
N ASN B 15 -16.31 40.79 2.84
CA ASN B 15 -17.57 40.58 3.50
C ASN B 15 -17.24 40.48 4.97
N SER B 16 -18.19 40.79 5.82
CA SER B 16 -17.98 40.70 7.25
C SER B 16 -16.80 39.80 7.75
N ASN B 17 -15.76 40.46 8.24
CA ASN B 17 -14.54 39.78 8.77
C ASN B 17 -13.70 39.00 7.78
N SER B 18 -13.97 39.13 6.50
CA SER B 18 -13.22 38.35 5.50
C SER B 18 -12.79 39.25 4.42
N THR B 19 -11.52 39.14 4.05
CA THR B 19 -10.98 39.74 2.83
C THR B 19 -10.28 38.65 2.03
N PHE B 20 -10.83 38.32 0.87
CA PHE B 20 -10.24 37.31 -0.03
C PHE B 20 -9.83 38.01 -1.31
N THR B 21 -8.54 37.98 -1.59
CA THR B 21 -7.99 38.70 -2.72
C THR B 21 -7.52 37.73 -3.79
N PHE B 22 -7.54 38.17 -5.05
CA PHE B 22 -7.16 37.36 -6.21
C PHE B 22 -6.37 38.20 -7.22
N LEU B 23 -5.50 37.50 -7.95
CA LEU B 23 -4.80 38.07 -9.08
C LEU B 23 -5.79 38.15 -10.24
N PRO B 24 -5.48 38.93 -11.30
CA PRO B 24 -6.58 39.26 -12.26
C PRO B 24 -7.06 38.08 -13.09
N GLY B 25 -6.24 37.02 -13.16
CA GLY B 25 -6.70 35.76 -13.71
C GLY B 25 -7.60 34.95 -12.81
N GLY B 26 -7.94 35.48 -11.62
CA GLY B 26 -8.83 34.79 -10.66
C GLY B 26 -8.12 33.74 -9.77
N ASP B 27 -6.81 33.84 -9.73
CA ASP B 27 -5.96 32.98 -8.94
C ASP B 27 -5.94 33.55 -7.56
N ASN B 28 -5.98 32.67 -6.57
CA ASN B 28 -5.96 33.06 -5.18
C ASN B 28 -4.69 33.81 -4.87
N PHE B 29 -4.85 34.89 -4.13
CA PHE B 29 -3.71 35.56 -3.59
C PHE B 29 -3.66 35.36 -2.04
N GLU B 30 -4.49 36.08 -1.30
CA GLU B 30 -4.59 35.94 0.15
C GLU B 30 -6.06 35.87 0.54
N TRP B 31 -6.40 34.78 1.19
CA TRP B 31 -7.73 34.58 1.68
C TRP B 31 -7.60 34.70 3.21
N ILE B 32 -8.16 35.77 3.75
CA ILE B 32 -7.99 36.12 5.17
C ILE B 32 -9.40 36.16 5.72
N HIS B 33 -9.60 35.35 6.76
CA HIS B 33 -10.77 35.43 7.64
C HIS B 33 -10.28 35.79 9.07
N GLU B 34 -10.76 36.95 9.50
CA GLU B 34 -10.35 37.60 10.74
C GLU B 34 -8.84 37.79 10.63
N SER B 35 -8.03 37.00 11.29
CA SER B 35 -6.56 37.20 11.07
C SER B 35 -5.83 35.90 10.66
N ILE B 36 -6.60 35.00 10.07
CA ILE B 36 -6.18 33.68 9.70
C ILE B 36 -6.09 33.59 8.20
N MET B 37 -4.92 33.23 7.69
CA MET B 37 -4.77 32.97 6.28
C MET B 37 -5.18 31.51 6.03
N ILE B 38 -6.15 31.34 5.16
CA ILE B 38 -6.74 30.07 4.84
C ILE B 38 -5.92 29.28 3.79
N ASN B 39 -5.51 29.93 2.71
CA ASN B 39 -4.65 29.29 1.71
C ASN B 39 -3.22 29.22 2.20
N ALA B 40 -2.48 28.30 1.63
CA ALA B 40 -1.07 28.07 2.04
C ALA B 40 -0.06 28.93 1.21
N PHE B 41 -0.37 29.10 -0.08
CA PHE B 41 0.52 29.81 -1.02
C PHE B 41 -0.22 30.89 -1.72
N GLN B 42 0.47 32.01 -1.83
CA GLN B 42 0.05 33.11 -2.63
C GLN B 42 0.26 32.69 -4.07
N GLY B 43 -0.74 32.98 -4.90
CA GLY B 43 -0.58 32.88 -6.33
C GLY B 43 0.47 33.85 -6.83
N ASN B 44 0.99 33.55 -8.00
CA ASN B 44 1.86 34.50 -8.70
C ASN B 44 1.31 34.73 -10.11
N THR B 45 1.79 35.79 -10.76
CA THR B 45 1.22 36.28 -12.03
C THR B 45 1.50 35.41 -13.26
N LEU B 46 2.52 34.56 -13.17
CA LEU B 46 2.85 33.62 -14.25
C LEU B 46 2.32 32.22 -14.11
N ASP B 47 2.29 31.65 -12.92
CA ASP B 47 1.86 30.24 -12.75
C ASP B 47 0.42 30.20 -12.29
N GLY B 48 -0.04 31.32 -11.71
CA GLY B 48 -1.33 31.32 -10.99
C GLY B 48 -1.15 30.80 -9.59
N SER B 49 -2.15 30.10 -9.13
CA SER B 49 -2.23 29.61 -7.74
C SER B 49 -2.34 28.10 -7.72
N THR B 50 -2.12 27.53 -6.54
CA THR B 50 -2.02 26.08 -6.34
C THR B 50 -3.38 25.38 -6.37
N ASN B 51 -4.42 26.16 -6.06
CA ASN B 51 -5.77 25.60 -5.96
C ASN B 51 -6.38 25.58 -7.32
N ASN B 52 -7.41 24.79 -7.50
CA ASN B 52 -8.18 24.79 -8.75
C ASN B 52 -9.44 23.97 -8.62
N LEU B 53 -10.23 23.95 -9.68
CA LEU B 53 -11.39 23.06 -9.87
C LEU B 53 -11.28 22.44 -11.23
N TYR B 54 -11.25 21.11 -11.31
CA TYR B 54 -10.90 20.38 -12.55
C TYR B 54 -12.07 19.64 -13.09
N LEU B 55 -12.45 19.95 -14.32
CA LEU B 55 -13.49 19.20 -15.01
C LEU B 55 -12.82 18.07 -15.75
N ARG B 56 -13.26 16.86 -15.50
CA ARG B 56 -12.69 15.71 -16.27
C ARG B 56 -13.71 15.04 -17.13
N ILE B 57 -13.27 14.62 -18.31
CA ILE B 57 -14.17 14.08 -19.30
C ILE B 57 -13.62 12.73 -19.73
N TYR B 58 -14.45 11.70 -19.58
CA TYR B 58 -14.04 10.34 -19.81
C TYR B 58 -14.61 9.90 -21.12
N LYS B 59 -13.76 9.38 -22.00
CA LYS B 59 -14.24 8.82 -23.31
C LYS B 59 -13.71 7.42 -23.46
N ASP B 60 -14.14 6.73 -24.50
CA ASP B 60 -13.74 5.34 -24.69
C ASP B 60 -12.22 5.19 -24.83
N ASN B 61 -11.57 6.19 -25.42
CA ASN B 61 -10.14 6.16 -25.67
C ASN B 61 -9.36 7.31 -25.07
N SER B 62 -9.97 8.06 -24.17
CA SER B 62 -9.20 9.08 -23.46
C SER B 62 -9.82 9.55 -22.16
N LEU B 63 -8.99 10.20 -21.36
CA LEU B 63 -9.41 10.99 -20.24
C LEU B 63 -8.81 12.37 -20.40
N ALA B 64 -9.67 13.37 -20.23
CA ALA B 64 -9.25 14.77 -20.33
C ALA B 64 -9.56 15.45 -19.03
N PHE B 65 -8.81 16.49 -18.71
CA PHE B 65 -8.99 17.25 -17.49
C PHE B 65 -8.70 18.73 -17.81
N TYR B 66 -9.56 19.60 -17.31
CA TYR B 66 -9.46 21.07 -17.57
C TYR B 66 -9.61 21.91 -16.35
N PRO B 67 -8.62 22.78 -16.06
CA PRO B 67 -8.83 23.68 -14.94
C PRO B 67 -9.88 24.70 -15.24
N LEU B 68 -10.79 24.95 -14.31
CA LEU B 68 -11.92 25.90 -14.53
C LEU B 68 -11.71 27.32 -14.03
N ILE B 69 -10.80 27.50 -13.08
CA ILE B 69 -10.49 28.81 -12.52
C ILE B 69 -9.01 29.17 -12.72
N GLY B 70 -8.68 30.41 -12.45
CA GLY B 70 -7.33 30.86 -12.56
C GLY B 70 -6.91 31.15 -13.99
N MET B 71 -5.78 31.75 -14.07
CA MET B 71 -5.22 32.17 -15.30
C MET B 71 -4.94 31.02 -16.31
N ASN B 72 -4.70 29.80 -15.84
CA ASN B 72 -4.59 28.65 -16.77
C ASN B 72 -5.92 28.13 -17.36
N SER B 73 -7.05 28.62 -16.88
CA SER B 73 -8.36 28.13 -17.33
C SER B 73 -8.83 28.74 -18.66
N LYS B 74 -8.37 29.93 -19.00
CA LYS B 74 -9.07 30.71 -20.06
C LYS B 74 -10.61 30.92 -19.80
N SER B 75 -10.94 31.23 -18.54
CA SER B 75 -12.25 31.71 -18.16
C SER B 75 -12.28 33.23 -18.27
N THR B 76 -13.41 33.81 -18.68
CA THR B 76 -13.63 35.25 -18.51
C THR B 76 -14.21 35.43 -17.12
N ILE B 77 -14.11 36.65 -16.62
CA ILE B 77 -14.41 36.91 -15.23
C ILE B 77 -15.28 38.15 -15.05
N LYS B 78 -16.29 37.99 -14.20
CA LYS B 78 -17.09 39.08 -13.64
C LYS B 78 -16.97 39.10 -12.14
N SER B 79 -16.91 40.30 -11.55
CA SER B 79 -16.82 40.43 -10.09
C SER B 79 -17.76 41.45 -9.50
N GLY B 80 -18.15 41.18 -8.26
CA GLY B 80 -18.90 42.14 -7.43
C GLY B 80 -18.04 42.40 -6.19
N THR B 81 -18.68 42.85 -5.13
CA THR B 81 -17.98 43.15 -3.88
C THR B 81 -17.55 41.86 -3.17
N SER B 82 -18.33 40.79 -3.34
CA SER B 82 -18.07 39.51 -2.68
C SER B 82 -18.31 38.29 -3.54
N THR B 83 -18.26 38.46 -4.86
CA THR B 83 -18.63 37.40 -5.78
C THR B 83 -17.73 37.48 -6.98
N LEU B 84 -17.34 36.31 -7.49
CA LEU B 84 -16.69 36.15 -8.79
C LEU B 84 -17.44 35.13 -9.63
N ILE B 85 -17.63 35.44 -10.90
CA ILE B 85 -18.25 34.52 -11.86
C ILE B 85 -17.21 34.25 -12.95
N PHE B 86 -16.78 33.00 -12.99
CA PHE B 86 -15.92 32.49 -14.05
C PHE B 86 -16.78 31.82 -15.11
N GLU B 87 -16.59 32.17 -16.38
CA GLU B 87 -17.27 31.52 -17.51
C GLU B 87 -16.30 31.06 -18.58
N GLY B 88 -16.63 29.98 -19.27
CA GLY B 88 -15.79 29.45 -20.33
C GLY B 88 -16.35 28.16 -20.86
N THR B 89 -15.59 27.51 -21.71
CA THR B 89 -16.00 26.21 -22.23
C THR B 89 -14.86 25.23 -22.13
N ALA B 90 -15.18 23.95 -22.01
CA ALA B 90 -14.16 22.91 -22.03
C ALA B 90 -14.70 21.88 -22.98
N GLU B 91 -14.06 21.75 -24.12
CA GLU B 91 -14.57 20.92 -25.20
C GLU B 91 -16.03 21.36 -25.52
N ASP B 92 -17.00 20.48 -25.33
CA ASP B 92 -18.40 20.73 -25.61
C ASP B 92 -19.25 21.11 -24.39
N ILE B 93 -18.60 21.49 -23.28
CA ILE B 93 -19.30 21.77 -22.03
C ILE B 93 -19.14 23.25 -21.71
N SER B 94 -20.25 23.95 -21.61
CA SER B 94 -20.24 25.33 -21.11
C SER B 94 -20.21 25.29 -19.62
N TYR B 95 -19.41 26.14 -19.02
CA TYR B 95 -19.41 26.16 -17.56
C TYR B 95 -19.48 27.56 -17.03
N THR B 96 -20.05 27.63 -15.84
CA THR B 96 -19.92 28.80 -14.99
C THR B 96 -19.52 28.34 -13.57
N VAL B 97 -18.49 28.98 -13.02
CA VAL B 97 -18.10 28.85 -11.61
C VAL B 97 -18.32 30.17 -10.87
N THR B 98 -19.16 30.16 -9.88
CA THR B 98 -19.45 31.34 -9.06
C THR B 98 -18.77 31.15 -7.71
N PHE B 99 -17.87 32.06 -7.39
CA PHE B 99 -17.29 32.13 -6.09
C PHE B 99 -18.07 33.12 -5.25
N ARG B 100 -18.55 32.66 -4.09
CA ARG B 100 -19.22 33.50 -3.09
C ARG B 100 -18.46 33.54 -1.79
N LEU B 101 -18.13 34.77 -1.36
CA LEU B 101 -17.64 35.05 -0.01
C LEU B 101 -18.82 35.59 0.80
N THR B 102 -19.29 34.80 1.76
CA THR B 102 -20.48 35.16 2.57
C THR B 102 -20.05 35.92 3.83
N PRO B 103 -21.02 36.45 4.61
CA PRO B 103 -20.62 37.06 5.87
C PRO B 103 -20.21 36.08 6.97
N TYR B 104 -20.34 34.77 6.75
CA TYR B 104 -20.21 33.78 7.83
C TYR B 104 -18.85 33.10 8.00
N GLY B 105 -17.82 33.65 7.37
CA GLY B 105 -16.53 32.93 7.28
C GLY B 105 -16.70 31.65 6.47
N ILE B 106 -17.67 31.67 5.57
CA ILE B 106 -17.98 30.53 4.70
C ILE B 106 -17.95 31.03 3.25
N TRP B 107 -17.35 30.21 2.37
CA TRP B 107 -17.31 30.48 0.95
C TRP B 107 -17.85 29.30 0.17
N PHE B 108 -18.26 29.56 -1.07
CA PHE B 108 -18.75 28.55 -1.99
C PHE B 108 -18.14 28.76 -3.37
N TRP B 109 -17.87 27.65 -4.04
CA TRP B 109 -17.65 27.60 -5.47
C TRP B 109 -18.88 26.89 -6.00
N ASP B 110 -19.77 27.64 -6.64
CA ASP B 110 -20.97 27.06 -7.26
C ASP B 110 -20.64 26.78 -8.71
N ILE B 111 -20.76 25.51 -9.07
CA ILE B 111 -20.44 25.07 -10.40
C ILE B 111 -21.76 24.80 -11.15
N SER B 112 -21.87 25.35 -12.36
CA SER B 112 -22.93 25.00 -13.31
C SER B 112 -22.30 24.48 -14.61
N LEU B 113 -22.69 23.29 -15.02
CA LEU B 113 -22.24 22.69 -16.27
C LEU B 113 -23.44 22.50 -17.22
N SER B 114 -23.26 22.89 -18.49
CA SER B 114 -24.28 22.78 -19.56
C SER B 114 -23.69 22.15 -20.78
N GLY B 115 -24.25 21.01 -21.16
CA GLY B 115 -23.74 20.29 -22.30
C GLY B 115 -24.22 18.85 -22.38
N ASN B 116 -23.63 18.15 -23.34
CA ASN B 116 -23.94 16.77 -23.60
C ASN B 116 -22.65 15.93 -23.53
N CYS B 117 -22.63 15.02 -22.54
CA CYS B 117 -21.47 14.30 -22.07
C CYS B 117 -21.86 12.99 -21.52
N ASN B 118 -21.21 11.91 -21.95
CA ASN B 118 -21.49 10.61 -21.37
C ASN B 118 -21.00 10.46 -19.89
N LYS B 119 -19.76 10.88 -19.63
CA LYS B 119 -19.12 10.68 -18.32
C LYS B 119 -18.13 11.80 -17.97
N ALA B 120 -18.42 12.49 -16.88
CA ALA B 120 -17.57 13.58 -16.41
C ALA B 120 -17.51 13.52 -14.90
N ASP B 121 -16.44 14.07 -14.32
CA ASP B 121 -16.47 14.40 -12.92
C ASP B 121 -15.80 15.71 -12.66
N ILE B 122 -15.86 16.16 -11.42
CA ILE B 122 -15.11 17.32 -10.96
C ILE B 122 -14.18 16.91 -9.81
N ILE B 123 -12.98 17.49 -9.84
CA ILE B 123 -12.05 17.44 -8.71
C ILE B 123 -11.89 18.86 -8.14
N TYR B 124 -12.21 18.97 -6.87
CA TYR B 124 -11.90 20.17 -6.05
C TYR B 124 -10.46 20.02 -5.46
N SER B 125 -9.68 21.11 -5.50
CA SER B 125 -8.27 21.13 -5.14
C SER B 125 -7.95 22.46 -4.42
N GLN B 126 -7.57 22.37 -3.15
CA GLN B 126 -7.30 23.55 -2.34
C GLN B 126 -6.12 23.39 -1.38
N ASP B 127 -5.09 24.21 -1.57
CA ASP B 127 -3.97 24.29 -0.62
C ASP B 127 -4.43 25.08 0.61
N ILE B 128 -4.17 24.53 1.80
CA ILE B 128 -4.62 25.20 3.05
C ILE B 128 -3.47 25.46 4.02
N GLY B 129 -3.46 26.68 4.57
CA GLY B 129 -2.41 27.11 5.53
C GLY B 129 -2.98 27.01 6.94
N VAL B 130 -3.96 27.87 7.18
CA VAL B 130 -4.73 27.89 8.43
C VAL B 130 -3.82 28.32 9.58
N GLY B 131 -3.28 29.51 9.43
CA GLY B 131 -2.43 30.14 10.44
C GLY B 131 -2.44 31.63 10.23
N THR B 132 -1.71 32.37 11.05
CA THR B 132 -1.52 33.78 10.76
C THR B 132 -0.73 33.92 9.46
N LYS B 133 -0.94 35.05 8.81
CA LYS B 133 -0.16 35.42 7.60
C LYS B 133 1.33 35.23 7.86
N GLY B 134 1.79 35.74 9.00
CA GLY B 134 3.16 35.56 9.47
C GLY B 134 3.64 34.09 9.50
N SER B 135 2.81 33.19 10.06
CA SER B 135 3.19 31.76 10.19
C SER B 135 3.30 31.07 8.84
N VAL B 136 2.34 31.38 7.97
CA VAL B 136 2.30 30.77 6.63
C VAL B 136 3.53 31.16 5.81
N ASN B 137 3.80 32.47 5.78
CA ASN B 137 4.94 33.00 5.05
C ASN B 137 6.28 32.48 5.63
N SER B 138 6.30 32.36 6.95
CA SER B 138 7.53 31.99 7.65
C SER B 138 7.98 30.57 7.27
N ASN B 139 7.07 29.61 7.36
CA ASN B 139 7.35 28.24 6.95
C ASN B 139 6.05 27.43 6.70
N GLU B 140 5.70 27.24 5.43
CA GLU B 140 4.46 26.51 5.09
C GLU B 140 4.46 25.07 5.55
N LEU B 141 5.64 24.48 5.51
CA LEU B 141 5.82 23.04 5.73
C LEU B 141 5.55 22.76 7.18
N TYR B 142 6.16 23.61 8.01
CA TYR B 142 6.06 23.53 9.47
C TYR B 142 4.63 23.77 9.95
N LEU B 143 3.99 24.77 9.40
CA LEU B 143 2.55 25.02 9.70
C LEU B 143 1.68 23.78 9.39
N ALA B 144 1.91 23.20 8.22
CA ALA B 144 1.28 21.91 7.78
C ALA B 144 1.39 20.71 8.74
N GLN B 145 2.56 20.61 9.37
CA GLN B 145 2.85 19.54 10.34
C GLN B 145 1.89 19.47 11.55
N TYR B 146 1.31 20.62 11.90
CA TYR B 146 0.45 20.82 13.08
C TYR B 146 -1.01 20.98 12.70
N LEU B 147 -1.30 20.88 11.39
CA LEU B 147 -2.69 20.98 10.90
C LEU B 147 -3.27 19.58 10.80
N GLY B 148 -4.09 19.18 11.81
CA GLY B 148 -4.66 17.83 11.86
C GLY B 148 -6.03 17.75 11.18
N HIS B 149 -6.15 16.79 10.27
CA HIS B 149 -7.32 16.57 9.43
C HIS B 149 -8.08 15.39 9.99
N SER B 150 -9.39 15.60 10.16
CA SER B 150 -10.36 14.58 10.48
C SER B 150 -11.37 14.47 9.32
N ILE B 151 -11.66 13.25 8.90
CA ILE B 151 -12.52 12.95 7.76
C ILE B 151 -13.88 12.34 8.23
N PHE B 152 -14.97 12.84 7.72
CA PHE B 152 -16.31 12.30 7.99
C PHE B 152 -17.08 12.15 6.72
N GLN B 153 -18.11 11.31 6.81
CA GLN B 153 -19.16 11.21 5.81
C GLN B 153 -20.27 12.18 6.20
N GLY B 154 -20.53 13.16 5.37
CA GLY B 154 -21.67 14.09 5.58
C GLY B 154 -22.88 13.68 4.74
N ASP B 155 -23.77 14.63 4.47
CA ASP B 155 -24.90 14.41 3.56
C ASP B 155 -24.42 14.11 2.13
N TYR B 156 -23.28 14.68 1.72
CA TYR B 156 -22.80 14.54 0.35
C TYR B 156 -21.36 13.98 0.27
N GLY B 157 -21.17 12.90 1.00
CA GLY B 157 -19.93 12.12 1.00
C GLY B 157 -18.90 12.75 1.93
N TYR B 158 -17.66 12.81 1.45
CA TYR B 158 -16.55 13.17 2.32
C TYR B 158 -16.55 14.66 2.68
N VAL B 159 -16.30 14.92 3.95
CA VAL B 159 -16.06 16.24 4.48
C VAL B 159 -14.78 16.25 5.32
N ILE B 160 -13.95 17.23 5.02
CA ILE B 160 -12.63 17.36 5.60
C ILE B 160 -12.68 18.54 6.57
N CYS B 161 -12.41 18.23 7.83
CA CYS B 161 -12.30 19.19 8.91
C CYS B 161 -10.84 19.24 9.37
N SER B 162 -10.36 20.41 9.69
CA SER B 162 -8.94 20.55 9.99
C SER B 162 -8.80 21.48 11.16
N ARG B 163 -7.97 21.10 12.12
CA ARG B 163 -7.71 21.93 13.28
C ARG B 163 -6.22 22.26 13.30
N GLN B 164 -5.93 23.55 13.39
CA GLN B 164 -4.54 23.97 13.57
C GLN B 164 -4.15 23.88 15.07
N ASN B 165 -3.20 23.00 15.36
CA ASN B 165 -2.87 22.61 16.74
C ASN B 165 -1.79 23.50 17.39
N MET B 166 -1.12 24.32 16.58
CA MET B 166 -0.10 25.20 17.10
C MET B 166 -0.83 26.50 17.24
N ALA B 167 -0.77 27.09 18.41
CA ALA B 167 -1.50 28.37 18.67
C ALA B 167 -1.12 29.51 17.70
N GLN B 168 -2.14 30.21 17.22
CA GLN B 168 -1.99 31.31 16.28
C GLN B 168 -2.60 32.53 16.96
N GLY B 169 -1.73 33.37 17.52
CA GLY B 169 -2.18 34.49 18.37
C GLY B 169 -3.26 34.07 19.36
N ASP B 170 -2.94 33.06 20.17
CA ASP B 170 -3.84 32.44 21.21
C ASP B 170 -4.88 31.42 20.74
N LEU B 171 -5.22 31.43 19.46
CA LEU B 171 -6.37 30.70 18.95
C LEU B 171 -5.94 29.44 18.22
N PHE B 172 -6.83 28.46 18.17
CA PHE B 172 -6.62 27.23 17.41
C PHE B 172 -7.59 27.21 16.25
N PRO B 173 -7.16 27.72 15.09
CA PRO B 173 -8.11 27.85 13.97
C PRO B 173 -8.45 26.53 13.28
N TYR B 174 -9.43 26.63 12.40
CA TYR B 174 -10.22 25.49 11.96
C TYR B 174 -10.73 25.71 10.60
N LEU B 175 -10.75 24.65 9.78
CA LEU B 175 -11.38 24.66 8.47
C LEU B 175 -12.29 23.44 8.32
N GLN B 176 -13.31 23.59 7.48
CA GLN B 176 -14.13 22.49 7.04
C GLN B 176 -14.36 22.68 5.57
N GLN B 177 -14.25 21.59 4.82
CA GLN B 177 -14.45 21.61 3.38
C GLN B 177 -15.24 20.40 2.91
N GLY B 178 -16.16 20.64 1.98
CA GLY B 178 -16.96 19.56 1.40
C GLY B 178 -17.77 20.00 0.18
N SER B 179 -18.74 19.18 -0.18
CA SER B 179 -19.53 19.38 -1.35
C SER B 179 -21.03 19.49 -0.96
N LEU B 180 -21.79 20.13 -1.84
CA LEU B 180 -23.26 20.30 -1.68
C LEU B 180 -23.97 20.08 -2.99
N GLY B 181 -24.91 19.13 -3.00
CA GLY B 181 -25.71 18.80 -4.21
C GLY B 181 -25.05 17.72 -5.06
N ILE B 182 -23.88 17.26 -4.65
CA ILE B 182 -23.16 16.17 -5.33
C ILE B 182 -22.30 15.47 -4.27
N ARG B 183 -22.18 14.15 -4.38
CA ARG B 183 -21.36 13.39 -3.48
C ARG B 183 -19.86 13.49 -3.81
N SER B 184 -19.06 13.80 -2.81
CA SER B 184 -17.60 13.63 -2.89
C SER B 184 -17.26 12.18 -2.57
N ILE B 185 -16.83 11.41 -3.58
CA ILE B 185 -16.63 9.98 -3.36
C ILE B 185 -15.19 9.56 -2.98
N ALA B 186 -14.26 10.51 -3.02
CA ALA B 186 -12.88 10.25 -2.67
C ALA B 186 -12.27 11.57 -2.28
N TYR B 187 -11.16 11.49 -1.56
CA TYR B 187 -10.50 12.68 -0.99
C TYR B 187 -8.97 12.44 -0.86
N SER B 188 -8.22 13.52 -0.71
CA SER B 188 -6.82 13.43 -0.24
C SER B 188 -6.50 14.75 0.50
N THR B 189 -5.44 14.71 1.29
CA THR B 189 -5.15 15.77 2.25
C THR B 189 -3.76 16.35 2.18
N ASP B 190 -2.87 15.71 1.44
CA ASP B 190 -1.53 16.28 1.16
C ASP B 190 -1.20 16.45 -0.32
N GLY B 191 -0.50 17.50 -0.61
CA GLY B 191 -0.09 17.82 -1.97
C GLY B 191 0.67 16.70 -2.67
N THR B 192 1.43 15.95 -1.93
CA THR B 192 2.15 14.78 -2.49
C THR B 192 1.19 13.73 -3.06
N GLN B 193 0.01 13.66 -2.48
CA GLN B 193 -1.04 12.76 -2.99
C GLN B 193 -1.66 13.35 -4.25
N PHE B 194 -1.82 14.67 -4.27
CA PHE B 194 -2.51 15.26 -5.33
C PHE B 194 -1.66 15.47 -6.57
N PHE B 195 -0.58 16.21 -6.39
CA PHE B 195 0.34 16.48 -7.49
C PHE B 195 1.23 15.29 -7.78
N GLY B 196 1.67 14.57 -6.75
CA GLY B 196 2.65 13.48 -6.94
C GLY B 196 4.04 14.03 -7.24
N LEU B 197 5.02 13.16 -7.11
CA LEU B 197 6.40 13.49 -7.39
C LEU B 197 6.65 13.69 -8.90
N SER B 198 5.93 12.94 -9.73
CA SER B 198 5.98 13.01 -11.21
C SER B 198 5.70 14.39 -11.75
N TYR B 199 4.87 15.15 -11.03
CA TYR B 199 4.67 16.58 -11.29
C TYR B 199 5.97 17.32 -11.59
N LYS B 200 6.99 17.07 -10.81
CA LYS B 200 8.23 17.78 -10.95
C LYS B 200 8.81 17.63 -12.35
N LYS B 201 8.46 16.56 -13.06
CA LYS B 201 8.78 16.46 -14.50
C LYS B 201 7.64 16.88 -15.44
N THR B 202 6.46 16.32 -15.24
CA THR B 202 5.33 16.45 -16.20
C THR B 202 4.60 17.79 -16.15
N ASN B 203 4.67 18.45 -15.02
CA ASN B 203 3.86 19.63 -14.69
C ASN B 203 2.34 19.33 -14.67
N ILE B 204 1.98 18.06 -14.52
CA ILE B 204 0.59 17.65 -14.48
C ILE B 204 0.31 16.95 -13.16
N PRO B 205 -0.74 17.38 -12.44
CA PRO B 205 -1.04 16.73 -11.17
C PRO B 205 -1.42 15.30 -11.44
N GLU B 206 -0.74 14.41 -10.74
CA GLU B 206 -0.81 13.01 -10.97
C GLU B 206 -2.20 12.41 -10.64
N ALA B 207 -2.87 12.97 -9.64
CA ALA B 207 -4.21 12.49 -9.26
C ALA B 207 -5.28 12.71 -10.35
N LEU B 208 -5.05 13.68 -11.25
CA LEU B 208 -5.93 13.91 -12.34
C LEU B 208 -6.12 12.73 -13.31
N TYR B 209 -5.23 11.74 -13.29
CA TYR B 209 -5.39 10.54 -14.14
C TYR B 209 -6.14 9.42 -13.45
N GLY B 210 -6.46 9.55 -12.17
CA GLY B 210 -7.07 8.44 -11.40
C GLY B 210 -8.07 8.86 -10.34
N ASP B 211 -8.33 7.98 -9.42
CA ASP B 211 -9.21 8.27 -8.29
C ASP B 211 -8.35 8.81 -7.18
N LEU B 212 -8.87 9.74 -6.36
CA LEU B 212 -8.10 10.18 -5.17
C LEU B 212 -7.92 8.96 -4.24
N PRO B 213 -6.85 8.89 -3.42
CA PRO B 213 -6.60 7.70 -2.62
C PRO B 213 -7.50 7.49 -1.42
N SER B 214 -8.14 8.53 -0.92
CA SER B 214 -8.99 8.47 0.23
C SER B 214 -8.25 8.02 1.46
N LYS B 215 -7.11 8.67 1.69
CA LYS B 215 -6.26 8.48 2.86
C LYS B 215 -5.80 9.86 3.33
N ASN B 216 -5.78 10.03 4.64
CA ASN B 216 -5.31 11.28 5.18
C ASN B 216 -3.83 11.16 5.32
N LYS B 217 -3.04 11.78 4.45
CA LYS B 217 -1.58 11.81 4.66
C LYS B 217 -1.19 13.12 5.38
N GLN B 218 -0.78 13.00 6.63
CA GLN B 218 -0.36 14.17 7.43
C GLN B 218 1.08 14.45 7.10
N TYR B 219 1.31 15.37 6.17
CA TYR B 219 2.67 15.67 5.74
C TYR B 219 2.82 17.18 5.73
N GLU B 220 3.55 17.74 4.78
CA GLU B 220 3.98 19.15 4.80
C GLU B 220 3.33 20.04 3.72
N LEU B 221 2.51 19.44 2.83
CA LEU B 221 1.74 20.19 1.83
C LEU B 221 0.23 20.05 2.13
N ALA B 222 -0.24 20.77 3.14
CA ALA B 222 -1.64 20.64 3.53
C ALA B 222 -2.44 21.01 2.29
N HIS B 223 -3.14 20.02 1.72
CA HIS B 223 -3.80 20.22 0.44
C HIS B 223 -5.03 19.35 0.26
N THR B 224 -6.22 19.95 0.31
CA THR B 224 -7.48 19.17 0.34
C THR B 224 -7.94 18.93 -1.06
N ALA B 225 -8.18 17.67 -1.40
CA ALA B 225 -8.75 17.39 -2.70
C ALA B 225 -10.01 16.53 -2.47
N LEU B 226 -11.04 16.81 -3.27
CA LEU B 226 -12.31 16.05 -3.26
C LEU B 226 -12.71 15.72 -4.65
N GLN B 227 -13.06 14.47 -4.87
CA GLN B 227 -13.52 14.01 -6.17
C GLN B 227 -15.05 13.75 -6.09
N THR B 228 -15.80 14.32 -7.04
CA THR B 228 -17.22 13.99 -7.15
C THR B 228 -17.42 12.61 -7.73
N GLU B 229 -18.57 12.04 -7.41
CA GLU B 229 -19.17 10.96 -8.22
C GLU B 229 -19.18 11.40 -9.65
N ALA B 230 -19.05 10.44 -10.52
CA ALA B 230 -19.08 10.71 -11.96
C ALA B 230 -20.55 10.92 -12.44
N PHE B 231 -20.74 11.69 -13.49
CA PHE B 231 -22.12 11.94 -13.98
C PHE B 231 -22.13 12.08 -15.48
N SER B 232 -23.30 11.82 -16.05
CA SER B 232 -23.57 12.23 -17.43
C SER B 232 -24.12 13.63 -17.43
N LEU B 233 -23.94 14.30 -18.56
CA LEU B 233 -24.57 15.61 -18.82
C LEU B 233 -25.46 15.54 -20.05
N SER B 234 -26.68 16.02 -19.93
CA SER B 234 -27.49 16.32 -21.14
C SER B 234 -28.44 17.43 -20.78
N GLY B 235 -27.90 18.63 -20.80
CA GLY B 235 -28.58 19.75 -20.17
C GLY B 235 -27.64 20.37 -19.17
N THR B 236 -28.21 20.82 -18.08
CA THR B 236 -27.51 21.63 -17.11
C THR B 236 -27.45 20.86 -15.79
N LYS B 237 -26.27 20.83 -15.19
CA LYS B 237 -26.12 20.28 -13.82
C LYS B 237 -25.43 21.29 -12.90
N GLN B 238 -25.90 21.37 -11.66
CA GLN B 238 -25.46 22.33 -10.65
C GLN B 238 -25.18 21.74 -9.27
N PHE B 239 -24.05 22.13 -8.69
CA PHE B 239 -23.63 21.68 -7.35
C PHE B 239 -22.48 22.58 -6.85
N SER B 240 -22.19 22.47 -5.57
CA SER B 240 -21.21 23.37 -4.96
C SER B 240 -20.18 22.67 -4.11
N PHE B 241 -19.00 23.30 -4.00
CA PHE B 241 -18.05 23.05 -2.91
C PHE B 241 -18.12 24.25 -1.95
N TYR B 242 -17.78 23.98 -0.72
CA TYR B 242 -17.80 24.99 0.31
C TYR B 242 -16.58 24.87 1.25
N GLY B 243 -16.26 25.99 1.88
CA GLY B 243 -15.30 26.06 2.97
C GLY B 243 -15.86 26.87 4.13
N ILE B 244 -15.50 26.45 5.32
CA ILE B 244 -15.82 27.16 6.53
C ILE B 244 -14.49 27.37 7.29
N CYS B 245 -14.31 28.57 7.80
CA CYS B 245 -13.13 28.89 8.60
C CYS B 245 -13.65 29.40 9.94
N LYS B 246 -13.13 28.83 11.02
CA LYS B 246 -13.31 29.41 12.33
C LYS B 246 -11.94 29.72 12.89
N THR B 247 -11.83 30.86 13.54
CA THR B 247 -10.55 31.27 14.05
C THR B 247 -10.23 30.65 15.37
N ASN B 248 -11.25 30.21 16.09
CA ASN B 248 -10.98 29.50 17.34
C ASN B 248 -11.85 28.31 17.63
N HIS B 249 -11.20 27.16 17.65
CA HIS B 249 -11.85 25.87 17.83
C HIS B 249 -11.03 25.16 18.89
N PRO B 250 -11.15 25.59 20.16
CA PRO B 250 -10.27 25.00 21.20
C PRO B 250 -10.41 23.49 21.39
N GLU B 251 -11.54 22.91 21.05
CA GLU B 251 -11.71 21.47 21.25
C GLU B 251 -11.17 20.72 20.05
N VAL B 252 -10.94 19.43 20.24
CA VAL B 252 -10.55 18.54 19.15
C VAL B 252 -11.74 18.30 18.25
N ILE B 253 -11.50 17.83 17.04
CA ILE B 253 -12.60 17.61 16.11
C ILE B 253 -13.12 16.22 16.36
N ARG B 254 -14.45 16.10 16.56
CA ARG B 254 -15.16 14.85 16.77
C ARG B 254 -16.27 14.57 15.77
N GLU B 255 -16.73 15.58 15.07
CA GLU B 255 -17.87 15.46 14.17
C GLU B 255 -17.91 16.68 13.26
N ILE B 256 -18.77 16.57 12.24
CA ILE B 256 -19.08 17.70 11.34
C ILE B 256 -19.87 18.72 12.16
N GLU B 257 -19.37 19.95 12.17
CA GLU B 257 -20.00 21.01 12.93
C GLU B 257 -20.51 22.07 11.97
N TYR B 258 -21.33 22.96 12.52
CA TYR B 258 -21.81 24.16 11.89
C TYR B 258 -22.79 23.95 10.71
N ILE B 259 -23.60 22.88 10.80
CA ILE B 259 -24.47 22.46 9.71
C ILE B 259 -25.56 23.50 9.48
N GLN B 260 -26.14 24.03 10.55
CA GLN B 260 -27.12 25.12 10.42
C GLN B 260 -26.55 26.40 9.81
N GLU B 261 -25.37 26.77 10.28
CA GLU B 261 -24.70 27.95 9.75
C GLU B 261 -24.42 27.84 8.23
N LEU B 262 -24.01 26.66 7.80
CA LEU B 262 -23.74 26.39 6.39
C LEU B 262 -25.00 26.50 5.51
N GLU B 263 -26.10 25.96 5.99
CA GLU B 263 -27.40 26.15 5.32
C GLU B 263 -27.72 27.60 5.13
N LYS B 264 -27.58 28.38 6.18
CA LYS B 264 -27.86 29.84 6.06
C LYS B 264 -26.90 30.55 5.10
N ALA B 265 -25.62 30.24 5.20
CA ALA B 265 -24.63 30.80 4.26
C ALA B 265 -24.91 30.39 2.82
N TYR B 266 -25.43 29.18 2.62
CA TYR B 266 -25.73 28.70 1.28
C TYR B 266 -26.81 29.56 0.55
N ALA B 267 -27.77 30.05 1.31
CA ALA B 267 -28.79 30.97 0.79
C ALA B 267 -28.27 32.41 0.47
N TYR B 268 -27.03 32.74 0.84
CA TYR B 268 -26.50 34.12 0.63
C TYR B 268 -26.06 34.48 -0.81
N HIS B 269 -26.57 35.62 -1.29
CA HIS B 269 -26.05 36.28 -2.52
C HIS B 269 -25.92 37.76 -2.25
N GLU B 270 -24.95 38.41 -2.85
CA GLU B 270 -24.81 39.84 -2.69
C GLU B 270 -25.87 40.54 -3.54
N SER B 271 -26.20 41.76 -3.15
CA SER B 271 -26.87 42.70 -4.01
C SER B 271 -25.68 43.51 -4.49
N GLY B 272 -25.73 44.07 -5.67
CA GLY B 272 -24.58 44.74 -6.24
C GLY B 272 -24.44 44.08 -7.59
N GLU B 273 -24.05 44.86 -8.57
CA GLU B 273 -23.87 44.35 -9.91
C GLU B 273 -22.58 43.54 -9.96
N ILE B 274 -22.64 42.41 -10.65
CA ILE B 274 -21.48 41.57 -10.92
C ILE B 274 -21.02 41.76 -12.36
N LEU B 275 -19.95 42.53 -12.54
CA LEU B 275 -19.58 43.08 -13.87
C LEU B 275 -18.24 42.58 -14.41
N PRO B 276 -18.12 42.49 -15.75
CA PRO B 276 -16.86 42.08 -16.39
C PRO B 276 -15.60 42.81 -15.91
N VAL B 277 -14.50 42.08 -15.79
CA VAL B 277 -13.17 42.69 -15.63
C VAL B 277 -12.23 42.09 -16.63
N ASN B 278 -11.22 42.86 -17.00
CA ASN B 278 -10.22 42.37 -17.96
C ASN B 278 -9.27 41.30 -17.39
N VAL B 279 -9.17 40.19 -18.08
CA VAL B 279 -8.36 39.05 -17.69
C VAL B 279 -7.15 39.04 -18.62
N PRO B 280 -5.93 39.13 -18.08
CA PRO B 280 -4.74 39.00 -18.92
C PRO B 280 -4.52 37.59 -19.42
N THR B 281 -3.91 37.46 -20.59
CA THR B 281 -3.70 36.15 -21.21
C THR B 281 -2.22 36.11 -21.59
N LEU B 282 -1.59 34.97 -21.33
CA LEU B 282 -0.18 34.77 -21.61
C LEU B 282 -0.03 34.76 -23.07
N GLN B 283 1.08 35.30 -23.52
CA GLN B 283 1.35 35.38 -24.95
C GLN B 283 2.62 34.63 -25.28
N ASN B 284 2.51 33.65 -26.17
CA ASN B 284 3.61 32.76 -26.57
C ASN B 284 4.38 32.16 -25.37
N ILE B 285 3.65 31.80 -24.34
CA ILE B 285 4.21 31.07 -23.20
C ILE B 285 3.58 29.68 -23.17
N GLY B 286 4.42 28.66 -23.32
CA GLY B 286 3.97 27.26 -23.28
C GLY B 286 4.06 26.60 -21.91
N ALA B 287 3.78 25.29 -21.90
CA ALA B 287 4.04 24.45 -20.75
C ALA B 287 5.54 24.51 -20.43
N PRO B 288 5.91 24.19 -19.21
CA PRO B 288 7.34 24.11 -18.91
C PRO B 288 8.08 23.01 -19.69
N TYR B 289 9.40 23.21 -19.85
CA TYR B 289 10.28 22.25 -20.49
C TYR B 289 11.15 21.52 -19.45
N ALA B 290 10.92 20.22 -19.37
CA ALA B 290 11.76 19.33 -18.59
C ALA B 290 12.59 18.58 -19.61
N SER B 291 13.84 18.34 -19.27
CA SER B 291 14.72 17.55 -20.11
C SER B 291 14.22 16.12 -20.30
N SER B 292 14.53 15.56 -21.44
CA SER B 292 14.45 14.12 -21.64
C SER B 292 15.51 13.54 -20.72
N ARG B 293 15.29 12.31 -20.34
CA ARG B 293 16.17 11.57 -19.45
C ARG B 293 17.43 11.10 -20.22
N TRP B 294 18.60 11.16 -19.61
CA TRP B 294 19.81 10.58 -20.24
C TRP B 294 19.83 9.02 -20.13
N ASP B 295 20.19 8.33 -21.20
CA ASP B 295 20.38 6.85 -21.10
C ASP B 295 21.82 6.57 -20.62
N ALA B 296 22.13 5.29 -20.38
CA ALA B 296 23.44 4.89 -19.82
C ALA B 296 24.61 5.46 -20.59
N LYS B 297 24.52 5.47 -21.91
CA LYS B 297 25.68 5.90 -22.75
C LYS B 297 25.91 7.39 -22.68
N GLN B 298 24.82 8.14 -22.55
CA GLN B 298 24.92 9.58 -22.40
C GLN B 298 25.61 9.94 -21.11
N VAL B 299 25.16 9.31 -20.05
CA VAL B 299 25.73 9.50 -18.70
C VAL B 299 27.23 9.16 -18.70
N GLU B 300 27.56 8.00 -19.25
CA GLU B 300 28.96 7.56 -19.42
C GLU B 300 29.79 8.63 -20.18
N HIS B 301 29.25 9.14 -21.25
CA HIS B 301 29.90 10.21 -22.03
C HIS B 301 30.15 11.50 -21.23
N TYR B 302 29.14 12.00 -20.51
CA TYR B 302 29.28 13.31 -19.85
C TYR B 302 29.99 13.18 -18.52
N PHE B 303 29.97 11.98 -17.95
CA PHE B 303 30.57 11.73 -16.63
C PHE B 303 31.39 10.44 -16.65
N PRO B 304 32.59 10.48 -17.27
CA PRO B 304 33.31 9.22 -17.47
C PRO B 304 33.90 8.65 -16.18
N LYS B 305 34.09 9.50 -15.17
CA LYS B 305 34.73 9.14 -13.91
C LYS B 305 33.74 9.16 -12.70
N ARG B 306 33.37 7.99 -12.21
CA ARG B 306 32.31 7.86 -11.20
C ARG B 306 32.70 6.97 -10.04
N LEU B 307 32.15 7.32 -8.88
CA LEU B 307 32.37 6.58 -7.61
C LEU B 307 31.05 6.52 -6.93
N LEU B 308 30.95 5.62 -5.97
CA LEU B 308 29.82 5.56 -5.08
C LEU B 308 28.51 5.66 -5.86
N GLU B 309 28.39 4.84 -6.89
CA GLU B 309 27.22 4.87 -7.74
C GLU B 309 26.05 4.28 -6.95
N GLU B 310 24.93 5.01 -6.97
CA GLU B 310 23.67 4.55 -6.45
C GLU B 310 22.77 4.07 -7.59
N LYS B 311 22.32 2.83 -7.49
CA LYS B 311 21.48 2.19 -8.48
C LYS B 311 20.23 1.57 -7.85
N GLU B 312 19.08 1.70 -8.51
CA GLU B 312 17.86 1.00 -8.09
C GLU B 312 17.33 0.29 -9.30
N GLU B 313 17.11 -1.00 -9.18
CA GLU B 313 16.73 -1.86 -10.32
C GLU B 313 17.72 -1.72 -11.50
N GLU B 314 19.01 -1.59 -11.18
CA GLU B 314 20.09 -1.33 -12.19
C GLU B 314 19.99 0.01 -12.97
N ALA B 315 19.17 0.95 -12.52
CA ALA B 315 19.16 2.28 -13.10
C ALA B 315 20.00 3.23 -12.23
N LEU B 316 20.88 4.00 -12.87
CA LEU B 316 21.74 4.91 -12.15
C LEU B 316 20.95 6.12 -11.59
N LEU B 317 20.93 6.25 -10.27
CA LEU B 317 20.25 7.40 -9.62
C LEU B 317 21.18 8.54 -9.30
N SER B 318 22.37 8.22 -8.80
CA SER B 318 23.32 9.28 -8.41
C SER B 318 24.71 8.70 -8.26
N PHE B 319 25.70 9.58 -8.20
CA PHE B 319 27.10 9.19 -8.01
C PHE B 319 27.91 10.39 -7.54
N PHE B 320 29.15 10.10 -7.13
CA PHE B 320 30.16 11.09 -6.85
C PHE B 320 31.26 11.02 -7.90
N THR B 321 32.02 12.08 -7.99
CA THR B 321 33.14 12.11 -8.93
C THR B 321 34.45 12.32 -8.18
N PRO B 322 35.61 11.99 -8.81
CA PRO B 322 36.88 12.27 -8.16
C PRO B 322 37.11 13.73 -7.86
N GLU B 323 36.46 14.61 -8.60
CA GLU B 323 36.61 16.06 -8.41
C GLU B 323 35.66 16.59 -7.32
N LYS B 324 35.16 15.70 -6.46
CA LYS B 324 34.36 16.08 -5.27
C LYS B 324 33.00 16.67 -5.62
N SER B 325 32.45 16.26 -6.76
CA SER B 325 31.09 16.62 -7.13
C SER B 325 30.13 15.51 -6.77
N HIS B 326 28.85 15.89 -6.60
CA HIS B 326 27.77 14.89 -6.54
C HIS B 326 26.83 15.19 -7.70
N VAL B 327 26.48 14.14 -8.44
CA VAL B 327 25.63 14.22 -9.58
C VAL B 327 24.36 13.43 -9.32
N VAL B 328 23.24 14.02 -9.71
CA VAL B 328 21.91 13.48 -9.47
C VAL B 328 21.28 13.39 -10.85
N LEU B 329 20.83 12.18 -11.21
CA LEU B 329 20.10 11.95 -12.44
C LEU B 329 18.60 12.20 -12.26
N GLN B 330 17.94 12.52 -13.38
CA GLN B 330 16.55 12.90 -13.38
C GLN B 330 15.61 11.96 -12.57
N ASP B 331 15.75 10.66 -12.80
CA ASP B 331 14.95 9.62 -12.12
C ASP B 331 15.01 9.72 -10.62
N LYS B 332 16.16 10.08 -10.04
CA LYS B 332 16.25 10.19 -8.59
C LYS B 332 15.36 11.31 -8.00
N GLU B 333 15.36 12.48 -8.65
CA GLU B 333 14.51 13.58 -8.23
C GLU B 333 13.01 13.19 -8.28
N LEU B 334 12.66 12.28 -9.16
CA LEU B 334 11.30 11.81 -9.25
C LEU B 334 10.95 10.71 -8.26
N THR B 335 11.92 10.26 -7.48
CA THR B 335 11.68 9.33 -6.38
C THR B 335 11.91 9.91 -4.98
N THR B 336 12.47 11.12 -4.87
CA THR B 336 12.68 11.75 -3.56
C THR B 336 11.53 12.68 -3.29
N GLU B 337 10.94 12.55 -2.11
CA GLU B 337 9.82 13.38 -1.70
C GLU B 337 10.24 14.79 -1.40
N ARG B 338 11.49 14.95 -0.99
CA ARG B 338 12.09 16.29 -0.83
C ARG B 338 12.96 16.63 -2.06
N PRO B 339 12.95 17.89 -2.50
CA PRO B 339 13.62 18.25 -3.76
C PRO B 339 15.11 18.47 -3.59
N HIS B 340 15.88 17.85 -4.46
CA HIS B 340 17.32 18.02 -4.38
C HIS B 340 17.64 19.51 -4.49
N GLY B 341 18.49 19.96 -3.60
CA GLY B 341 18.95 21.36 -3.53
C GLY B 341 20.29 21.56 -2.88
N HIS B 342 20.71 22.80 -2.93
CA HIS B 342 22.04 23.17 -2.52
C HIS B 342 22.06 24.63 -2.08
N ILE B 343 23.05 24.98 -1.27
CA ILE B 343 23.29 26.34 -0.86
C ILE B 343 24.72 26.65 -1.22
N LEU B 344 24.91 27.80 -1.88
CA LEU B 344 26.22 28.38 -2.12
C LEU B 344 26.50 29.47 -1.11
N MET B 345 27.77 29.61 -0.75
CA MET B 345 28.20 30.60 0.26
C MET B 345 29.60 31.03 -0.02
N THR B 346 29.83 32.34 0.10
CA THR B 346 31.17 32.92 -0.11
C THR B 346 32.13 32.56 1.02
N ASN B 347 33.40 32.42 0.62
CA ASN B 347 34.50 32.17 1.60
C ASN B 347 34.63 33.37 2.48
N PHE B 348 35.08 33.15 3.71
CA PHE B 348 35.41 34.23 4.62
C PHE B 348 36.72 33.92 5.30
N ASP B 349 37.21 34.94 5.99
CA ASP B 349 38.39 34.84 6.86
C ASP B 349 38.03 33.95 8.08
N VAL B 350 38.74 32.82 8.16
CA VAL B 350 38.40 31.74 9.10
C VAL B 350 38.98 31.90 10.49
N THR B 351 39.47 33.09 10.80
CA THR B 351 39.91 33.42 12.14
C THR B 351 38.98 34.38 12.91
N LYS B 352 37.91 34.84 12.27
CA LYS B 352 36.96 35.81 12.86
C LYS B 352 35.51 35.46 12.47
N VAL B 353 34.54 35.89 13.31
CA VAL B 353 33.11 35.82 13.00
C VAL B 353 32.85 36.67 11.75
N PRO B 354 32.40 36.04 10.67
CA PRO B 354 32.25 36.80 9.46
C PRO B 354 30.96 37.63 9.43
N GLN B 355 30.99 38.70 8.65
CA GLN B 355 29.87 39.58 8.40
C GLN B 355 29.76 39.71 6.89
N GLY B 356 28.54 39.93 6.39
CA GLY B 356 28.32 40.22 4.96
C GLY B 356 28.54 39.02 4.06
N VAL B 357 28.40 37.82 4.60
CA VAL B 357 28.63 36.63 3.80
C VAL B 357 27.51 36.56 2.76
N VAL B 358 27.89 36.26 1.52
CA VAL B 358 26.92 36.12 0.47
C VAL B 358 26.48 34.67 0.30
N SER B 359 25.21 34.49 -0.02
CA SER B 359 24.65 33.15 -0.16
C SER B 359 23.47 33.11 -1.11
N SER B 360 23.25 31.90 -1.65
CA SER B 360 22.21 31.65 -2.62
C SER B 360 21.83 30.22 -2.56
N THR B 361 20.55 29.96 -2.74
CA THR B 361 20.00 28.60 -2.73
C THR B 361 19.50 28.22 -4.14
N ASN B 362 19.67 26.96 -4.49
CA ASN B 362 19.17 26.44 -5.76
C ASN B 362 18.67 25.02 -5.64
N TYR B 363 17.83 24.63 -6.58
CA TYR B 363 17.21 23.31 -6.60
C TYR B 363 17.30 22.67 -7.96
N MET B 364 17.34 21.34 -7.98
CA MET B 364 17.43 20.61 -9.22
C MET B 364 16.37 21.02 -10.24
N TYR B 365 15.14 21.18 -9.82
CA TYR B 365 14.01 21.47 -10.79
C TYR B 365 13.93 22.94 -11.31
N GLY B 366 15.08 23.49 -11.64
CA GLY B 366 15.17 24.76 -12.36
C GLY B 366 14.99 25.98 -11.49
N ALA B 367 15.15 25.87 -10.17
CA ALA B 367 15.25 27.07 -9.33
C ALA B 367 16.73 27.42 -9.24
N PHE B 368 17.17 28.33 -10.12
CA PHE B 368 18.61 28.61 -10.29
C PHE B 368 19.26 29.44 -9.23
N ASN B 369 18.45 30.27 -8.58
CA ASN B 369 18.93 31.17 -7.50
C ASN B 369 17.76 31.80 -6.73
N CYS B 370 17.50 31.28 -5.51
CA CYS B 370 16.53 31.82 -4.58
C CYS B 370 17.29 32.40 -3.40
N GLN B 371 16.73 33.45 -2.80
CA GLN B 371 17.26 33.90 -1.52
C GLN B 371 18.76 34.25 -1.63
N PHE B 372 19.10 34.98 -2.69
CA PHE B 372 20.35 35.67 -2.77
C PHE B 372 20.39 36.69 -1.64
N VAL B 373 21.37 36.51 -0.73
CA VAL B 373 21.50 37.37 0.45
C VAL B 373 22.91 37.83 0.66
N VAL B 374 23.05 38.96 1.35
CA VAL B 374 24.37 39.47 1.75
C VAL B 374 24.32 39.80 3.25
N GLY B 375 24.92 38.91 4.04
CA GLY B 375 24.80 38.98 5.48
C GLY B 375 23.44 38.40 5.86
N ASN B 376 22.69 39.11 6.68
CA ASN B 376 21.42 38.61 7.24
C ASN B 376 20.54 37.86 6.21
N THR B 377 20.30 36.58 6.46
CA THR B 377 19.63 35.73 5.47
C THR B 377 18.12 35.94 5.43
N THR B 378 17.61 36.75 6.36
CA THR B 378 16.20 37.19 6.29
C THR B 378 16.06 38.55 5.66
N TYR B 379 16.78 39.54 6.16
CA TYR B 379 16.52 40.92 5.77
C TYR B 379 17.32 41.39 4.58
N ASN B 380 18.56 40.93 4.43
CA ASN B 380 19.52 41.48 3.45
C ASN B 380 19.50 40.73 2.12
N LYS B 381 18.32 40.78 1.50
CA LYS B 381 17.95 39.81 0.46
C LYS B 381 17.55 40.44 -0.85
N LEU B 382 18.00 39.84 -1.96
CA LEU B 382 17.63 40.32 -3.30
C LEU B 382 16.51 39.49 -3.91
N LEU B 383 16.61 38.18 -3.76
CA LEU B 383 15.71 37.28 -4.46
C LEU B 383 14.87 36.50 -3.49
N SER B 384 13.65 36.24 -3.89
CA SER B 384 12.66 35.59 -2.98
C SER B 384 13.04 34.15 -2.67
N ASN B 385 12.49 33.69 -1.54
CA ASN B 385 12.72 32.36 -1.09
C ASN B 385 12.03 31.31 -1.93
N HIS B 386 12.66 30.15 -2.02
CA HIS B 386 11.96 28.93 -2.44
C HIS B 386 10.96 28.49 -1.37
N ARG B 387 9.84 27.95 -1.82
CA ARG B 387 8.77 27.49 -0.99
C ARG B 387 8.26 26.19 -1.49
N GLY B 388 7.69 25.41 -0.57
CA GLY B 388 7.07 24.14 -0.91
C GLY B 388 8.06 23.05 -1.29
N LEU B 389 7.56 22.08 -1.99
CA LEU B 389 8.37 20.86 -2.27
C LEU B 389 8.32 20.34 -3.70
N LEU B 390 7.31 20.72 -4.44
CA LEU B 390 7.01 20.11 -5.73
C LEU B 390 7.05 21.11 -6.91
N ASN B 391 7.39 22.37 -6.63
CA ASN B 391 7.55 23.34 -7.70
C ASN B 391 6.27 23.56 -8.50
N ILE B 392 5.14 23.57 -7.78
CA ILE B 392 3.87 24.01 -8.39
C ILE B 392 3.99 25.48 -8.68
N GLN B 393 4.25 26.24 -7.63
CA GLN B 393 4.64 27.66 -7.77
C GLN B 393 6.14 27.68 -8.06
N LYS B 394 6.47 28.13 -9.26
CA LYS B 394 7.80 27.99 -9.86
C LYS B 394 8.43 29.32 -10.28
N ASP B 395 7.97 30.41 -9.68
CA ASP B 395 8.33 31.77 -10.08
C ASP B 395 9.25 32.48 -9.09
N SER B 396 9.65 31.80 -8.02
CA SER B 396 10.49 32.39 -6.98
C SER B 396 11.94 32.49 -7.44
N GLY B 397 12.62 33.51 -6.95
CA GLY B 397 14.00 33.65 -7.28
C GLY B 397 14.24 33.89 -8.75
N GLN B 398 15.35 33.31 -9.22
CA GLN B 398 15.77 33.39 -10.62
C GLN B 398 15.26 32.16 -11.37
N ARG B 399 14.51 32.39 -12.45
CA ARG B 399 14.08 31.30 -13.33
C ARG B 399 14.44 31.60 -14.81
N ILE B 400 14.42 30.55 -15.62
CA ILE B 400 14.77 30.68 -17.02
C ILE B 400 13.69 30.11 -17.95
N PHE B 401 13.28 30.96 -18.89
CA PHE B 401 12.45 30.58 -20.01
C PHE B 401 13.34 30.52 -21.27
N ILE B 402 13.12 29.46 -22.06
CA ILE B 402 13.79 29.28 -23.40
C ILE B 402 12.73 29.07 -24.47
N LYS B 403 12.93 29.72 -25.61
CA LYS B 403 12.00 29.57 -26.75
C LYS B 403 12.18 28.23 -27.45
N ILE B 404 11.15 27.40 -27.44
CA ILE B 404 11.15 26.17 -28.23
C ILE B 404 9.94 26.29 -29.15
N GLY B 405 10.18 26.29 -30.46
CA GLY B 405 9.14 26.63 -31.48
C GLY B 405 8.61 28.06 -31.38
N ASP B 406 7.30 28.20 -31.29
CA ASP B 406 6.71 29.54 -31.12
C ASP B 406 6.77 30.08 -29.69
N CYS B 407 6.98 29.18 -28.71
CA CYS B 407 6.66 29.45 -27.29
C CYS B 407 7.86 29.52 -26.35
N TYR B 408 7.89 30.53 -25.50
CA TYR B 408 8.76 30.54 -24.34
C TYR B 408 8.29 29.45 -23.37
N ARG B 409 9.25 28.68 -22.88
CA ARG B 409 8.97 27.56 -22.00
C ARG B 409 9.91 27.56 -20.82
N GLN B 410 9.31 27.46 -19.64
CA GLN B 410 10.10 27.51 -18.46
C GLN B 410 10.86 26.21 -18.19
N LEU B 411 12.17 26.32 -18.02
CA LEU B 411 13.00 25.19 -17.62
C LEU B 411 12.62 24.67 -16.20
N THR B 412 12.37 23.37 -16.13
CA THR B 412 12.24 22.70 -14.84
C THR B 412 13.28 21.59 -14.61
N LEU B 413 12.94 20.34 -14.92
CA LEU B 413 13.76 19.24 -14.49
C LEU B 413 14.82 18.91 -15.52
N PRO B 414 16.11 18.91 -15.13
CA PRO B 414 17.18 18.56 -16.09
C PRO B 414 17.45 17.09 -16.14
N ALA B 415 18.30 16.69 -17.09
CA ALA B 415 18.69 15.30 -17.20
C ALA B 415 19.59 14.92 -15.98
N ALA B 416 20.38 15.90 -15.57
CA ALA B 416 21.35 15.79 -14.49
C ALA B 416 21.64 17.14 -13.82
N TYR B 417 21.98 17.03 -12.53
CA TYR B 417 22.23 18.16 -11.63
C TYR B 417 23.43 17.81 -10.83
N GLU B 418 24.46 18.63 -10.96
CA GLU B 418 25.76 18.38 -10.41
C GLU B 418 26.12 19.46 -9.42
N MET B 419 26.41 19.06 -8.17
CA MET B 419 26.75 19.98 -7.11
C MET B 419 28.22 19.85 -6.74
N ASN B 420 28.81 20.98 -6.49
CA ASN B 420 30.12 21.10 -5.97
C ASN B 420 29.96 22.14 -4.86
N VAL B 421 30.87 22.18 -3.91
CA VAL B 421 30.76 23.21 -2.83
C VAL B 421 30.74 24.65 -3.34
N ALA B 422 31.32 24.84 -4.52
CA ALA B 422 31.39 26.14 -5.14
C ALA B 422 30.26 26.45 -6.12
N GLY B 423 29.44 25.47 -6.46
CA GLY B 423 28.40 25.72 -7.41
C GLY B 423 27.53 24.55 -7.79
N SER B 424 26.57 24.88 -8.64
CA SER B 424 25.61 23.95 -9.21
C SER B 424 25.62 24.04 -10.71
N THR B 425 25.57 22.89 -11.37
CA THR B 425 25.35 22.82 -12.82
C THR B 425 24.12 21.98 -13.18
N TRP B 426 23.33 22.49 -14.12
CA TRP B 426 22.18 21.75 -14.66
C TRP B 426 22.47 21.40 -16.09
N TYR B 427 22.13 20.18 -16.48
CA TYR B 427 22.24 19.67 -17.86
C TYR B 427 20.87 19.35 -18.44
N TYR B 428 20.42 20.16 -19.39
CA TYR B 428 19.12 19.99 -20.04
C TYR B 428 19.36 19.48 -21.44
N GLN B 429 18.83 18.28 -21.70
CA GLN B 429 18.81 17.73 -23.04
C GLN B 429 17.69 18.45 -23.88
N LEU B 430 18.11 19.04 -24.98
CA LEU B 430 17.27 19.64 -25.99
C LEU B 430 17.32 18.81 -27.28
N ASP B 431 16.60 19.26 -28.30
CA ASP B 431 16.60 18.59 -29.61
C ASP B 431 17.97 18.87 -30.24
N GLU B 432 18.83 17.86 -30.31
CA GLU B 432 20.17 17.95 -30.91
C GLU B 432 21.13 18.99 -30.27
N ASP B 433 20.96 19.20 -28.98
CA ASP B 433 21.82 20.11 -28.22
C ASP B 433 21.69 19.81 -26.72
N VAL B 434 22.66 20.26 -25.94
CA VAL B 434 22.62 20.21 -24.48
C VAL B 434 22.77 21.66 -24.01
N LEU B 435 21.88 22.09 -23.13
CA LEU B 435 21.99 23.39 -22.51
C LEU B 435 22.57 23.19 -21.11
N ILE B 436 23.68 23.86 -20.83
CA ILE B 436 24.41 23.74 -19.57
C ILE B 436 24.24 25.05 -18.84
N ILE B 437 23.58 24.97 -17.69
CA ILE B 437 23.42 26.11 -16.79
C ILE B 437 24.27 25.89 -15.55
N THR B 438 25.03 26.90 -15.18
CA THR B 438 25.80 26.86 -13.96
C THR B 438 25.42 28.05 -13.09
N SER B 439 25.22 27.81 -11.79
CA SER B 439 25.18 28.91 -10.82
C SER B 439 26.28 28.67 -9.82
N PHE B 440 27.21 29.64 -9.68
CA PHE B 440 28.42 29.47 -8.84
C PHE B 440 28.87 30.70 -8.08
N ALA B 441 29.60 30.44 -7.02
CA ALA B 441 30.04 31.46 -6.07
C ALA B 441 31.39 31.93 -6.48
N MET B 442 31.66 33.20 -6.28
CA MET B 442 32.99 33.70 -6.56
C MET B 442 33.82 33.56 -5.32
N TYR B 443 35.12 33.29 -5.52
CA TYR B 443 36.10 33.31 -4.42
C TYR B 443 36.52 34.74 -4.15
N ASN B 444 36.53 35.09 -2.88
CA ASN B 444 36.91 36.44 -2.39
C ASN B 444 36.05 37.61 -2.80
N ARG B 445 34.86 37.36 -3.34
CA ARG B 445 34.04 38.43 -3.92
C ARG B 445 32.57 38.17 -3.59
N PRO B 446 31.81 39.22 -3.27
CA PRO B 446 30.42 39.01 -2.84
C PRO B 446 29.46 38.76 -4.02
N GLU B 447 29.69 37.65 -4.73
CA GLU B 447 29.07 37.38 -5.99
C GLU B 447 28.60 35.95 -6.21
N ILE B 448 27.47 35.88 -6.93
CA ILE B 448 26.95 34.68 -7.54
C ILE B 448 26.77 34.96 -9.01
N VAL B 449 27.19 34.00 -9.83
CA VAL B 449 27.21 34.11 -11.28
C VAL B 449 26.35 33.05 -11.86
N LEU B 450 25.44 33.44 -12.76
CA LEU B 450 24.75 32.48 -13.63
C LEU B 450 25.45 32.44 -15.00
N LYS B 451 25.75 31.24 -15.50
CA LYS B 451 26.20 31.05 -16.88
C LYS B 451 25.29 30.08 -17.59
N VAL B 452 24.86 30.48 -18.78
CA VAL B 452 24.05 29.65 -19.65
C VAL B 452 24.84 29.40 -20.93
N GLN B 453 24.90 28.15 -21.39
CA GLN B 453 25.72 27.79 -22.54
C GLN B 453 25.15 26.61 -23.31
N SER B 454 24.91 26.85 -24.60
CA SER B 454 24.57 25.81 -25.55
C SER B 454 25.85 25.08 -25.86
N LEU B 455 25.82 23.77 -25.63
CA LEU B 455 26.97 22.90 -25.91
C LEU B 455 27.35 22.93 -27.39
N GLY B 456 26.36 22.97 -28.27
CA GLY B 456 26.60 23.02 -29.73
C GLY B 456 26.72 24.43 -30.28
N HIS B 457 26.86 25.41 -29.40
CA HIS B 457 26.86 26.82 -29.77
C HIS B 457 25.64 27.23 -30.64
N LYS B 458 24.49 26.61 -30.44
CA LYS B 458 23.24 27.03 -31.08
C LYS B 458 22.68 28.24 -30.36
N LYS B 459 21.94 29.05 -31.08
CA LYS B 459 21.33 30.27 -30.53
C LYS B 459 19.87 30.06 -30.15
N TYR B 460 19.45 30.74 -29.10
CA TYR B 460 18.11 30.64 -28.58
C TYR B 460 17.72 31.99 -28.03
N ASP B 461 16.42 32.11 -27.81
CA ASP B 461 15.84 33.20 -27.09
C ASP B 461 15.57 32.75 -25.61
N PHE B 462 15.76 33.68 -24.70
CA PHE B 462 15.63 33.47 -23.26
C PHE B 462 14.96 34.65 -22.62
N ILE B 463 14.16 34.35 -21.60
CA ILE B 463 13.77 35.33 -20.64
C ILE B 463 14.20 34.78 -19.32
N VAL B 464 15.02 35.56 -18.62
CA VAL B 464 15.41 35.23 -17.28
C VAL B 464 14.60 36.13 -16.31
N THR B 465 13.72 35.51 -15.52
CA THR B 465 12.92 36.23 -14.52
C THR B 465 13.55 36.19 -13.11
N HIS B 466 13.32 37.28 -12.38
CA HIS B 466 13.80 37.45 -11.02
C HIS B 466 12.70 38.01 -10.13
N GLN B 467 12.20 37.20 -9.19
CA GLN B 467 11.29 37.72 -8.17
C GLN B 467 12.12 38.49 -7.13
N LEU B 468 12.14 39.80 -7.27
CA LEU B 468 12.86 40.66 -6.34
C LEU B 468 12.18 40.74 -5.00
N THR B 469 13.01 40.92 -3.98
CA THR B 469 12.53 41.36 -2.66
C THR B 469 13.14 42.72 -2.27
N VAL B 470 14.47 42.74 -2.17
CA VAL B 470 15.24 43.91 -1.70
C VAL B 470 14.67 44.36 -0.36
N GLY B 471 14.87 43.46 0.60
CA GLY B 471 14.12 43.39 1.84
C GLY B 471 13.77 41.91 2.06
N PRO B 472 13.05 41.61 3.18
CA PRO B 472 12.73 40.27 3.57
C PRO B 472 11.66 39.54 2.77
N ASN B 473 10.75 40.26 2.12
CA ASN B 473 9.61 39.59 1.52
C ASN B 473 9.16 40.12 0.18
N GLU B 474 8.62 39.22 -0.63
CA GLU B 474 8.10 39.61 -1.95
C GLU B 474 6.86 40.45 -1.69
N TYR B 475 6.70 41.50 -2.47
CA TYR B 475 5.50 42.34 -2.45
C TYR B 475 5.39 43.29 -1.27
N GLU B 476 6.48 43.49 -0.54
CA GLU B 476 6.45 44.28 0.69
C GLU B 476 6.83 45.75 0.54
N ASN B 477 7.91 45.99 -0.19
CA ASN B 477 8.43 47.32 -0.33
C ASN B 477 8.76 47.66 -1.76
N GLU B 478 8.69 48.96 -2.01
CA GLU B 478 9.12 49.52 -3.28
C GLU B 478 10.62 49.34 -3.41
N ILE B 479 11.08 49.38 -4.64
CA ILE B 479 12.47 49.08 -4.97
C ILE B 479 13.04 50.13 -5.86
N LYS B 480 14.19 50.66 -5.48
CA LYS B 480 14.90 51.56 -6.40
C LYS B 480 15.81 50.76 -7.34
N LEU B 481 15.61 50.94 -8.63
CA LEU B 481 16.31 50.23 -9.69
C LEU B 481 16.86 51.30 -10.61
N THR B 482 18.18 51.40 -10.71
CA THR B 482 18.82 52.26 -11.70
C THR B 482 19.64 51.39 -12.60
N ARG B 483 19.92 51.89 -13.79
CA ARG B 483 20.64 51.16 -14.81
C ARG B 483 21.67 52.06 -15.44
N GLU B 484 22.94 51.65 -15.42
CA GLU B 484 24.01 52.33 -16.16
C GLU B 484 24.69 51.29 -17.09
N GLY B 485 24.34 51.33 -18.37
CA GLY B 485 24.89 50.43 -19.38
C GLY B 485 24.35 49.03 -19.21
N ASN B 486 25.20 48.10 -18.83
CA ASN B 486 24.73 46.77 -18.56
C ASN B 486 24.78 46.42 -17.10
N ILE B 487 24.82 47.42 -16.24
CA ILE B 487 24.87 47.18 -14.80
C ILE B 487 23.59 47.75 -14.22
N LEU B 488 22.83 46.91 -13.52
CA LEU B 488 21.69 47.34 -12.67
C LEU B 488 22.14 47.51 -11.24
N GLN B 489 21.62 48.56 -10.59
CA GLN B 489 21.73 48.69 -9.13
C GLN B 489 20.34 48.70 -8.48
N LEU B 490 20.19 47.93 -7.41
CA LEU B 490 18.90 47.74 -6.74
C LEU B 490 19.08 48.05 -5.27
N SER B 491 18.18 48.83 -4.72
CA SER B 491 18.24 49.17 -3.32
C SER B 491 16.85 49.47 -2.78
N PRO B 492 16.68 49.35 -1.45
CA PRO B 492 15.44 49.84 -0.88
C PRO B 492 15.16 51.32 -1.18
N THR B 493 13.92 51.73 -1.41
CA THR B 493 13.62 53.19 -1.54
C THR B 493 13.61 53.94 -0.18
N ASP B 494 13.52 53.19 0.91
CA ASP B 494 13.40 53.72 2.28
C ASP B 494 14.27 52.83 3.20
N PRO B 495 15.27 53.42 3.91
CA PRO B 495 16.06 52.62 4.88
C PRO B 495 15.28 52.01 6.10
N VAL B 496 13.98 52.30 6.25
CA VAL B 496 13.08 51.53 7.12
C VAL B 496 13.10 49.99 6.83
N VAL B 497 13.32 49.58 5.57
CA VAL B 497 13.36 48.17 5.20
C VAL B 497 14.34 47.40 6.04
N THR B 498 15.50 48.00 6.38
CA THR B 498 16.45 47.38 7.28
C THR B 498 16.38 47.98 8.68
N ASN B 499 15.24 48.56 9.03
CA ASN B 499 15.11 49.38 10.25
C ASN B 499 16.38 50.22 10.47
N HIS B 500 16.87 50.79 9.39
CA HIS B 500 18.01 51.70 9.39
C HIS B 500 19.34 51.11 9.84
N PHE B 501 19.46 49.79 9.91
CA PHE B 501 20.70 49.16 10.38
C PHE B 501 21.66 48.90 9.22
N TYR B 502 21.13 48.79 8.01
CA TYR B 502 21.95 48.63 6.80
C TYR B 502 21.50 49.66 5.73
N PRO B 503 21.69 50.97 6.00
CA PRO B 503 21.23 52.02 5.10
C PRO B 503 21.85 51.99 3.70
N GLU B 504 23.07 51.47 3.59
CA GLU B 504 23.75 51.32 2.31
C GLU B 504 23.46 49.98 1.66
N LEU B 505 22.48 49.23 2.13
CA LEU B 505 22.21 47.93 1.50
C LEU B 505 21.98 48.17 0.03
N SER B 506 22.76 47.53 -0.82
CA SER B 506 22.41 47.44 -2.24
C SER B 506 22.93 46.15 -2.93
N PHE B 507 22.38 45.92 -4.12
CA PHE B 507 22.75 44.79 -4.99
C PHE B 507 23.02 45.31 -6.38
N ARG B 508 23.85 44.61 -7.12
CA ARG B 508 24.03 44.94 -8.52
C ARG B 508 23.88 43.69 -9.36
N MET B 509 23.44 43.85 -10.61
CA MET B 509 23.48 42.77 -11.57
C MET B 509 24.16 43.29 -12.85
N ARG B 510 25.13 42.53 -13.40
CA ARG B 510 25.67 42.77 -14.76
C ARG B 510 24.91 41.85 -15.68
N ILE B 511 24.29 42.44 -16.69
CA ILE B 511 23.37 41.74 -17.62
C ILE B 511 23.98 41.74 -19.01
N PRO B 512 23.56 40.83 -19.88
CA PRO B 512 24.12 40.76 -21.23
C PRO B 512 23.82 41.98 -22.06
N GLU B 513 24.75 42.25 -22.96
CA GLU B 513 24.66 43.41 -23.82
C GLU B 513 23.45 43.10 -24.71
N ASP B 514 22.72 44.15 -24.98
CA ASP B 514 21.51 44.13 -25.87
C ASP B 514 20.30 43.31 -25.36
N CYS B 515 20.30 42.94 -24.09
CA CYS B 515 19.10 42.37 -23.52
C CYS B 515 18.14 43.54 -23.32
N THR B 516 16.87 43.19 -23.16
CA THR B 516 15.86 44.14 -22.75
C THR B 516 15.33 43.76 -21.37
N LEU B 517 14.87 44.82 -20.71
CA LEU B 517 14.56 44.86 -19.30
C LEU B 517 13.06 45.09 -19.21
N SER B 518 12.36 44.25 -18.45
CA SER B 518 10.92 44.44 -18.18
C SER B 518 10.52 43.87 -16.81
N ASP B 519 9.27 44.07 -16.48
CA ASP B 519 8.62 43.39 -15.41
C ASP B 519 7.85 42.21 -16.06
N ASP B 520 6.83 41.66 -15.41
CA ASP B 520 6.00 40.63 -16.06
C ASP B 520 5.15 41.05 -17.31
N SER B 521 5.09 42.34 -17.62
CA SER B 521 4.34 42.84 -18.79
C SER B 521 4.59 41.99 -20.06
N ILE B 522 5.83 41.60 -20.27
CA ILE B 522 6.14 40.84 -21.49
C ILE B 522 5.54 39.47 -21.59
N PHE B 523 5.09 38.89 -20.50
CA PHE B 523 4.42 37.59 -20.58
C PHE B 523 2.99 37.70 -21.14
N PHE B 524 2.44 38.93 -21.22
CA PHE B 524 1.02 39.15 -21.45
C PHE B 524 0.71 39.79 -22.79
N HIS B 525 -0.40 39.36 -23.37
CA HIS B 525 -0.84 39.80 -24.69
C HIS B 525 -0.97 41.30 -24.76
N ASN B 526 -1.74 41.82 -23.81
CA ASN B 526 -1.91 43.24 -23.50
C ASN B 526 -0.70 44.10 -23.14
N ASN B 527 0.43 43.47 -22.84
CA ASN B 527 1.59 44.13 -22.20
C ASN B 527 1.28 44.80 -20.86
N THR B 528 0.28 44.30 -20.14
CA THR B 528 -0.10 44.82 -18.81
C THR B 528 0.85 44.31 -17.76
N THR B 529 1.47 45.23 -17.07
CA THR B 529 2.18 44.93 -15.84
C THR B 529 1.17 44.55 -14.77
N ILE B 530 1.42 43.42 -14.11
CA ILE B 530 0.65 43.05 -12.91
C ILE B 530 1.62 43.07 -11.71
N ASN B 531 2.64 42.22 -11.76
CA ASN B 531 3.75 42.23 -10.77
C ASN B 531 4.92 43.10 -11.21
N PRO B 532 5.06 44.33 -10.69
CA PRO B 532 6.17 45.18 -11.07
C PRO B 532 7.55 44.77 -10.52
N SER B 533 7.60 43.80 -9.60
CA SER B 533 8.80 43.37 -8.98
C SER B 533 9.33 42.07 -9.59
N LEU B 534 8.67 41.57 -10.63
CA LEU B 534 9.26 40.51 -11.43
C LEU B 534 10.25 41.08 -12.47
N LEU B 535 11.53 41.12 -12.14
CA LEU B 535 12.54 41.68 -13.05
C LEU B 535 12.92 40.68 -14.17
N SER B 536 12.50 41.03 -15.39
CA SER B 536 12.61 40.15 -16.56
C SER B 536 13.68 40.62 -17.55
N ILE B 537 14.51 39.68 -17.98
CA ILE B 537 15.60 39.99 -18.87
C ILE B 537 15.42 39.10 -20.10
N GLU B 538 15.04 39.73 -21.21
CA GLU B 538 14.86 39.03 -22.46
C GLU B 538 16.14 39.15 -23.25
N ILE B 539 16.62 37.99 -23.70
CA ILE B 539 17.93 37.86 -24.32
C ILE B 539 17.66 37.04 -25.58
N LEU B 540 17.89 37.68 -26.74
CA LEU B 540 17.46 37.20 -28.05
C LEU B 540 18.64 36.64 -28.78
N GLN B 541 18.48 35.46 -29.35
CA GLN B 541 19.46 34.91 -30.29
C GLN B 541 20.85 34.78 -29.74
N LYS B 542 20.99 34.15 -28.57
CA LYS B 542 22.33 33.97 -27.95
C LYS B 542 22.61 32.49 -27.71
N SER B 543 23.85 32.09 -27.97
CA SER B 543 24.30 30.72 -27.69
C SER B 543 24.88 30.62 -26.29
N SER B 544 25.17 31.76 -25.69
CA SER B 544 25.56 31.81 -24.30
C SER B 544 25.40 33.21 -23.70
N PHE B 545 25.39 33.27 -22.37
CA PHE B 545 25.31 34.53 -21.65
C PHE B 545 25.57 34.32 -20.20
N ASP B 546 25.77 35.42 -19.52
CA ASP B 546 25.80 35.38 -18.06
C ASP B 546 25.15 36.57 -17.37
N ILE B 547 24.70 36.33 -16.11
CA ILE B 547 24.20 37.35 -15.18
C ILE B 547 24.99 37.27 -13.90
N VAL B 548 25.69 38.36 -13.57
CA VAL B 548 26.53 38.42 -12.38
C VAL B 548 25.77 39.21 -11.33
N MET B 549 25.74 38.67 -10.10
CA MET B 549 24.92 39.20 -9.04
C MET B 549 25.79 39.51 -7.84
N GLN B 550 25.84 40.79 -7.45
CA GLN B 550 26.68 41.26 -6.36
C GLN B 550 25.82 41.74 -5.22
N GLY B 551 26.33 41.54 -4.01
CA GLY B 551 25.68 41.94 -2.77
C GLY B 551 26.58 42.81 -1.91
N PHE B 552 26.05 43.94 -1.49
CA PHE B 552 26.77 44.93 -0.68
C PHE B 552 25.89 45.37 0.51
N ASP B 553 26.08 44.75 1.65
CA ASP B 553 25.35 45.15 2.90
C ASP B 553 25.77 46.53 3.46
N THR B 554 27.01 46.93 3.20
CA THR B 554 27.53 48.20 3.71
C THR B 554 27.98 49.13 2.57
N GLY B 555 27.47 48.85 1.38
CA GLY B 555 27.78 49.61 0.17
C GLY B 555 29.21 49.60 -0.33
N ASN B 556 30.00 48.59 -0.01
CA ASN B 556 31.40 48.54 -0.52
C ASN B 556 31.38 47.99 -1.92
N VAL B 557 30.91 48.83 -2.84
CA VAL B 557 30.67 48.45 -4.22
C VAL B 557 32.03 48.20 -4.84
N ILE B 558 32.13 47.17 -5.66
CA ILE B 558 33.38 46.83 -6.40
C ILE B 558 33.08 46.65 -7.91
N PRO B 559 34.02 47.04 -8.80
CA PRO B 559 33.73 46.84 -10.20
C PRO B 559 33.59 45.35 -10.55
N PHE B 560 32.88 45.05 -11.63
CA PHE B 560 32.79 43.70 -12.12
C PHE B 560 34.13 43.32 -12.72
N LEU B 561 34.40 42.04 -12.71
CA LEU B 561 35.54 41.49 -13.45
C LEU B 561 35.17 41.47 -14.89
N ASP B 562 36.18 41.40 -15.76
CA ASP B 562 35.94 41.23 -17.18
C ASP B 562 35.44 39.83 -17.41
N GLN B 563 36.08 38.89 -16.76
CA GLN B 563 35.82 37.48 -17.00
C GLN B 563 35.42 36.76 -15.70
N TYR B 564 34.41 35.89 -15.79
CA TYR B 564 33.89 35.12 -14.64
C TYR B 564 34.02 33.66 -14.97
N ASP B 565 35.05 33.03 -14.38
CA ASP B 565 35.48 31.65 -14.69
C ASP B 565 35.14 30.68 -13.53
N TYR B 566 34.23 29.74 -13.77
CA TYR B 566 33.83 28.78 -12.76
C TYR B 566 35.03 27.98 -12.22
N LYS B 567 35.89 27.50 -13.13
CA LYS B 567 37.01 26.58 -12.73
C LYS B 567 37.93 27.15 -11.69
N GLU B 568 38.35 28.39 -11.86
CA GLU B 568 39.22 29.04 -10.85
C GLU B 568 38.54 29.09 -9.49
N GLN B 569 37.23 29.39 -9.49
CA GLN B 569 36.49 29.45 -8.23
C GLN B 569 36.50 28.07 -7.59
N LEU B 570 36.05 27.08 -8.36
CA LEU B 570 36.08 25.68 -7.94
C LEU B 570 37.41 25.30 -7.29
N GLU B 571 38.51 25.66 -7.95
CA GLU B 571 39.90 25.35 -7.44
C GLU B 571 40.20 26.09 -6.13
N ALA B 572 39.86 27.38 -6.07
CA ALA B 572 40.08 28.12 -4.82
C ALA B 572 39.24 27.54 -3.67
N TYR B 573 37.94 27.31 -3.89
CA TYR B 573 37.09 26.73 -2.81
C TYR B 573 37.52 25.33 -2.37
N ARG B 574 38.06 24.55 -3.28
CA ARG B 574 38.51 23.20 -2.96
C ARG B 574 39.66 23.31 -1.91
N ILE B 575 40.61 24.18 -2.17
CA ILE B 575 41.67 24.42 -1.19
C ILE B 575 41.12 24.92 0.15
N TYR B 576 40.20 25.88 0.09
CA TYR B 576 39.57 26.44 1.31
C TYR B 576 38.94 25.35 2.13
N TYR B 577 38.24 24.44 1.44
CA TYR B 577 37.57 23.31 2.10
C TYR B 577 38.53 22.26 2.60
N ASP B 578 39.58 22.00 1.82
CA ASP B 578 40.63 21.07 2.29
C ASP B 578 41.23 21.59 3.59
N GLN B 579 41.63 22.87 3.58
CA GLN B 579 42.22 23.47 4.80
C GLN B 579 41.26 23.54 6.04
N LEU B 580 40.00 23.83 5.75
CA LEU B 580 38.94 23.80 6.76
C LEU B 580 38.82 22.48 7.55
N VAL B 581 39.02 21.36 6.88
CA VAL B 581 39.10 20.05 7.52
C VAL B 581 40.54 19.48 7.68
N CYS B 582 41.52 20.38 7.77
CA CYS B 582 42.95 19.99 8.06
C CYS B 582 43.49 18.91 7.09
N ASN B 583 43.03 19.01 5.85
CA ASN B 583 43.36 18.11 4.71
C ASN B 583 42.99 16.66 4.92
N PHE B 584 41.96 16.43 5.72
CA PHE B 584 41.43 15.10 5.97
C PHE B 584 41.48 14.23 4.74
N LYS B 585 42.00 13.03 4.88
CA LYS B 585 41.89 12.04 3.81
C LYS B 585 42.28 10.68 4.30
N LEU B 586 41.45 9.72 3.99
CA LEU B 586 41.67 8.35 4.38
C LEU B 586 42.18 7.61 3.20
N SER B 587 43.17 6.76 3.41
CA SER B 587 43.74 5.95 2.31
C SER B 587 44.17 4.61 2.78
N ALA B 588 44.35 3.71 1.83
CA ALA B 588 44.94 2.43 2.15
C ALA B 588 45.67 1.87 0.97
N PRO B 589 46.68 0.97 1.18
CA PRO B 589 47.33 0.26 0.04
C PRO B 589 46.40 -0.73 -0.68
N ASP B 590 45.67 -1.50 0.10
CA ASP B 590 44.65 -2.43 -0.44
C ASP B 590 43.32 -1.67 -0.72
N LYS B 591 42.24 -2.40 -1.01
CA LYS B 591 40.94 -1.80 -1.18
C LYS B 591 40.55 -1.03 0.09
N ILE B 592 40.43 0.28 0.01
CA ILE B 592 39.93 1.07 1.14
C ILE B 592 38.50 0.59 1.51
N PRO B 593 38.21 0.36 2.80
CA PRO B 593 36.83 0.01 3.21
C PRO B 593 35.77 1.06 2.79
N LEU B 594 34.56 0.58 2.52
CA LEU B 594 33.52 1.43 1.99
C LEU B 594 33.20 2.59 2.94
N SER B 595 33.27 2.32 4.23
CA SER B 595 32.91 3.33 5.19
C SER B 595 33.92 4.51 5.12
N ALA B 596 35.18 4.22 4.83
CA ALA B 596 36.23 5.24 4.71
C ALA B 596 36.00 6.04 3.45
N GLU B 597 35.69 5.34 2.38
CA GLU B 597 35.34 5.97 1.11
C GLU B 597 34.14 6.95 1.30
N LYS B 598 33.16 6.53 2.09
CA LYS B 598 32.02 7.41 2.44
C LYS B 598 32.42 8.65 3.24
N LEU B 599 33.39 8.50 4.15
CA LEU B 599 33.84 9.61 4.95
C LEU B 599 34.64 10.65 4.08
N ASN B 600 35.49 10.15 3.18
CA ASN B 600 36.22 11.02 2.23
C ASN B 600 35.29 11.82 1.32
N ALA B 601 34.23 11.16 0.86
CA ALA B 601 33.23 11.80 0.02
C ALA B 601 32.32 12.77 0.78
N ILE B 602 32.03 12.51 2.06
CA ILE B 602 31.05 13.31 2.79
C ILE B 602 31.66 14.46 3.58
N ILE B 603 32.94 14.36 3.90
CA ILE B 603 33.50 15.26 4.90
C ILE B 603 33.40 16.72 4.49
N HIS B 604 33.74 17.01 3.26
CA HIS B 604 33.67 18.38 2.72
C HIS B 604 32.22 18.83 2.55
N TRP B 605 31.32 17.89 2.25
CA TRP B 605 29.87 18.25 2.19
C TRP B 605 29.31 18.65 3.54
N TYR B 606 29.66 17.89 4.59
CA TYR B 606 29.28 18.21 5.95
C TYR B 606 30.01 19.43 6.45
N ALA B 607 31.25 19.58 6.00
CA ALA B 607 32.02 20.79 6.35
C ALA B 607 31.29 22.01 5.77
N HIS B 608 30.84 21.90 4.53
CA HIS B 608 30.02 22.97 3.90
C HIS B 608 28.70 23.23 4.66
N ASP B 609 27.98 22.16 4.92
CA ASP B 609 26.67 22.30 5.67
C ASP B 609 26.88 22.98 7.01
N ALA B 610 27.92 22.53 7.74
CA ALA B 610 28.24 23.12 9.02
C ALA B 610 28.66 24.58 8.94
N LEU B 611 29.48 24.87 7.94
CA LEU B 611 29.95 26.25 7.74
C LEU B 611 28.78 27.21 7.49
N ILE B 612 27.81 26.75 6.73
CA ILE B 612 26.56 27.49 6.48
C ILE B 612 25.79 27.70 7.78
N HIS B 613 25.56 26.60 8.49
CA HIS B 613 24.93 26.64 9.83
C HIS B 613 25.56 27.68 10.77
N PHE B 614 26.88 27.77 10.70
CA PHE B 614 27.61 28.81 11.38
C PHE B 614 27.41 30.19 10.73
N ALA B 615 27.89 30.34 9.50
CA ALA B 615 28.14 31.68 8.93
C ALA B 615 26.94 32.32 8.25
N SER B 616 26.04 31.51 7.70
CA SER B 616 24.86 32.00 6.92
C SER B 616 23.65 31.08 7.26
N PRO B 617 23.07 31.29 8.44
CA PRO B 617 22.24 30.23 9.07
C PRO B 617 20.88 30.10 8.43
N HIS B 618 20.79 29.13 7.55
CA HIS B 618 19.53 28.84 6.86
C HIS B 618 19.72 27.48 6.14
N GLY B 619 18.59 26.87 5.80
CA GLY B 619 18.63 25.57 5.16
C GLY B 619 17.79 25.47 3.92
N LEU B 620 17.47 24.22 3.57
CA LEU B 620 16.60 23.98 2.43
C LEU B 620 15.16 24.21 2.84
N GLU B 621 14.61 23.30 3.60
CA GLU B 621 13.27 23.53 4.13
C GLU B 621 13.23 24.76 5.08
N GLN B 622 14.25 24.93 5.91
CA GLN B 622 14.26 25.97 6.92
C GLN B 622 14.97 27.20 6.39
N SER B 623 14.29 27.89 5.51
CA SER B 623 14.83 29.07 4.86
C SER B 623 14.90 30.24 5.84
N GLY B 624 14.03 30.22 6.85
CA GLY B 624 13.91 31.33 7.79
C GLY B 624 14.86 30.99 8.92
N GLY B 625 15.97 31.72 9.01
CA GLY B 625 17.03 31.48 10.04
C GLY B 625 17.72 32.76 10.47
N ALA B 626 18.86 33.08 9.88
CA ALA B 626 19.55 34.34 10.14
C ALA B 626 20.33 34.42 11.45
N ALA B 627 19.69 33.98 12.52
CA ALA B 627 20.23 34.05 13.87
C ALA B 627 21.06 32.85 14.21
N TRP B 628 21.91 33.02 15.22
CA TRP B 628 22.48 31.92 15.96
C TRP B 628 21.53 31.47 17.03
N GLY B 629 21.22 30.17 17.01
CA GLY B 629 20.67 29.51 18.21
C GLY B 629 21.76 29.44 19.27
N THR B 630 21.46 29.80 20.52
CA THR B 630 22.46 29.78 21.58
C THR B 630 23.05 28.39 21.81
N ARG B 631 22.18 27.41 22.01
CA ARG B 631 22.67 26.06 22.15
C ARG B 631 23.30 25.51 20.83
N ASP B 632 22.84 26.01 19.71
CA ASP B 632 23.26 25.51 18.37
C ASP B 632 24.67 25.92 18.04
N VAL B 633 24.98 27.22 18.20
CA VAL B 633 26.30 27.75 17.89
C VAL B 633 27.38 27.13 18.83
N CYS B 634 26.96 26.75 20.03
CA CYS B 634 27.86 26.08 20.97
C CYS B 634 28.12 24.64 20.60
N GLN B 635 27.30 24.07 19.70
CA GLN B 635 27.44 22.66 19.36
C GLN B 635 28.01 22.49 18.00
N GLY B 636 27.19 22.71 16.97
CA GLY B 636 27.65 22.51 15.62
C GLY B 636 28.93 23.25 15.26
N PRO B 637 28.93 24.60 15.34
CA PRO B 637 30.13 25.33 14.90
C PRO B 637 31.35 25.19 15.82
N ILE B 638 31.14 25.29 17.14
CA ILE B 638 32.25 25.25 18.08
C ILE B 638 32.92 23.87 18.10
N GLU B 639 32.12 22.81 17.99
CA GLU B 639 32.73 21.51 17.98
C GLU B 639 33.48 21.32 16.68
N PHE B 640 32.88 21.69 15.56
CA PHE B 640 33.57 21.62 14.27
C PHE B 640 34.92 22.39 14.27
N PHE B 641 34.91 23.61 14.78
CA PHE B 641 36.10 24.46 14.82
C PHE B 641 37.16 24.00 15.86
N LEU B 642 36.73 23.58 17.05
CA LEU B 642 37.68 22.95 18.00
C LEU B 642 38.38 21.69 17.48
N THR B 643 37.66 20.88 16.73
CA THR B 643 38.20 19.65 16.10
C THR B 643 39.26 19.90 15.04
N THR B 644 39.09 20.98 14.29
CA THR B 644 39.99 21.31 13.20
C THR B 644 41.06 22.38 13.53
N GLY B 645 41.21 22.72 14.81
CA GLY B 645 42.13 23.78 15.26
C GLY B 645 41.84 25.24 14.87
N HIS B 646 40.59 25.54 14.58
CA HIS B 646 40.19 26.93 14.27
C HIS B 646 39.89 27.68 15.55
N PHE B 647 40.95 27.82 16.35
CA PHE B 647 40.86 28.25 17.76
C PHE B 647 40.60 29.75 17.90
N ASP B 648 41.26 30.55 17.08
CA ASP B 648 41.00 32.00 17.02
C ASP B 648 39.53 32.27 16.71
N LEU B 649 38.97 31.50 15.80
CA LEU B 649 37.57 31.66 15.44
C LEU B 649 36.67 31.36 16.64
N VAL B 650 36.97 30.30 17.38
CA VAL B 650 36.11 29.92 18.51
C VAL B 650 36.17 31.01 19.58
N ARG B 651 37.35 31.61 19.74
CA ARG B 651 37.52 32.68 20.75
C ARG B 651 36.60 33.83 20.37
N HIS B 652 36.59 34.19 19.09
CA HIS B 652 35.75 35.30 18.63
C HIS B 652 34.24 34.98 18.77
N ILE B 653 33.85 33.76 18.38
CA ILE B 653 32.50 33.28 18.60
C ILE B 653 32.10 33.48 20.04
N LEU B 654 32.99 33.12 20.93
CA LEU B 654 32.63 33.06 22.36
C LEU B 654 32.47 34.44 22.94
N ILE B 655 33.35 35.36 22.57
CA ILE B 655 33.17 36.76 22.94
C ILE B 655 31.82 37.32 22.40
N THR B 656 31.52 37.01 21.14
CA THR B 656 30.25 37.48 20.55
C THR B 656 29.08 36.88 21.34
N LEU B 657 29.17 35.57 21.60
CA LEU B 657 28.14 34.85 22.37
C LEU B 657 27.86 35.48 23.75
N TYR B 658 28.92 35.71 24.52
CA TYR B 658 28.82 36.29 25.87
C TYR B 658 28.27 37.72 25.88
N SER B 659 28.51 38.47 24.80
CA SER B 659 27.96 39.77 24.62
C SER B 659 26.44 39.79 24.43
N HIS B 660 25.90 38.62 24.11
CA HIS B 660 24.44 38.43 23.97
C HIS B 660 23.74 37.86 25.18
N GLN B 661 24.46 37.67 26.28
CA GLN B 661 23.80 37.33 27.54
C GLN B 661 22.85 38.50 27.93
N ILE B 662 21.73 38.20 28.52
CA ILE B 662 20.71 39.17 28.81
C ILE B 662 20.89 39.72 30.22
N GLU B 663 20.94 41.04 30.32
CA GLU B 663 20.95 41.74 31.61
C GLU B 663 19.75 41.39 32.48
N GLY B 664 19.97 41.34 33.79
CA GLY B 664 18.92 41.11 34.77
C GLY B 664 18.65 39.65 35.05
N GLY B 665 18.10 38.96 34.06
CA GLY B 665 17.88 37.52 34.12
C GLY B 665 19.20 36.76 34.01
N PHE B 666 20.18 37.33 33.34
CA PHE B 666 21.54 36.75 33.22
C PHE B 666 21.62 35.35 32.63
N GLU B 667 20.57 34.98 31.92
CA GLU B 667 20.61 33.85 31.01
C GLU B 667 20.83 34.33 29.55
N TRP B 668 20.86 33.36 28.63
CA TRP B 668 20.90 33.66 27.23
C TRP B 668 19.54 33.59 26.59
N PRO B 669 19.35 34.38 25.51
CA PRO B 669 18.19 34.14 24.66
C PRO B 669 18.30 32.79 23.98
N GLN B 670 17.17 32.33 23.47
CA GLN B 670 17.11 31.08 22.69
C GLN B 670 17.98 31.20 21.44
N TRP B 671 17.86 32.33 20.81
CA TRP B 671 18.59 32.67 19.60
C TRP B 671 18.76 34.16 19.50
N PHE B 672 19.74 34.58 18.72
CA PHE B 672 20.00 36.05 18.57
C PHE B 672 20.64 36.31 17.19
N MET B 673 20.33 37.44 16.59
CA MET B 673 21.08 37.89 15.39
C MET B 673 22.49 38.26 15.85
N PHE B 674 23.49 37.86 15.07
CA PHE B 674 24.90 38.16 15.42
C PHE B 674 25.49 39.27 14.58
N ASP B 675 24.63 39.99 13.87
CA ASP B 675 25.00 41.08 12.97
C ASP B 675 24.48 42.41 13.58
N HIS B 676 24.20 43.42 12.76
CA HIS B 676 23.80 44.75 13.34
C HIS B 676 22.31 44.78 13.75
N TYR B 677 21.57 43.75 13.41
CA TYR B 677 20.15 43.69 13.75
C TYR B 677 20.00 43.25 15.22
N PRO B 678 19.47 44.16 16.08
CA PRO B 678 19.12 43.79 17.44
C PRO B 678 17.80 43.04 17.48
N ILE B 679 17.88 41.73 17.29
CA ILE B 679 16.73 40.84 17.44
C ILE B 679 17.18 39.56 18.14
N HIS B 680 16.41 39.15 19.16
CA HIS B 680 16.59 37.89 19.83
C HIS B 680 15.30 37.37 20.44
N GLN B 681 15.34 36.11 20.83
CA GLN B 681 14.25 35.49 21.59
C GLN B 681 14.69 35.35 23.06
N GLU B 682 14.27 36.32 23.87
CA GLU B 682 14.65 36.37 25.30
C GLU B 682 14.07 35.23 26.15
N ASP B 683 12.94 34.64 25.77
CA ASP B 683 12.45 33.39 26.41
C ASP B 683 13.30 32.23 25.93
N CYS B 684 13.86 31.49 26.87
CA CYS B 684 14.75 30.39 26.56
C CYS B 684 14.30 29.11 27.26
N HIS B 685 14.62 27.98 26.65
CA HIS B 685 14.48 26.69 27.34
C HIS B 685 15.51 26.65 28.43
N GLY B 686 15.29 25.76 29.40
CA GLY B 686 16.12 25.64 30.61
C GLY B 686 17.51 24.98 30.47
N ASP B 687 17.75 24.28 29.36
CA ASP B 687 19.10 23.79 29.09
C ASP B 687 20.06 24.85 28.50
N VAL B 688 19.53 25.96 28.03
CA VAL B 688 20.33 26.87 27.17
C VAL B 688 21.53 27.47 27.90
N VAL B 689 21.31 27.86 29.14
CA VAL B 689 22.36 28.50 29.94
C VAL B 689 23.64 27.67 30.09
N PHE B 690 23.49 26.36 30.03
CA PHE B 690 24.64 25.47 30.17
C PHE B 690 25.58 25.49 28.97
N TRP B 691 25.08 25.78 27.77
CA TRP B 691 25.89 25.61 26.58
C TRP B 691 27.10 26.59 26.45
N PRO B 692 26.88 27.91 26.70
CA PRO B 692 27.99 28.87 26.69
C PRO B 692 29.07 28.58 27.72
N LEU B 693 28.59 28.06 28.84
CA LEU B 693 29.45 27.61 29.94
C LEU B 693 30.31 26.39 29.56
N LYS B 694 29.68 25.39 28.95
CA LYS B 694 30.39 24.23 28.46
C LYS B 694 31.38 24.61 27.34
N ALA B 695 30.90 25.38 26.37
CA ALA B 695 31.72 25.72 25.23
C ALA B 695 32.96 26.51 25.60
N ILE B 696 32.81 27.50 26.49
CA ILE B 696 33.96 28.29 26.94
C ILE B 696 35.00 27.39 27.66
N SER B 697 34.48 26.46 28.47
CA SER B 697 35.34 25.44 29.11
C SER B 697 36.07 24.56 28.14
N ASP B 698 35.36 24.06 27.14
CA ASP B 698 35.97 23.24 26.10
C ASP B 698 36.99 24.04 25.32
N TYR B 699 36.68 25.30 25.05
CA TYR B 699 37.69 26.19 24.46
C TYR B 699 38.97 26.29 25.32
N ILE B 700 38.79 26.48 26.63
CA ILE B 700 39.92 26.74 27.57
C ILE B 700 40.78 25.49 27.67
N GLN B 701 40.15 24.34 27.78
CA GLN B 701 40.85 23.03 27.85
C GLN B 701 41.63 22.76 26.59
N ALA B 702 41.04 23.09 25.45
CA ALA B 702 41.70 22.87 24.19
C ALA B 702 42.89 23.80 23.94
N THR B 703 42.84 25.00 24.49
CA THR B 703 43.79 26.04 24.12
C THR B 703 44.72 26.47 25.24
N GLY B 704 44.29 26.32 26.48
CA GLY B 704 44.90 26.98 27.62
C GLY B 704 44.65 28.48 27.64
N ASP B 705 43.78 29.01 26.75
CA ASP B 705 43.60 30.45 26.69
C ASP B 705 42.58 30.94 27.73
N THR B 706 43.09 31.08 28.95
CA THR B 706 42.34 31.59 30.09
C THR B 706 42.17 33.10 30.07
N SER B 707 42.94 33.79 29.22
CA SER B 707 42.76 35.23 29.03
C SER B 707 41.32 35.61 28.62
N ILE B 708 40.64 34.70 27.93
CA ILE B 708 39.23 34.92 27.51
C ILE B 708 38.36 35.32 28.68
N LEU B 709 38.65 34.73 29.84
CA LEU B 709 37.92 35.05 31.07
C LEU B 709 38.05 36.53 31.54
N ASN B 710 39.12 37.21 31.14
CA ASN B 710 39.34 38.64 31.47
C ASN B 710 38.78 39.62 30.45
N GLU B 711 38.26 39.13 29.32
CA GLU B 711 37.70 40.04 28.32
C GLU B 711 36.51 40.78 28.89
N LEU B 712 36.48 42.07 28.59
CA LEU B 712 35.40 42.97 29.03
C LEU B 712 34.33 42.96 27.97
N VAL B 713 33.15 42.50 28.34
CA VAL B 713 32.09 42.20 27.38
C VAL B 713 30.76 42.68 27.93
N ASP B 714 29.97 43.27 27.04
CA ASP B 714 28.66 43.82 27.35
C ASP B 714 27.55 42.74 27.40
N TYR B 715 26.35 43.16 27.80
CA TYR B 715 25.10 42.37 27.78
C TYR B 715 24.11 43.02 26.82
N ARG B 716 22.96 42.36 26.65
CA ARG B 716 21.85 42.89 25.83
C ARG B 716 20.64 43.06 26.71
N THR B 717 19.78 44.04 26.37
CA THR B 717 18.55 44.26 27.13
C THR B 717 17.56 43.25 26.66
N ALA B 718 16.67 42.82 27.55
CA ALA B 718 15.71 41.74 27.24
C ALA B 718 14.75 42.14 26.12
N LYS B 719 14.16 43.31 26.29
CA LYS B 719 13.02 43.71 25.46
C LYS B 719 13.42 44.15 24.07
N ASP B 720 14.54 44.87 23.99
CA ASP B 720 15.03 45.48 22.74
C ASP B 720 16.25 44.83 22.09
N ALA B 721 16.90 43.90 22.77
CA ALA B 721 18.15 43.31 22.29
C ALA B 721 19.23 44.37 22.01
N LEU B 722 19.20 45.50 22.76
CA LEU B 722 20.22 46.52 22.60
C LEU B 722 21.34 46.35 23.60
N PRO B 723 22.54 46.85 23.23
CA PRO B 723 23.60 46.82 24.22
C PRO B 723 23.23 47.59 25.47
N THR B 724 23.60 47.06 26.65
CA THR B 724 23.33 47.69 27.92
C THR B 724 24.39 48.74 28.30
N ASN B 725 25.54 48.69 27.60
CA ASN B 725 26.74 49.51 27.86
C ASN B 725 27.12 49.49 29.30
N GLN B 726 27.22 48.28 29.83
CA GLN B 726 27.73 48.02 31.17
C GLN B 726 28.52 46.73 31.13
N PRO B 727 29.69 46.75 30.49
CA PRO B 727 30.40 45.51 30.34
C PRO B 727 30.96 44.99 31.66
N GLU B 728 31.14 43.67 31.72
CA GLU B 728 31.83 42.99 32.79
C GLU B 728 32.74 41.93 32.16
N THR B 729 33.73 41.50 32.93
CA THR B 729 34.54 40.38 32.54
C THR B 729 33.63 39.18 32.23
N ILE B 730 34.08 38.41 31.26
CA ILE B 730 33.49 37.09 31.01
C ILE B 730 33.39 36.19 32.26
N LEU B 731 34.40 36.25 33.15
CA LEU B 731 34.33 35.46 34.40
C LEU B 731 33.11 35.83 35.23
N ILE B 732 32.85 37.12 35.36
CA ILE B 732 31.64 37.60 36.07
C ILE B 732 30.34 37.29 35.34
N HIS B 733 30.36 37.40 34.01
CA HIS B 733 29.28 36.84 33.16
C HIS B 733 28.93 35.39 33.59
N ILE B 734 29.98 34.59 33.74
CA ILE B 734 29.86 33.17 34.12
C ILE B 734 29.30 33.05 35.52
N LYS B 735 29.88 33.81 36.47
CA LYS B 735 29.35 33.84 37.85
C LYS B 735 27.85 34.14 37.87
N ARG B 736 27.42 35.16 37.13
CA ARG B 736 25.97 35.48 37.09
C ARG B 736 25.15 34.33 36.49
N ALA B 737 25.66 33.71 35.42
CA ALA B 737 24.93 32.55 34.79
C ALA B 737 24.73 31.44 35.80
N VAL B 738 25.83 31.17 36.51
CA VAL B 738 25.91 30.13 37.55
C VAL B 738 24.97 30.39 38.72
N THR B 739 24.87 31.62 39.17
CA THR B 739 23.80 31.96 40.13
C THR B 739 22.37 31.55 39.66
N THR B 740 22.08 31.75 38.37
CA THR B 740 20.74 31.38 37.85
C THR B 740 20.51 29.87 37.98
N ILE B 741 21.60 29.12 37.82
CA ILE B 741 21.57 27.67 37.89
C ILE B 741 21.28 27.25 39.33
N LYS B 742 22.10 27.77 40.26
CA LYS B 742 21.94 27.54 41.72
C LYS B 742 20.51 27.87 42.10
N ASN B 743 20.00 29.00 41.60
CA ASN B 743 18.61 29.42 41.87
C ASN B 743 17.53 28.50 41.33
N ARG B 744 17.88 27.53 40.48
CA ARG B 744 16.87 26.56 39.98
C ARG B 744 16.77 25.24 40.75
N TYR B 745 17.61 25.07 41.78
CA TYR B 745 17.52 23.91 42.69
C TYR B 745 16.09 23.81 43.22
N LEU B 746 15.47 22.65 43.10
CA LEU B 746 14.23 22.35 43.84
C LEU B 746 14.56 22.23 45.35
N SER B 747 13.65 22.69 46.23
CA SER B 747 14.07 22.93 47.64
C SER B 747 14.35 21.61 48.30
N GLY B 748 15.39 21.65 49.10
CA GLY B 748 15.94 20.46 49.76
C GLY B 748 16.89 19.62 48.91
N THR B 749 17.13 20.02 47.64
CA THR B 749 17.86 19.19 46.64
C THR B 749 18.82 20.04 45.81
N ALA B 750 19.65 19.41 44.98
CA ALA B 750 20.33 20.10 43.85
C ALA B 750 19.72 19.61 42.48
N LEU B 751 18.40 19.42 42.46
CA LEU B 751 17.69 18.96 41.27
C LEU B 751 17.31 20.21 40.50
N ILE B 752 17.81 20.31 39.28
CA ILE B 752 17.60 21.48 38.45
C ILE B 752 16.24 21.44 37.77
N SER B 753 15.45 22.47 38.05
CA SER B 753 14.12 22.61 37.49
C SER B 753 14.17 22.64 35.95
N TYR B 754 13.14 22.07 35.35
CA TYR B 754 13.05 21.92 33.90
C TYR B 754 12.97 23.29 33.24
N ALA B 755 12.19 24.17 33.87
CA ALA B 755 11.89 25.50 33.38
C ALA B 755 11.30 25.40 31.97
N GLY B 756 11.81 26.19 31.01
CA GLY B 756 11.24 26.23 29.68
C GLY B 756 11.47 25.01 28.82
N GLY B 757 12.16 23.99 29.32
CA GLY B 757 12.35 22.76 28.55
C GLY B 757 13.82 22.39 28.42
N ASP B 758 14.10 21.28 27.75
CA ASP B 758 15.46 20.89 27.48
C ASP B 758 15.78 20.91 25.99
N TRP B 759 16.82 20.17 25.60
CA TRP B 759 17.27 20.00 24.20
C TRP B 759 16.12 19.78 23.24
N ASP B 760 15.20 18.90 23.61
CA ASP B 760 14.11 18.56 22.71
C ASP B 760 13.05 19.68 22.69
N ASP B 761 13.04 20.48 21.62
CA ASP B 761 12.16 21.64 21.55
C ASP B 761 10.63 21.30 21.52
N THR B 762 10.28 20.06 21.14
CA THR B 762 8.90 19.59 21.19
C THR B 762 8.42 19.17 22.61
N LEU B 763 9.30 19.14 23.60
CA LEU B 763 8.87 18.73 24.99
C LEU B 763 8.70 19.91 25.99
N GLN B 764 8.33 21.09 25.51
CA GLN B 764 8.06 22.18 26.43
C GLN B 764 6.99 21.68 27.37
N PRO B 765 7.07 22.10 28.63
CA PRO B 765 6.02 21.73 29.56
C PRO B 765 4.66 22.31 29.17
N ALA B 766 3.58 21.54 29.27
CA ALA B 766 2.21 22.01 28.91
C ALA B 766 1.49 22.88 29.95
N ASN B 767 1.96 22.91 31.18
CA ASN B 767 1.46 23.89 32.17
C ASN B 767 2.54 24.36 33.16
N SER B 768 2.16 25.36 33.97
CA SER B 768 3.02 25.95 35.00
C SER B 768 3.48 24.95 36.05
N GLU B 769 2.65 23.98 36.41
CA GLU B 769 3.06 23.00 37.47
C GLU B 769 4.17 22.10 36.92
N LEU B 770 4.03 21.73 35.64
CA LEU B 770 5.03 20.88 34.98
C LEU B 770 6.34 21.65 34.78
N LYS B 771 6.21 22.92 34.42
CA LYS B 771 7.39 23.83 34.33
C LYS B 771 8.22 23.91 35.63
N GLU B 772 7.50 24.12 36.75
CA GLU B 772 8.10 24.29 38.11
C GLU B 772 8.68 22.99 38.64
N ASN B 773 7.88 21.93 38.48
CA ASN B 773 8.10 20.65 39.18
C ASN B 773 8.73 19.53 38.37
N LEU B 774 8.86 19.66 37.05
CA LEU B 774 9.57 18.61 36.31
C LEU B 774 11.04 18.79 36.50
N VAL B 775 11.74 17.65 36.43
CA VAL B 775 13.22 17.61 36.40
C VAL B 775 13.59 16.74 35.22
N SER B 776 14.34 17.31 34.27
CA SER B 776 14.88 16.55 33.14
C SER B 776 16.19 15.94 33.56
N ALA B 777 16.29 14.62 33.40
CA ALA B 777 17.48 13.85 33.79
C ALA B 777 18.64 14.20 32.90
N TRP B 778 18.33 14.53 31.65
CA TRP B 778 19.31 15.00 30.67
C TRP B 778 19.88 16.34 31.09
N THR B 779 18.98 17.25 31.42
CA THR B 779 19.43 18.59 31.92
C THR B 779 20.31 18.48 33.15
N GLN B 780 19.90 17.62 34.06
CA GLN B 780 20.64 17.33 35.27
C GLN B 780 22.04 16.82 34.95
N ALA B 781 22.12 15.83 34.07
CA ALA B 781 23.42 15.32 33.60
C ALA B 781 24.28 16.38 32.89
N LEU B 782 23.67 17.13 31.97
CA LEU B 782 24.38 18.23 31.30
C LEU B 782 24.93 19.27 32.30
N ALA B 783 24.15 19.56 33.35
CA ALA B 783 24.55 20.53 34.36
C ALA B 783 25.80 20.04 35.15
N GLU B 784 25.75 18.77 35.53
CA GLU B 784 26.87 18.14 36.21
C GLU B 784 28.11 18.24 35.34
N GLN B 785 28.01 17.77 34.09
CA GLN B 785 29.14 17.83 33.16
C GLN B 785 29.67 19.27 32.95
N THR B 786 28.74 20.19 32.82
CA THR B 786 29.10 21.56 32.47
C THR B 786 29.87 22.20 33.66
N LEU B 787 29.33 22.01 34.84
CA LEU B 787 29.92 22.64 36.02
C LEU B 787 31.25 22.00 36.43
N GLU B 788 31.43 20.69 36.19
CA GLU B 788 32.77 20.04 36.27
C GLU B 788 33.81 20.60 35.27
N LEU B 789 33.41 20.76 34.01
CA LEU B 789 34.28 21.31 32.98
C LEU B 789 34.64 22.73 33.34
N LEU B 790 33.64 23.44 33.89
CA LEU B 790 33.82 24.87 34.26
C LEU B 790 34.82 24.96 35.39
N CYS B 791 34.60 24.14 36.43
CA CYS B 791 35.55 23.96 37.54
C CYS B 791 37.01 23.80 37.09
N SER B 792 37.26 22.85 36.18
CA SER B 792 38.63 22.63 35.62
C SER B 792 39.23 23.80 34.86
N ALA B 793 38.42 24.38 33.97
CA ALA B 793 38.80 25.54 33.18
C ALA B 793 39.17 26.76 34.01
N ILE B 794 38.46 26.98 35.12
CA ILE B 794 38.65 28.17 35.97
C ILE B 794 39.67 27.94 37.17
N LYS B 795 39.89 26.68 37.51
CA LYS B 795 40.86 26.22 38.50
C LYS B 795 42.12 27.05 38.28
N GLY B 796 42.52 27.83 39.27
CA GLY B 796 43.80 28.54 39.16
C GLY B 796 43.73 29.85 38.39
N ILE B 797 42.52 30.25 38.04
CA ILE B 797 42.26 31.66 37.80
C ILE B 797 41.51 32.24 38.95
N ASP B 798 40.54 31.49 39.44
CA ASP B 798 39.76 31.86 40.59
C ASP B 798 39.49 30.59 41.43
N HIS B 799 40.36 30.38 42.42
CA HIS B 799 40.39 29.12 43.21
C HIS B 799 39.09 28.86 43.93
N ASP B 800 38.59 29.89 44.56
CA ASP B 800 37.39 29.85 45.35
C ASP B 800 36.14 29.56 44.55
N PHE B 801 36.00 30.23 43.40
CA PHE B 801 34.89 29.96 42.50
C PHE B 801 34.98 28.52 41.95
N SER B 802 36.17 28.14 41.54
CA SER B 802 36.40 26.76 41.16
C SER B 802 35.95 25.73 42.22
N LYS B 803 36.11 26.07 43.50
CA LYS B 803 35.72 25.14 44.58
C LYS B 803 34.22 25.03 44.70
N GLU B 804 33.57 26.17 44.65
CA GLU B 804 32.13 26.24 44.64
C GLU B 804 31.53 25.46 43.44
N LEU B 805 32.18 25.60 42.30
CA LEU B 805 31.76 24.89 41.07
C LEU B 805 31.84 23.39 41.30
N SER B 806 32.90 22.97 41.95
CA SER B 806 33.07 21.57 42.31
C SER B 806 31.96 21.07 43.23
N HIS B 807 31.66 21.85 44.27
CA HIS B 807 30.58 21.51 45.21
C HIS B 807 29.24 21.38 44.49
N MET B 808 28.97 22.35 43.61
CA MET B 808 27.76 22.34 42.77
C MET B 808 27.66 21.10 41.89
N ALA B 809 28.70 20.82 41.13
CA ALA B 809 28.69 19.64 40.27
C ALA B 809 28.43 18.36 41.09
N ASN B 810 29.14 18.24 42.22
CA ASN B 810 28.90 17.16 43.21
C ASN B 810 27.47 17.06 43.71
N ASP B 811 26.94 18.14 44.23
CA ASP B 811 25.54 18.13 44.68
C ASP B 811 24.58 17.74 43.54
N ILE B 812 24.86 18.18 42.32
CA ILE B 812 23.99 17.86 41.15
C ILE B 812 24.11 16.35 40.83
N ARG B 813 25.34 15.84 40.87
CA ARG B 813 25.66 14.39 40.74
C ARG B 813 24.87 13.58 41.78
N THR B 814 24.88 14.06 43.02
CA THR B 814 24.27 13.35 44.17
C THR B 814 22.76 13.32 43.99
N SER B 815 22.19 14.47 43.66
CA SER B 815 20.74 14.51 43.40
C SER B 815 20.34 13.63 42.21
N PHE B 816 21.20 13.56 41.21
CA PHE B 816 21.05 12.68 40.03
C PHE B 816 20.89 11.22 40.46
N TYR B 817 21.89 10.72 41.17
CA TYR B 817 21.92 9.32 41.64
C TYR B 817 20.82 9.02 42.67
N GLN B 818 20.62 9.95 43.58
CA GLN B 818 19.62 9.82 44.65
C GLN B 818 18.15 9.91 44.17
N TYR B 819 17.86 10.69 43.12
CA TYR B 819 16.46 10.94 42.75
C TYR B 819 16.00 10.46 41.38
N LEU B 820 16.90 10.31 40.43
CA LEU B 820 16.49 10.12 39.01
C LEU B 820 16.75 8.74 38.44
N ILE B 821 17.11 7.82 39.31
CA ILE B 821 17.42 6.48 38.91
C ILE B 821 16.60 5.54 39.78
N LYS B 822 15.90 4.59 39.18
CA LYS B 822 15.27 3.52 39.99
C LYS B 822 15.35 2.23 39.22
N ASP B 823 15.65 1.14 39.95
CA ASP B 823 15.89 -0.21 39.37
C ASP B 823 16.96 -0.22 38.28
N GLY B 824 18.00 0.59 38.47
CA GLY B 824 19.08 0.75 37.50
C GLY B 824 18.74 1.55 36.23
N VAL B 825 17.54 2.08 36.16
CA VAL B 825 17.04 2.77 34.99
C VAL B 825 16.99 4.24 35.32
N ILE B 826 17.69 5.04 34.53
CA ILE B 826 17.54 6.51 34.65
C ILE B 826 16.18 6.92 34.03
N ALA B 827 15.32 7.54 34.86
CA ALA B 827 14.04 8.07 34.42
C ALA B 827 14.31 9.22 33.46
N GLY B 828 13.47 9.34 32.43
CA GLY B 828 13.43 10.53 31.62
C GLY B 828 13.20 11.85 32.37
N PHE B 829 12.21 11.87 33.25
CA PHE B 829 11.88 13.05 34.07
C PHE B 829 11.43 12.61 35.44
N LEU B 830 11.66 13.47 36.42
CA LEU B 830 11.04 13.28 37.71
C LEU B 830 10.13 14.47 37.87
N TYR B 831 8.90 14.17 38.26
CA TYR B 831 7.95 15.18 38.70
C TYR B 831 8.01 15.23 40.21
N ARG B 832 8.39 16.39 40.75
CA ARG B 832 8.50 16.59 42.21
C ARG B 832 7.76 17.82 42.69
N GLU B 833 6.52 17.65 43.13
CA GLU B 833 5.78 18.76 43.79
C GLU B 833 6.49 19.09 45.09
N SER B 834 6.92 18.03 45.77
CA SER B 834 7.68 18.13 47.02
C SER B 834 8.30 16.76 47.33
N GLU B 835 9.07 16.69 48.41
CA GLU B 835 9.61 15.39 48.88
C GLU B 835 8.51 14.30 49.05
N GLU B 836 7.29 14.71 49.38
CA GLU B 836 6.18 13.80 49.67
C GLU B 836 5.46 13.33 48.41
N HIS B 837 5.42 14.17 47.39
CA HIS B 837 4.72 13.84 46.14
C HIS B 837 5.70 13.92 44.92
N MET B 838 6.08 12.73 44.45
CA MET B 838 7.11 12.56 43.43
C MET B 838 6.69 11.38 42.56
N LYS B 839 6.90 11.52 41.25
CA LYS B 839 6.56 10.50 40.28
C LYS B 839 7.61 10.49 39.18
N TYR B 840 8.04 9.30 38.76
CA TYR B 840 8.90 9.16 37.60
C TYR B 840 8.06 9.17 36.37
N MET B 841 8.55 9.84 35.32
CA MET B 841 7.98 9.72 33.98
C MET B 841 9.09 9.32 33.00
N LEU B 842 8.66 8.72 31.90
CA LEU B 842 9.59 8.11 30.91
C LEU B 842 10.57 7.16 31.63
N HIS B 843 9.95 6.29 32.42
CA HIS B 843 10.63 5.28 33.28
C HIS B 843 9.62 4.12 33.42
N PRO B 844 10.08 2.87 33.56
CA PRO B 844 9.12 1.72 33.60
C PRO B 844 8.00 1.81 34.70
N ASP B 845 8.29 2.49 35.79
CA ASP B 845 7.31 2.76 36.89
C ASP B 845 6.11 3.59 36.51
N ASP B 846 6.23 4.43 35.49
CA ASP B 846 5.06 5.14 34.96
C ASP B 846 4.17 4.21 34.08
N THR B 847 3.49 3.29 34.77
CA THR B 847 2.72 2.20 34.11
C THR B 847 1.42 2.75 33.47
N GLU B 848 0.95 3.91 33.96
CA GLU B 848 -0.16 4.64 33.33
C GLU B 848 0.20 5.18 31.93
N SER B 849 1.48 5.52 31.74
CA SER B 849 1.94 6.04 30.43
C SER B 849 2.29 4.88 29.48
N SER B 850 2.29 5.20 28.21
CA SER B 850 2.80 4.28 27.20
C SER B 850 4.28 4.47 26.97
N ILE B 851 4.88 5.50 27.59
CA ILE B 851 6.32 5.80 27.39
C ILE B 851 7.15 5.47 28.63
N HIS B 852 8.13 4.58 28.48
CA HIS B 852 8.91 4.08 29.60
C HIS B 852 10.45 4.24 29.55
N TYR B 853 10.97 4.74 28.45
CA TYR B 853 12.43 4.88 28.28
C TYR B 853 12.74 6.12 27.42
N ARG B 854 13.76 6.88 27.80
CA ARG B 854 14.18 8.08 27.11
C ARG B 854 15.65 7.96 26.79
N LEU B 855 16.02 8.22 25.54
CA LEU B 855 17.42 8.14 25.10
C LEU B 855 18.40 9.16 25.72
N LEU B 856 17.98 10.42 25.73
CA LEU B 856 18.86 11.54 26.06
C LEU B 856 19.71 11.35 27.33
N PRO B 857 19.09 11.05 28.50
CA PRO B 857 19.92 10.94 29.73
C PRO B 857 20.90 9.77 29.72
N LEU B 858 20.52 8.70 29.03
CA LEU B 858 21.40 7.56 28.82
C LEU B 858 22.74 7.96 28.13
N THR B 859 22.64 8.73 27.04
CA THR B 859 23.84 9.19 26.28
C THR B 859 24.56 10.33 26.97
N ARG B 860 23.86 11.31 27.52
CA ARG B 860 24.57 12.39 28.21
C ARG B 860 25.37 11.86 29.42
N SER B 861 24.72 11.02 30.25
CA SER B 861 25.38 10.51 31.42
C SER B 861 26.67 9.74 31.06
N ILE B 862 26.66 9.00 29.96
CA ILE B 862 27.85 8.31 29.48
C ILE B 862 28.92 9.31 29.00
N ILE B 863 28.50 10.24 28.15
CA ILE B 863 29.42 11.20 27.55
C ILE B 863 30.15 11.98 28.62
N ALA B 864 29.43 12.34 29.68
CA ALA B 864 30.00 13.12 30.80
C ALA B 864 30.79 12.28 31.83
N GLN B 865 30.91 10.98 31.59
CA GLN B 865 31.46 10.02 32.57
C GLN B 865 30.80 10.17 33.95
N LEU B 866 29.51 10.46 33.92
CA LEU B 866 28.68 10.61 35.11
C LEU B 866 28.07 9.29 35.52
N ALA B 867 27.65 8.52 34.53
CA ALA B 867 27.17 7.16 34.76
C ALA B 867 28.35 6.28 35.12
N ASP B 868 28.24 5.56 36.22
CA ASP B 868 29.30 4.61 36.62
C ASP B 868 29.24 3.46 35.63
N PHE B 869 30.29 2.65 35.58
CA PHE B 869 30.41 1.63 34.53
C PHE B 869 29.13 0.74 34.42
N LYS B 870 28.65 0.25 35.57
CA LYS B 870 27.40 -0.53 35.69
C LYS B 870 26.14 0.17 35.06
N LEU B 871 25.96 1.44 35.44
CA LEU B 871 24.85 2.21 34.95
C LEU B 871 24.99 2.44 33.44
N ALA B 872 26.21 2.78 33.03
CA ALA B 872 26.53 2.97 31.61
C ALA B 872 26.25 1.66 30.81
N THR B 873 26.61 0.51 31.39
CA THR B 873 26.37 -0.77 30.73
C THR B 873 24.87 -1.03 30.67
N ARG B 874 24.14 -0.62 31.70
CA ARG B 874 22.68 -0.80 31.70
C ARG B 874 22.05 0.09 30.62
N ASN B 875 22.51 1.32 30.56
CA ASN B 875 22.15 2.24 29.50
C ASN B 875 22.18 1.64 28.11
N LEU B 876 23.29 1.05 27.76
CA LEU B 876 23.46 0.38 26.47
C LEU B 876 22.51 -0.79 26.21
N GLU B 877 22.22 -1.57 27.24
CA GLU B 877 21.21 -2.64 27.16
C GLU B 877 19.78 -2.10 26.93
N ILE B 878 19.41 -1.05 27.64
CA ILE B 878 18.15 -0.33 27.46
C ILE B 878 18.03 0.19 26.03
N ILE B 879 19.10 0.84 25.53
CA ILE B 879 19.12 1.27 24.14
C ILE B 879 18.90 0.03 23.23
N ASP B 880 19.69 -1.02 23.40
CA ASP B 880 19.58 -2.19 22.48
C ASP B 880 18.18 -2.77 22.46
N GLU B 881 17.56 -2.85 23.62
CA GLU B 881 16.30 -3.54 23.74
C GLU B 881 15.10 -2.68 23.40
N HIS B 882 15.17 -1.38 23.70
CA HIS B 882 14.00 -0.50 23.63
C HIS B 882 14.11 0.65 22.62
N LEU B 883 15.30 1.00 22.17
CA LEU B 883 15.48 2.22 21.38
C LEU B 883 16.18 2.04 20.04
N ALA B 884 17.07 1.07 19.93
CA ALA B 884 17.77 0.81 18.66
C ALA B 884 16.87 0.30 17.53
N CYS B 885 16.93 1.01 16.40
CA CYS B 885 16.32 0.62 15.13
C CYS B 885 17.36 0.60 13.99
N PRO B 886 17.03 -0.05 12.88
CA PRO B 886 17.98 -0.09 11.74
C PRO B 886 18.36 1.26 11.17
N ASP B 887 17.49 2.25 11.39
CA ASP B 887 17.77 3.63 10.97
C ASP B 887 18.36 4.54 12.06
N GLY B 888 18.77 3.94 13.17
CA GLY B 888 19.36 4.68 14.27
C GLY B 888 18.57 4.43 15.55
N VAL B 889 19.01 5.10 16.59
CA VAL B 889 18.46 4.94 17.93
C VAL B 889 17.39 6.00 18.11
N ARG B 890 16.31 5.63 18.79
CA ARG B 890 15.18 6.50 18.97
C ARG B 890 15.14 7.22 20.30
N LEU B 891 14.48 8.35 20.30
CA LEU B 891 14.54 9.30 21.44
C LEU B 891 13.77 8.78 22.69
N MET B 892 12.75 7.97 22.40
CA MET B 892 11.84 7.38 23.36
C MET B 892 11.39 6.06 22.75
N ASP B 893 10.88 5.17 23.59
CA ASP B 893 10.45 3.79 23.20
C ASP B 893 8.99 3.72 22.69
N HIS B 894 8.31 4.86 22.69
CA HIS B 894 6.94 4.96 22.18
C HIS B 894 6.66 6.42 21.81
N PRO B 895 5.73 6.66 20.85
CA PRO B 895 5.45 8.04 20.52
C PRO B 895 4.85 8.83 21.67
N ALA B 896 4.99 10.16 21.64
CA ALA B 896 4.24 11.01 22.59
C ALA B 896 2.73 10.85 22.33
N SER B 897 1.95 11.33 23.25
CA SER B 897 0.52 11.24 23.15
C SER B 897 0.04 12.03 21.97
N TYR B 898 -1.00 11.53 21.34
CA TYR B 898 -1.74 12.32 20.41
C TYR B 898 -3.18 11.94 20.49
N SER B 899 -4.01 12.93 20.78
CA SER B 899 -5.45 12.71 20.84
C SER B 899 -6.26 13.82 20.15
N GLY B 900 -5.83 14.24 18.97
CA GLY B 900 -6.55 15.22 18.18
C GLY B 900 -6.01 16.63 18.31
N GLY B 901 -4.95 16.79 19.09
CA GLY B 901 -4.05 17.94 19.04
C GLY B 901 -3.93 18.84 20.27
N ILE B 902 -4.67 18.55 21.34
CA ILE B 902 -4.56 19.29 22.58
C ILE B 902 -3.44 18.63 23.37
N SER B 903 -2.53 19.43 23.92
CA SER B 903 -1.43 18.98 24.76
C SER B 903 -1.85 18.70 26.21
N LYS B 904 -1.28 17.65 26.81
CA LYS B 904 -1.51 17.32 28.24
C LYS B 904 -0.24 17.42 29.09
N ILE B 905 0.83 16.81 28.64
CA ILE B 905 2.14 16.94 29.32
C ILE B 905 3.12 17.80 28.52
N PHE B 906 3.34 17.40 27.28
CA PHE B 906 4.25 18.11 26.38
C PHE B 906 3.48 18.88 25.32
N LEU B 907 4.04 20.04 24.94
CA LEU B 907 3.41 20.90 23.93
C LEU B 907 3.51 20.37 22.50
N ARG B 908 4.55 20.71 21.74
CA ARG B 908 4.48 20.42 20.29
C ARG B 908 4.54 18.90 20.00
N ALA B 909 5.15 18.13 20.88
CA ALA B 909 5.15 16.68 20.75
C ALA B 909 3.75 16.11 20.72
N GLU B 910 2.83 16.74 21.42
CA GLU B 910 1.40 16.34 21.44
C GLU B 910 0.46 17.04 20.46
N GLN B 911 0.98 18.05 19.80
CA GLN B 911 0.28 18.81 18.82
C GLN B 911 0.58 18.43 17.36
N ALA B 912 1.77 17.90 17.06
CA ALA B 912 2.17 17.61 15.68
C ALA B 912 1.31 16.50 15.13
N ALA B 913 0.72 16.76 13.97
CA ALA B 913 -0.11 15.77 13.26
C ALA B 913 0.74 14.90 12.37
N ASN B 914 1.84 15.48 11.93
CA ASN B 914 2.80 14.82 11.05
C ASN B 914 3.85 14.06 11.86
N VAL B 915 4.10 12.84 11.42
CA VAL B 915 5.20 12.05 11.90
C VAL B 915 6.46 12.53 11.21
N GLY B 916 7.16 13.42 11.90
CA GLY B 916 8.40 13.96 11.41
C GLY B 916 9.14 14.82 12.42
N ARG B 917 10.32 15.29 12.03
CA ARG B 917 11.14 16.12 12.89
C ARG B 917 11.39 15.33 14.17
N GLU B 918 11.29 15.95 15.32
CA GLU B 918 11.52 15.20 16.61
C GLU B 918 10.44 14.15 16.95
N ILE B 919 9.23 14.33 16.38
CA ILE B 919 8.11 13.42 16.60
C ILE B 919 8.42 12.04 15.96
N SER B 920 9.29 12.04 14.97
CA SER B 920 9.81 10.82 14.31
C SER B 920 10.52 9.88 15.27
N LEU B 921 11.03 10.48 16.36
CA LEU B 921 11.83 9.82 17.39
C LEU B 921 13.22 9.39 16.97
N GLN B 922 13.61 9.72 15.74
CA GLN B 922 15.03 9.58 15.35
C GLN B 922 15.50 10.94 14.83
N TYR B 923 15.94 11.75 15.76
CA TYR B 923 16.43 13.04 15.44
C TYR B 923 17.94 12.85 15.45
N VAL B 924 18.56 13.06 14.29
CA VAL B 924 19.87 12.51 13.97
C VAL B 924 20.97 13.02 14.91
N HIS B 925 20.80 14.28 15.31
CA HIS B 925 21.64 14.94 16.25
C HIS B 925 21.83 14.11 17.45
N ALA B 926 20.70 13.61 18.00
CA ALA B 926 20.74 12.74 19.17
C ALA B 926 21.41 11.39 18.89
N HIS B 927 21.19 10.82 17.72
CA HIS B 927 21.89 9.60 17.30
C HIS B 927 23.42 9.86 17.21
N ILE B 928 23.83 11.07 16.87
CA ILE B 928 25.26 11.41 16.84
C ILE B 928 25.86 11.42 18.27
N ARG B 929 25.14 12.00 19.21
CA ARG B 929 25.49 11.89 20.63
C ARG B 929 25.58 10.44 21.14
N TYR B 930 24.70 9.58 20.64
CA TYR B 930 24.86 8.15 20.85
C TYR B 930 26.25 7.65 20.42
N ILE B 931 26.65 8.06 19.22
CA ILE B 931 27.98 7.72 18.64
C ILE B 931 29.09 8.21 19.60
N GLU B 932 28.98 9.46 20.04
CA GLU B 932 29.87 10.05 21.05
C GLU B 932 29.93 9.23 22.32
N ALA B 933 28.78 8.82 22.81
CA ALA B 933 28.75 7.95 24.02
C ALA B 933 29.45 6.61 23.76
N LEU B 934 29.16 5.99 22.62
CA LEU B 934 29.81 4.73 22.27
C LEU B 934 31.34 4.90 22.18
N ALA B 935 31.75 5.99 21.56
CA ALA B 935 33.17 6.29 21.49
C ALA B 935 33.84 6.43 22.87
N THR B 936 33.17 7.11 23.81
CA THR B 936 33.65 7.24 25.19
C THR B 936 33.83 5.85 25.84
N MET B 937 32.88 4.95 25.56
CA MET B 937 32.96 3.56 26.07
C MET B 937 33.88 2.62 25.28
N GLY B 938 34.41 3.11 24.17
CA GLY B 938 35.31 2.36 23.30
C GLY B 938 34.66 1.26 22.50
N LEU B 939 33.37 1.40 22.19
CA LEU B 939 32.63 0.34 21.53
C LEU B 939 32.69 0.54 20.01
N SER B 940 33.77 0.06 19.42
CA SER B 940 34.12 0.50 18.11
C SER B 940 33.20 -0.10 17.06
N LYS B 941 32.81 -1.36 17.21
CA LYS B 941 31.85 -1.93 16.25
C LYS B 941 30.45 -1.21 16.28
N LYS B 942 29.89 -1.01 17.46
CA LYS B 942 28.64 -0.27 17.52
C LYS B 942 28.80 1.16 16.98
N ALA B 943 29.92 1.79 17.28
CA ALA B 943 30.09 3.22 16.92
C ALA B 943 30.16 3.45 15.41
N TRP B 944 30.93 2.57 14.73
CA TRP B 944 31.11 2.69 13.30
C TRP B 944 29.85 2.26 12.57
N ASP B 945 29.21 1.25 13.07
CA ASP B 945 27.94 0.87 12.51
C ASP B 945 26.91 2.01 12.61
N ALA B 946 26.81 2.59 13.81
CA ALA B 946 25.95 3.80 14.03
C ALA B 946 26.29 4.99 13.13
N LEU B 947 27.59 5.26 12.93
CA LEU B 947 28.07 6.29 11.95
C LEU B 947 27.55 6.12 10.50
N MET B 948 27.47 4.87 10.04
CA MET B 948 27.03 4.52 8.70
C MET B 948 25.49 4.56 8.55
N ARG B 949 24.77 4.19 9.62
CA ARG B 949 23.31 4.20 9.61
C ARG B 949 22.66 5.54 9.35
N ILE B 950 23.39 6.62 9.61
CA ILE B 950 22.96 7.97 9.30
C ILE B 950 23.80 8.65 8.22
N ASN B 951 24.63 7.86 7.53
CA ASN B 951 25.42 8.41 6.47
C ASN B 951 24.56 8.33 5.20
N PRO B 952 24.32 9.51 4.55
CA PRO B 952 23.41 9.52 3.40
C PRO B 952 23.97 8.87 2.15
N ILE B 953 25.27 8.58 2.13
CA ILE B 953 25.90 7.97 0.93
C ILE B 953 25.58 6.51 0.95
N LEU B 954 24.88 6.06 -0.10
CA LEU B 954 24.48 4.67 -0.25
C LEU B 954 23.70 4.16 0.92
N LEU B 955 22.91 5.06 1.50
CA LEU B 955 22.16 4.75 2.74
C LEU B 955 21.26 3.54 2.54
N THR B 956 20.58 3.46 1.41
CA THR B 956 19.63 2.37 1.13
C THR B 956 20.33 1.01 0.96
N ASP B 957 21.64 0.96 0.68
CA ASP B 957 22.39 -0.29 0.63
C ASP B 957 22.74 -0.79 2.04
N TYR B 958 22.77 0.14 2.98
CA TYR B 958 23.16 -0.10 4.35
C TYR B 958 21.96 -0.32 5.25
N VAL B 959 20.90 0.48 5.10
CA VAL B 959 19.67 0.35 5.92
C VAL B 959 18.58 0.00 4.94
N PRO B 960 18.28 -1.28 4.78
CA PRO B 960 17.36 -1.70 3.70
C PRO B 960 15.96 -1.03 3.65
N ASN B 961 15.42 -0.65 4.79
CA ASN B 961 14.10 0.02 4.86
C ASN B 961 14.20 1.59 4.78
N ALA B 962 15.36 2.14 4.54
CA ALA B 962 15.49 3.56 4.30
C ALA B 962 15.16 3.86 2.87
N LEU B 963 14.29 4.81 2.65
CA LEU B 963 14.07 5.32 1.28
C LEU B 963 15.18 6.30 0.93
N THR B 964 15.53 6.32 -0.36
CA THR B 964 16.63 7.16 -0.78
C THR B 964 16.30 8.65 -0.57
N ARG B 965 17.35 9.43 -0.43
CA ARG B 965 17.24 10.89 -0.22
C ARG B 965 18.55 11.50 -0.78
N GLN B 966 18.66 12.83 -0.75
CA GLN B 966 19.81 13.50 -1.28
C GLN B 966 21.04 13.00 -0.52
N SER B 967 22.05 12.56 -1.26
CA SER B 967 23.22 11.86 -0.72
C SER B 967 24.36 12.73 -0.27
N ASN B 968 24.36 13.99 -0.62
CA ASN B 968 25.49 14.90 -0.31
C ASN B 968 25.09 16.02 0.62
N VAL B 969 24.06 15.79 1.41
CA VAL B 969 23.58 16.76 2.36
C VAL B 969 23.08 16.04 3.64
N TYR B 970 23.17 16.74 4.76
CA TYR B 970 22.75 16.24 6.02
C TYR B 970 21.24 16.18 6.09
N PHE B 971 20.72 15.07 6.60
CA PHE B 971 19.29 14.95 6.97
C PHE B 971 19.10 14.93 8.51
N SER B 972 18.11 15.66 8.99
CA SER B 972 17.98 15.97 10.40
C SER B 972 17.16 14.97 11.22
N SER B 973 16.40 14.14 10.53
CA SER B 973 15.55 13.14 11.20
C SER B 973 15.27 12.00 10.24
N SER B 974 14.76 10.90 10.80
CA SER B 974 14.36 9.75 10.01
C SER B 974 13.04 9.33 10.53
N GLU B 975 12.05 9.31 9.64
CA GLU B 975 10.67 9.10 10.10
C GLU B 975 10.07 7.94 9.38
N GLY B 976 9.37 7.11 10.12
CA GLY B 976 8.61 6.01 9.53
C GLY B 976 7.51 6.56 8.63
N CYS B 977 7.19 5.80 7.57
CA CYS B 977 6.20 6.23 6.60
C CYS B 977 4.79 5.96 7.14
N PHE B 978 4.41 6.73 8.16
CA PHE B 978 3.11 6.60 8.83
C PHE B 978 2.30 7.83 8.48
N ASP B 979 1.08 7.61 8.00
CA ASP B 979 0.27 8.72 7.53
C ASP B 979 -0.27 9.65 8.63
N ASP B 980 -0.38 9.12 9.84
CA ASP B 980 -0.94 9.89 10.95
C ASP B 980 -0.42 9.34 12.24
N ARG B 981 -0.65 10.10 13.29
CA ARG B 981 -0.22 9.80 14.64
C ARG B 981 -0.78 8.52 15.25
N TYR B 982 -2.00 8.19 14.87
CA TYR B 982 -2.69 7.01 15.46
C TYR B 982 -2.09 5.73 14.90
N GLU B 983 -1.83 5.72 13.59
CA GLU B 983 -1.18 4.55 12.95
C GLU B 983 0.27 4.39 13.44
N TYR B 984 0.92 5.52 13.70
CA TYR B 984 2.28 5.58 14.23
C TYR B 984 2.38 4.91 15.58
N ALA B 985 1.49 5.29 16.49
CA ALA B 985 1.39 4.69 17.86
C ALA B 985 1.02 3.21 17.80
N LYS B 986 0.02 2.86 17.02
CA LYS B 986 -0.37 1.44 16.88
C LYS B 986 0.72 0.56 16.28
N ASN B 987 1.42 1.02 15.25
CA ASN B 987 2.41 0.17 14.56
C ASN B 987 3.85 0.61 14.77
N PHE B 988 4.06 1.30 15.88
CA PHE B 988 5.39 1.78 16.25
C PHE B 988 6.50 0.71 16.17
N ASP B 989 6.19 -0.51 16.61
CA ASP B 989 7.18 -1.61 16.67
C ASP B 989 7.77 -1.99 15.34
N LYS B 990 7.05 -1.69 14.26
CA LYS B 990 7.63 -1.85 12.90
C LYS B 990 9.00 -1.15 12.66
N LEU B 991 9.17 -0.01 13.31
CA LEU B 991 10.41 0.73 13.28
C LEU B 991 11.58 -0.08 13.83
N ARG B 992 11.31 -0.82 14.90
CA ARG B 992 12.36 -1.62 15.54
C ARG B 992 12.83 -2.73 14.60
N THR B 993 11.90 -3.30 13.86
CA THR B 993 12.26 -4.48 13.03
C THR B 993 12.53 -4.19 11.55
N GLY B 994 12.45 -2.92 11.16
CA GLY B 994 12.56 -2.54 9.72
C GLY B 994 11.38 -2.94 8.81
N ASP B 995 10.21 -3.12 9.42
CA ASP B 995 9.02 -3.54 8.69
C ASP B 995 8.11 -2.41 8.21
N ILE B 996 8.60 -1.19 8.35
CA ILE B 996 8.10 -0.02 7.71
C ILE B 996 9.28 0.74 7.09
N ASN B 997 9.05 1.39 5.95
CA ASN B 997 10.06 2.26 5.36
C ASN B 997 10.19 3.53 6.17
N VAL B 998 11.36 4.13 6.08
CA VAL B 998 11.67 5.37 6.77
C VAL B 998 12.19 6.31 5.72
N LYS B 999 11.98 7.60 5.94
CA LYS B 999 12.36 8.62 4.96
C LYS B 999 13.03 9.78 5.69
N GLY B 1000 13.82 10.53 4.94
CA GLY B 1000 14.65 11.60 5.46
C GLY B 1000 13.86 12.89 5.75
N GLY B 1001 14.28 13.57 6.81
CA GLY B 1001 13.73 14.89 7.15
C GLY B 1001 14.46 16.07 6.50
N TRP B 1002 14.38 17.19 7.20
CA TRP B 1002 14.88 18.45 6.72
C TRP B 1002 16.38 18.40 6.53
N ARG B 1003 16.82 19.17 5.55
CA ARG B 1003 18.17 19.09 5.07
C ARG B 1003 19.01 20.28 5.49
N LEU B 1004 20.31 19.98 5.71
CA LEU B 1004 21.45 20.91 5.70
C LEU B 1004 21.61 21.65 7.00
N TYR B 1005 20.60 22.42 7.38
CA TYR B 1005 20.80 23.42 8.44
C TYR B 1005 20.58 22.77 9.81
N SER B 1006 21.68 22.47 10.51
CA SER B 1006 21.65 21.71 11.77
C SER B 1006 23.09 21.74 12.40
N SER B 1007 23.18 21.42 13.68
CA SER B 1007 24.50 21.15 14.37
C SER B 1007 25.06 19.82 13.97
N GLY B 1008 24.19 18.99 13.42
CA GLY B 1008 24.53 17.63 13.09
C GLY B 1008 25.77 17.41 12.29
N PRO B 1009 25.92 18.14 11.17
CA PRO B 1009 27.10 17.98 10.32
C PRO B 1009 28.38 18.30 11.05
N GLY B 1010 28.39 19.39 11.82
CA GLY B 1010 29.60 19.75 12.61
C GLY B 1010 29.92 18.74 13.72
N ILE B 1011 28.89 18.30 14.43
CA ILE B 1011 29.11 17.36 15.53
C ILE B 1011 29.40 15.96 14.97
N TYR B 1012 28.86 15.65 13.77
CA TYR B 1012 29.24 14.41 13.05
C TYR B 1012 30.75 14.38 12.70
N ILE B 1013 31.22 15.50 12.17
CA ILE B 1013 32.63 15.67 11.86
C ILE B 1013 33.49 15.48 13.07
N ARG B 1014 33.07 16.04 14.21
CA ARG B 1014 33.85 15.83 15.45
C ARG B 1014 33.84 14.35 15.87
N ARG B 1015 32.72 13.68 15.77
CA ARG B 1015 32.71 12.24 16.04
C ARG B 1015 33.75 11.47 15.21
N ILE B 1016 33.78 11.75 13.91
CA ILE B 1016 34.73 11.14 12.96
C ILE B 1016 36.17 11.35 13.37
N ILE B 1017 36.51 12.61 13.57
CA ILE B 1017 37.90 13.01 13.72
C ILE B 1017 38.37 12.81 15.15
N ALA B 1018 37.63 13.39 16.06
CA ALA B 1018 38.10 13.47 17.45
C ALA B 1018 37.87 12.16 18.24
N ASP B 1019 36.70 11.57 18.01
CA ASP B 1019 36.21 10.47 18.89
C ASP B 1019 36.48 9.06 18.36
N LEU B 1020 36.44 8.92 17.04
CA LEU B 1020 36.61 7.64 16.37
C LEU B 1020 38.01 7.50 15.78
N LEU B 1021 38.39 8.38 14.88
CA LEU B 1021 39.77 8.38 14.40
C LEU B 1021 40.71 8.81 15.54
N GLY B 1022 40.15 9.54 16.49
CA GLY B 1022 40.82 9.76 17.77
C GLY B 1022 41.89 10.83 17.82
N ILE B 1023 41.75 11.84 16.97
CA ILE B 1023 42.72 12.93 16.97
C ILE B 1023 42.14 14.17 17.64
N ARG B 1024 42.60 14.51 18.84
CA ARG B 1024 42.08 15.67 19.59
C ARG B 1024 43.18 16.63 20.05
N PHE B 1025 42.90 17.91 20.02
CA PHE B 1025 43.90 18.92 20.32
C PHE B 1025 43.70 19.46 21.71
N GLY B 1026 44.83 19.65 22.40
CA GLY B 1026 44.84 20.23 23.76
C GLY B 1026 45.89 21.33 23.97
N HIS B 1027 45.97 21.85 25.20
CA HIS B 1027 46.95 22.88 25.51
C HIS B 1027 48.38 22.32 25.43
N ASN B 1028 49.04 22.59 24.30
CA ASN B 1028 50.40 22.10 23.95
C ASN B 1028 50.57 20.58 23.90
N VAL B 1029 49.48 19.92 23.53
CA VAL B 1029 49.42 18.47 23.50
C VAL B 1029 48.49 18.06 22.36
N ILE B 1030 48.69 16.85 21.91
CA ILE B 1030 47.79 16.16 21.01
C ILE B 1030 47.29 14.98 21.85
N HIS B 1031 46.00 14.70 21.79
CA HIS B 1031 45.44 13.44 22.34
C HIS B 1031 45.18 12.48 21.18
N ILE B 1032 45.57 11.24 21.38
CA ILE B 1032 45.41 10.20 20.40
C ILE B 1032 44.65 9.08 21.10
N ASP B 1033 43.42 8.85 20.65
CA ASP B 1033 42.48 7.98 21.35
C ASP B 1033 41.47 7.37 20.42
N PRO B 1034 41.96 6.52 19.50
CA PRO B 1034 41.10 5.96 18.46
C PRO B 1034 40.13 4.97 19.00
N VAL B 1035 38.95 4.93 18.40
CA VAL B 1035 37.97 3.88 18.64
C VAL B 1035 37.64 3.47 17.25
N VAL B 1036 38.36 2.46 16.77
CA VAL B 1036 38.23 2.00 15.41
C VAL B 1036 38.11 0.53 15.36
N THR B 1037 37.58 0.03 14.26
CA THR B 1037 37.33 -1.41 14.03
C THR B 1037 38.53 -2.00 13.30
N LYS B 1038 38.54 -3.32 13.23
CA LYS B 1038 39.60 -4.07 12.58
C LYS B 1038 39.74 -3.70 11.14
N GLU B 1039 38.68 -3.23 10.51
CA GLU B 1039 38.74 -2.88 9.11
C GLU B 1039 39.53 -1.57 8.89
N LEU B 1040 39.62 -0.70 9.88
CA LEU B 1040 40.58 0.43 9.78
C LEU B 1040 42.07 0.05 9.97
N ASP B 1041 42.35 -1.24 10.14
CA ASP B 1041 43.70 -1.72 10.31
C ASP B 1041 44.35 -1.61 8.93
N GLY B 1042 45.48 -0.90 8.90
CA GLY B 1042 46.22 -0.62 7.64
C GLY B 1042 45.79 0.63 6.87
N VAL B 1043 44.74 1.29 7.39
CA VAL B 1043 44.18 2.50 6.83
C VAL B 1043 44.94 3.70 7.43
N THR B 1044 45.22 4.69 6.59
CA THR B 1044 45.90 5.92 7.05
C THR B 1044 45.03 7.14 6.97
N LEU B 1045 45.08 7.97 8.01
CA LEU B 1045 44.47 9.30 8.00
C LEU B 1045 45.52 10.33 7.78
N GLN B 1046 45.42 11.05 6.70
CA GLN B 1046 46.20 12.27 6.52
C GLN B 1046 45.46 13.36 7.25
N PHE B 1047 46.20 14.11 8.05
CA PHE B 1047 45.61 15.17 8.85
C PHE B 1047 46.67 16.19 9.25
N THR B 1048 46.30 17.46 9.17
CA THR B 1048 47.23 18.57 9.49
C THR B 1048 47.09 18.89 10.97
N CYS B 1049 48.20 18.73 11.68
CA CYS B 1049 48.26 18.92 13.10
C CYS B 1049 49.23 20.05 13.45
N PHE B 1050 48.71 21.08 14.15
CA PHE B 1050 49.46 22.29 14.50
C PHE B 1050 50.21 22.84 13.29
N GLY B 1051 49.58 22.80 12.13
CA GLY B 1051 50.21 23.33 10.92
C GLY B 1051 51.13 22.41 10.18
N LYS B 1052 51.22 21.16 10.65
CA LYS B 1052 52.06 20.16 10.03
C LYS B 1052 51.26 18.95 9.54
N THR B 1053 51.41 18.63 8.28
CA THR B 1053 50.73 17.51 7.70
C THR B 1053 51.37 16.23 8.16
N VAL B 1054 50.55 15.37 8.77
CA VAL B 1054 50.95 14.03 9.25
C VAL B 1054 50.06 12.94 8.72
N PHE B 1055 50.57 11.73 8.80
CA PHE B 1055 49.88 10.55 8.29
C PHE B 1055 49.82 9.53 9.40
N PHE B 1056 48.64 9.35 9.98
CA PHE B 1056 48.40 8.44 11.10
C PHE B 1056 47.96 7.12 10.49
N THR B 1057 48.81 6.11 10.56
CA THR B 1057 48.44 4.76 10.09
C THR B 1057 47.93 3.91 11.27
N TYR B 1058 46.70 3.38 11.16
CA TYR B 1058 46.09 2.56 12.25
C TYR B 1058 46.41 1.08 12.16
N HIS B 1059 46.77 0.52 13.33
CA HIS B 1059 46.92 -0.91 13.57
C HIS B 1059 46.08 -1.37 14.75
N VAL B 1060 45.29 -2.42 14.56
CA VAL B 1060 44.41 -2.90 15.62
C VAL B 1060 44.98 -4.23 16.01
N ASP B 1061 45.60 -4.25 17.18
CA ASP B 1061 46.28 -5.45 17.68
C ASP B 1061 45.65 -5.89 19.02
N ASP B 1062 44.72 -6.84 18.91
CA ASP B 1062 44.08 -7.47 20.07
C ASP B 1062 45.07 -8.15 21.02
N THR B 1063 46.29 -8.47 20.56
CA THR B 1063 47.32 -9.18 21.40
C THR B 1063 48.33 -8.28 22.17
N MET B 1064 48.20 -6.96 22.05
CA MET B 1064 49.08 -6.05 22.82
C MET B 1064 48.89 -6.15 24.32
N ASP B 1065 49.95 -5.82 25.06
CA ASP B 1065 49.86 -5.77 26.51
C ASP B 1065 49.22 -4.44 26.93
N LYS B 1066 49.64 -3.34 26.30
CA LYS B 1066 49.09 -2.02 26.61
C LYS B 1066 47.92 -1.69 25.67
N HIS B 1067 47.21 -0.60 25.96
CA HIS B 1067 46.07 -0.25 25.16
C HIS B 1067 46.49 0.43 23.88
N ILE B 1068 47.45 1.33 24.03
CA ILE B 1068 47.82 2.20 22.94
C ILE B 1068 49.33 2.43 22.88
N CYS B 1069 49.81 2.56 21.66
CA CYS B 1069 51.19 2.85 21.36
C CYS B 1069 51.28 3.68 20.08
N VAL B 1070 52.00 4.80 20.10
CA VAL B 1070 52.21 5.60 18.87
C VAL B 1070 53.71 5.70 18.52
N LYS B 1071 54.04 5.30 17.29
CA LYS B 1071 55.45 5.25 16.81
C LYS B 1071 55.68 6.14 15.59
N SER B 1072 56.82 6.82 15.57
CA SER B 1072 57.35 7.48 14.35
C SER B 1072 58.78 7.04 14.10
N ASN B 1073 59.07 6.63 12.87
CA ASN B 1073 60.38 6.02 12.54
C ASN B 1073 60.78 4.92 13.55
N ASN B 1074 59.81 4.07 13.90
CA ASN B 1074 59.92 3.06 14.99
C ASN B 1074 60.17 3.54 16.46
N ASN B 1075 60.28 4.83 16.70
CA ASN B 1075 60.44 5.37 18.08
C ASN B 1075 59.07 5.56 18.72
N ILE B 1076 58.90 5.02 19.91
CA ILE B 1076 57.68 5.18 20.69
C ILE B 1076 57.63 6.57 21.26
N LEU B 1077 56.54 7.27 21.00
CA LEU B 1077 56.35 8.62 21.53
C LEU B 1077 55.97 8.56 23.01
N PRO B 1078 56.71 9.29 23.86
CA PRO B 1078 56.35 9.27 25.29
C PRO B 1078 55.11 10.09 25.53
N GLY B 1079 54.36 9.72 26.55
CA GLY B 1079 53.22 10.50 27.01
C GLY B 1079 52.48 9.87 28.18
N ASP B 1080 51.31 10.42 28.51
CA ASP B 1080 50.56 10.07 29.69
C ASP B 1080 49.24 9.46 29.28
N ASN B 1081 48.74 8.50 30.03
CA ASN B 1081 47.47 7.88 29.64
C ASN B 1081 46.31 8.78 30.04
N LEU B 1082 45.27 8.81 29.21
CA LEU B 1082 44.13 9.66 29.45
C LEU B 1082 43.15 8.96 30.40
N ASN B 1083 42.43 9.74 31.18
CA ASN B 1083 41.49 9.19 32.15
C ASN B 1083 40.20 8.83 31.48
N ASN B 1084 39.73 7.63 31.76
CA ASN B 1084 38.49 7.11 31.19
C ASN B 1084 38.01 5.98 32.08
N ILE B 1085 36.87 6.19 32.69
CA ILE B 1085 36.33 5.23 33.66
C ILE B 1085 35.74 3.97 33.04
N TYR B 1086 35.50 3.95 31.74
CA TYR B 1086 34.85 2.80 31.08
C TYR B 1086 35.80 1.83 30.37
N ARG B 1087 37.06 2.19 30.23
CA ARG B 1087 37.99 1.46 29.36
C ARG B 1087 39.35 2.05 29.56
N ASP B 1088 40.36 1.42 28.97
CA ASP B 1088 41.70 2.04 28.94
C ASP B 1088 41.67 3.32 28.10
N GLY B 1089 42.41 4.33 28.57
CA GLY B 1089 42.41 5.63 27.97
C GLY B 1089 43.41 5.74 26.88
N GLY B 1090 43.30 6.80 26.12
CA GLY B 1090 44.25 7.12 25.08
C GLY B 1090 45.55 7.63 25.67
N ILE B 1091 46.30 8.34 24.85
CA ILE B 1091 47.57 8.93 25.21
C ILE B 1091 47.62 10.45 24.91
N GLN B 1092 48.14 11.22 25.85
CA GLN B 1092 48.48 12.60 25.67
C GLN B 1092 49.99 12.73 25.38
N ILE B 1093 50.30 13.30 24.23
CA ILE B 1093 51.68 13.51 23.75
C ILE B 1093 51.92 15.00 23.66
N ALA B 1094 53.04 15.45 24.20
CA ALA B 1094 53.39 16.87 24.14
C ALA B 1094 53.60 17.32 22.68
N LYS B 1095 53.22 18.58 22.42
CA LYS B 1095 53.26 19.20 21.04
C LYS B 1095 54.68 19.26 20.46
N ASP B 1096 55.61 19.76 21.26
CA ASP B 1096 57.02 19.79 20.84
C ASP B 1096 57.58 18.38 20.53
N VAL B 1097 57.28 17.40 21.36
CA VAL B 1097 57.66 16.00 21.12
C VAL B 1097 57.07 15.48 19.80
N PHE B 1098 55.73 15.63 19.71
CA PHE B 1098 54.98 15.25 18.52
C PHE B 1098 55.62 15.88 17.25
N LEU B 1099 55.80 17.20 17.28
CA LEU B 1099 56.34 17.94 16.10
C LEU B 1099 57.78 17.58 15.77
N SER B 1100 58.58 17.42 16.80
CA SER B 1100 59.97 16.96 16.66
C SER B 1100 60.03 15.61 15.90
N ALA B 1101 59.32 14.62 16.39
CA ALA B 1101 59.11 13.34 15.66
C ALA B 1101 58.64 13.54 14.20
N ALA B 1102 57.72 14.48 14.00
CA ALA B 1102 57.13 14.69 12.66
C ALA B 1102 58.09 15.30 11.64
N MET B 1103 59.07 16.05 12.13
CA MET B 1103 60.14 16.62 11.28
C MET B 1103 60.96 15.55 10.57
N SER B 1104 61.31 14.48 11.28
CA SER B 1104 62.08 13.35 10.66
C SER B 1104 61.23 12.35 9.89
N ASP B 1105 60.05 12.06 10.42
CA ASP B 1105 59.18 11.03 9.83
C ASP B 1105 57.74 11.32 10.28
N ASN B 1106 56.97 11.85 9.35
CA ASN B 1106 55.60 12.28 9.64
C ASN B 1106 54.54 11.18 9.37
N ASN B 1107 54.97 9.93 9.14
CA ASN B 1107 54.08 8.77 9.16
C ASN B 1107 54.09 8.25 10.61
N PHE B 1108 53.07 8.62 11.41
CA PHE B 1108 52.85 8.07 12.77
C PHE B 1108 52.07 6.78 12.69
N HIS B 1109 52.54 5.75 13.37
CA HIS B 1109 51.82 4.47 13.44
C HIS B 1109 51.18 4.34 14.80
N ILE B 1110 49.86 4.17 14.82
CA ILE B 1110 49.10 4.01 16.05
C ILE B 1110 48.65 2.57 16.16
N TYR B 1111 49.06 1.96 17.27
CA TYR B 1111 48.76 0.56 17.57
C TYR B 1111 47.75 0.66 18.72
N VAL B 1112 46.58 0.04 18.55
CA VAL B 1112 45.49 0.19 19.51
C VAL B 1112 44.82 -1.19 19.71
N LYS B 1113 44.49 -1.51 20.97
CA LYS B 1113 43.67 -2.67 21.33
C LYS B 1113 42.26 -2.28 21.67
N ASN B 1114 41.30 -3.03 21.11
CA ASN B 1114 39.89 -2.97 21.51
C ASN B 1114 39.54 -3.92 22.67
C1 G1P C . -12.05 -29.57 -1.48
C2 G1P C . -12.28 -30.97 -2.04
C3 G1P C . -12.30 -31.97 -0.89
C4 G1P C . -11.01 -31.85 -0.05
C5 G1P C . -10.66 -30.38 0.31
C6 G1P C . -9.25 -30.13 0.87
O1 G1P C . -13.09 -29.19 -0.55
O2 G1P C . -13.55 -30.88 -2.70
O3 G1P C . -12.50 -33.31 -1.40
O4 G1P C . -11.09 -32.58 1.17
O5 G1P C . -10.80 -29.54 -0.83
O6 G1P C . -8.19 -30.45 -0.03
P G1P C . -14.23 -28.08 -0.94
O1P G1P C . -13.57 -27.07 -1.81
O2P G1P C . -14.67 -27.42 0.36
O3P G1P C . -15.20 -28.89 -1.73
C1 G1P D . 16.77 21.40 16.27
C2 G1P D . 17.11 22.68 17.00
C3 G1P D . 17.94 22.39 18.26
C4 G1P D . 17.19 21.38 19.12
C5 G1P D . 16.71 20.14 18.33
C6 G1P D . 15.75 19.24 19.10
O1 G1P D . 17.97 20.72 15.82
O2 G1P D . 17.78 23.56 16.07
O3 G1P D . 18.14 23.60 19.04
O4 G1P D . 17.96 21.03 20.26
O5 G1P D . 16.01 20.57 17.13
O6 G1P D . 14.52 19.88 19.45
P G1P D . 18.48 20.78 14.29
O1P G1P D . 17.27 20.77 13.39
O2P G1P D . 19.32 19.53 14.12
O3P G1P D . 19.30 22.03 14.15
C1 G1P E . 31.90 1.13 -10.35
C2 G1P E . 32.96 2.25 -10.26
C3 G1P E . 33.01 3.19 -11.49
C4 G1P E . 32.57 2.54 -12.78
C5 G1P E . 31.21 1.86 -12.69
C6 G1P E . 30.99 0.76 -13.72
O1 G1P E . 31.15 0.85 -9.12
O2 G1P E . 32.90 3.03 -9.04
O3 G1P E . 34.33 3.66 -11.80
O4 G1P E . 32.50 3.56 -13.79
O5 G1P E . 30.92 1.31 -11.39
O6 G1P E . 29.61 0.76 -14.12
P G1P E . 29.88 -0.22 -9.05
O1P G1P E . 28.72 0.52 -9.70
O2P G1P E . 29.45 -0.49 -7.62
O3P G1P E . 30.41 -1.46 -9.81
C1 GLC F . 36.55 2.86 -9.73
C2 GLC F . 37.57 2.02 -10.59
C3 GLC F . 38.74 2.90 -11.07
C4 GLC F . 38.32 4.37 -11.19
C5 GLC F . 37.88 5.00 -9.90
C6 GLC F . 37.32 6.40 -10.25
O1 GLC F . 36.01 2.12 -8.64
O2 GLC F . 38.03 0.74 -10.03
O3 GLC F . 39.11 2.53 -12.40
O4 GLC F . 39.39 5.19 -11.64
O5 GLC F . 36.94 4.16 -9.19
O6 GLC F . 36.13 6.30 -11.02
#